data_8E3Q
#
_entry.id   8E3Q
#
_cell.length_a   1.00
_cell.length_b   1.00
_cell.length_c   1.00
_cell.angle_alpha   90.00
_cell.angle_beta   90.00
_cell.angle_gamma   90.00
#
_symmetry.space_group_name_H-M   'P 1'
#
loop_
_entity.id
_entity.type
_entity.pdbx_description
1 polymer 'Cleavage and polyadenylation specificity factor subunit 1'
2 polymer 'Cleavage and polyadenylation specificity factor subunit 4'
3 polymer "pre-mRNA 3' end processing protein WDR33"
4 non-polymer 'ZINC ION'
#
loop_
_entity_poly.entity_id
_entity_poly.type
_entity_poly.pdbx_seq_one_letter_code
_entity_poly.pdbx_strand_id
1 'polypeptide(L)'
;MYAVYKQAHPPTGLEFSMYCNFFNNSERNLVVAGTSQLYVYRLNRDAEALTKNDRSTEGKAHREKLELAASFSFFGNVMS
MASVQLAGAKRDALLLSFKDAKLSVVEYDPGTHDLKTLSLHYFEEPELRDGFVQNVHTPRVRVDPDGRCAAMLVYGTRLV
VLPFRRESLAEEHEGLVGEGQRSSFLPSYIIDVRALDEKLLNIIDLQFLHGYYEPTLLILFEPNQTWPGRVAVRQDTCSI
VAISLNITQKVHPVIWSLTSLPFDCTQALAVPKPIGGVVVFAVNSLLYLNQSVPPYGVALNSLTTGTTAFPLRTQEGVRI
TLDCAQATFISYDKMVISLKGGEIYVLTLITDGMRSVRAFHFDKAAASVLTTSMVTMEPGYLFLGSRLGNSLLLKYTEKL
QEPPASAVREAADKEEPPSKKKRVDATAGWSAAGKSVPQDEVDEIEVYGSEAQSGTQLATYSFEVCDSILNIGPCANAAV
GEPAFLSEEFQNSPEPDLEIVVCSGHGKNGALSVLQKSIRPQVVTTFELPGCYDMWTVIAPVRKEEEDNPKGEGTEQEPS
TTPEADDDGRRHGFLILSREDSTMILQTGQEIMELDTSGFATQGPTVFAGNIGDNRYIVQVSPLGIRLLEGVNQLHFIPV
DLGAPIVQCAVADPYVVIMSAEGHVTMFLLKSDSYGGRHHRLALHKPPLHHQSKVITLCLYRDLSGMFTTESRLGGARDE
LGGRSGPEAEGLGSETSPTVDDEEEMLYGDSGSLFSPSKEEARRSSQPPADRDPAPFRAEPTHWCLLVRENGTMEIYQLP
DWRLVFLVKNFPVGQRVLVDSSFGQPTTQGEARREEATRQGELPLVKEVLLVALGSRQSRPYLLVHVDQELLIYEAFPHD
SQLGQGNLKVRFKKVPHNINFREKKPKPSKKKAEGGGAEEGAGARGRVARFRYFEDIYGYSGVFICGPSPHWLLVTGRGA
LRLHPMAIDGPVDSFAPFHNVNCPRGFLYFNRQGELRISVLPAYLSYDAPWPVRKIPLRCTAHYVAYHVESKVYAVATST
NTPCARIPRMTGEEKEFETIERDERYIHPQQEAFSIQLISPVSWEAIPNARIELQEWEHVTCMKTVSLRSEETVSGLKGY
VAAGTCLMQGEEVTCRGRILIMDVIEVVPEPGQPLTKNKFKVLYEKEQKGPVTALCHCNGHLVSAIGQKIFLWSLRASEL
TGMAFIDTQLYIHQMISVKNFILAADVMKSISLLRYQEESKTLSLVSRDAKPLEVYSVDFMVDNAQLGFLVSDRDRNLMV
YMYLPEAKESFGGMRLLRRADFHVGAHVNTFWRTPCRGATEGLSKKSVVWENKHITWFATLDGGIGLLLPMQEKTYRRLL
MLQNALTTMLPHHAGLNPRAFRMLHVDRRTLQNAVRNVLDGELLNRYLYLSTMERSELAKKIGTTPDIILDDLLETDRVT
AHF
;
A
2 'polypeptide(L)'
;GMQEIIASVDHIKFDLEIAVEQQLGAQPLPFPGMDKSGAAVCEFFLKAACGKGGMCPFRHISGEKTVVCKHWLRGLCKKG
DQCEFLHEYDMTKMPECYFYSKFGECSNKECPFLHIDPESKIKDCPWYDRGFCKHGPLCRHRHTRRVICVNYLVGFCPEG
PSCKFMHPRFELPMGTTEQPPLPQQTQPPAKQRTPQVIGVMQSQNSSAGNRGPRPLEQVTCYKCGEKGHYANRCTKGHLA
FLSGQ
;
C
3 'polypeptide(L)'
;MATEIGSPPRFFHMPRFQHQAPRQLFYKRPDFAQQQAMQQLTFDGKRMRKAVNRKTIDYNPSVIKYLENRIWQRDQRDMR
AIQPDAGYYNDLVPPIGMLNNPMNAVTTKFVRTSTNKVKCPVFVVRWTPEGRRLVTGASSGEFTLWNGLTFNFETILQAH
DSPVRAMTWSHNDMWMLTADHGGYVKYWQSNMNNVKMFQAHKEAIREASFSPTDNKFATCSDDGTVRIWDFLRCHEERIL
RGHGADVKCVDWHPTKGLVVSGSKDSQQPIKFWDPKTGQSLATLHAHKNTVMEVKLNLNGNWLLTASRDHLCKLFDIRNL
KEELQVFRGHKKEATAVAWHPVHEGLFASGGSDGSLLFWHVGVEKEVGGMEMAHEGMIWSLAWHPLGHILCSGSNDHTSK
FWTRNRPGDKMRDRYNLNLLPGMSEDGVEYDDLEPNSLAVIPGMGIPEQLKLAMEQEQMGKDESNEIEMTIPGLDWGMEE
VMQKDQKKVPQKKVPYAKPIPAQFQQAWMQNKVPIPAPNEVLNDRKEDIKLEEKKKTQAEIEQEMATLQYTNPQLLEQLK
IERLAQKQVEQI
;
B
#
loop_
_chem_comp.id
_chem_comp.type
_chem_comp.name
_chem_comp.formula
ZN non-polymer 'ZINC ION' 'Zn 2'
#
# COMPACT_ATOMS: atom_id res chain seq x y z
N MET A 1 -13.66 4.99 -17.89
CA MET A 1 -13.70 6.42 -18.15
C MET A 1 -13.94 7.19 -16.84
N TYR A 2 -15.12 7.04 -16.26
CA TYR A 2 -15.44 7.60 -14.95
C TYR A 2 -15.66 6.47 -13.96
N ALA A 3 -15.28 6.72 -12.71
CA ALA A 3 -15.36 5.69 -11.68
C ALA A 3 -15.37 6.36 -10.31
N VAL A 4 -15.64 5.53 -9.29
CA VAL A 4 -15.60 5.97 -7.90
C VAL A 4 -14.80 4.95 -7.11
N TYR A 5 -14.00 5.44 -6.16
CA TYR A 5 -13.19 4.59 -5.29
C TYR A 5 -13.86 4.51 -3.93
N LYS A 6 -14.03 3.29 -3.42
CA LYS A 6 -14.56 3.07 -2.08
C LYS A 6 -13.64 2.13 -1.32
N GLN A 7 -13.43 2.44 -0.05
CA GLN A 7 -12.61 1.59 0.82
C GLN A 7 -13.50 0.55 1.49
N ALA A 8 -13.39 -0.70 1.04
CA ALA A 8 -14.18 -1.77 1.62
C ALA A 8 -13.68 -2.14 3.01
N HIS A 9 -12.37 -2.27 3.18
CA HIS A 9 -11.75 -2.65 4.43
C HIS A 9 -10.64 -1.67 4.77
N PRO A 10 -10.64 -1.11 5.98
CA PRO A 10 -9.60 -0.13 6.35
C PRO A 10 -8.26 -0.84 6.52
N PRO A 11 -7.15 -0.10 6.38
CA PRO A 11 -5.83 -0.73 6.55
C PRO A 11 -5.58 -1.09 8.01
N THR A 12 -4.92 -2.24 8.21
CA THR A 12 -4.71 -2.80 9.53
C THR A 12 -3.30 -2.61 10.06
N GLY A 13 -2.33 -2.45 9.17
CA GLY A 13 -0.93 -2.33 9.59
C GLY A 13 -0.65 -1.12 10.44
N LEU A 14 0.32 -1.24 11.34
CA LEU A 14 0.73 -0.16 12.22
C LEU A 14 2.20 0.12 12.02
N GLU A 15 2.57 1.41 12.05
CA GLU A 15 3.94 1.83 11.78
C GLU A 15 4.54 2.74 12.84
N PHE A 16 3.73 3.44 13.63
CA PHE A 16 4.23 4.35 14.64
C PHE A 16 3.53 4.07 15.96
N SER A 17 4.25 4.28 17.06
CA SER A 17 3.71 4.01 18.38
C SER A 17 4.32 4.98 19.38
N MET A 18 3.49 5.50 20.27
CA MET A 18 3.97 6.35 21.35
C MET A 18 2.99 6.32 22.50
N TYR A 19 3.47 6.65 23.69
CA TYR A 19 2.71 6.56 24.93
C TYR A 19 2.63 7.97 25.51
N CYS A 20 1.58 8.70 25.15
CA CYS A 20 1.44 10.10 25.49
C CYS A 20 0.08 10.38 26.09
N ASN A 21 -0.09 11.61 26.58
CA ASN A 21 -1.31 12.07 27.22
C ASN A 21 -2.28 12.59 26.16
N PHE A 22 -2.94 11.65 25.47
CA PHE A 22 -3.80 12.01 24.37
C PHE A 22 -5.05 12.76 24.84
N PHE A 23 -5.74 12.22 25.84
CA PHE A 23 -7.00 12.80 26.31
C PHE A 23 -6.82 13.81 27.41
N ASN A 24 -5.98 13.53 28.40
CA ASN A 24 -5.76 14.44 29.51
C ASN A 24 -4.41 14.11 30.14
N ASN A 25 -3.99 14.95 31.08
CA ASN A 25 -2.69 14.82 31.72
C ASN A 25 -2.72 13.91 32.94
N SER A 26 -3.82 13.19 33.15
CA SER A 26 -3.94 12.26 34.26
C SER A 26 -3.79 10.80 33.84
N GLU A 27 -3.71 10.52 32.54
CA GLU A 27 -3.53 9.16 32.05
C GLU A 27 -2.86 9.22 30.70
N ARG A 28 -1.95 8.27 30.45
CA ARG A 28 -1.23 8.18 29.19
C ARG A 28 -1.79 7.05 28.35
N ASN A 29 -1.88 7.28 27.05
CA ASN A 29 -2.55 6.37 26.13
C ASN A 29 -1.57 5.88 25.07
N LEU A 30 -1.79 4.67 24.60
CA LEU A 30 -1.03 4.13 23.48
C LEU A 30 -1.60 4.72 22.18
N VAL A 31 -0.87 5.64 21.58
CA VAL A 31 -1.26 6.25 20.32
C VAL A 31 -0.45 5.58 19.22
N VAL A 32 -1.13 4.88 18.32
CA VAL A 32 -0.49 4.18 17.22
C VAL A 32 -1.05 4.71 15.91
N ALA A 33 -0.27 4.56 14.85
CA ALA A 33 -0.67 5.03 13.54
C ALA A 33 -0.13 4.09 12.48
N GLY A 34 -0.85 4.03 11.37
CA GLY A 34 -0.43 3.23 10.24
C GLY A 34 -0.39 4.05 8.97
N THR A 35 -1.13 3.62 7.95
CA THR A 35 -1.26 4.34 6.70
C THR A 35 -2.62 5.05 6.71
N SER A 36 -2.59 6.35 6.99
CA SER A 36 -3.75 7.24 7.07
C SER A 36 -4.71 6.89 8.21
N GLN A 37 -4.34 5.98 9.10
CA GLN A 37 -5.18 5.58 10.23
C GLN A 37 -4.46 5.89 11.54
N LEU A 38 -5.15 6.55 12.45
CA LEU A 38 -4.65 6.84 13.78
C LEU A 38 -5.56 6.19 14.81
N TYR A 39 -4.97 5.42 15.73
CA TYR A 39 -5.71 4.74 16.78
C TYR A 39 -5.18 5.16 18.14
N VAL A 40 -6.09 5.34 19.10
CA VAL A 40 -5.74 5.62 20.48
C VAL A 40 -6.31 4.50 21.34
N TYR A 41 -5.45 3.83 22.10
CA TYR A 41 -5.84 2.68 22.89
C TYR A 41 -5.70 2.96 24.38
N ARG A 42 -6.48 2.25 25.18
CA ARG A 42 -6.33 2.21 26.63
C ARG A 42 -5.91 0.82 27.05
N LEU A 43 -5.25 0.74 28.21
CA LEU A 43 -4.84 -0.53 28.79
C LEU A 43 -5.84 -0.91 29.87
N ASN A 44 -6.50 -2.05 29.68
CA ASN A 44 -7.49 -2.53 30.63
C ASN A 44 -6.86 -3.62 31.50
N ARG A 45 -6.82 -3.37 32.81
CA ARG A 45 -6.24 -4.36 33.72
C ARG A 45 -7.23 -5.45 34.10
N ASP A 46 -8.51 -5.27 33.82
CA ASP A 46 -9.53 -6.28 34.04
C ASP A 46 -10.21 -6.62 32.71
N ALA A 47 -10.40 -7.91 32.46
CA ALA A 47 -11.00 -8.37 31.20
C ALA A 47 -11.55 -9.79 31.36
N ARG A 63 -6.55 -10.31 33.53
CA ARG A 63 -5.90 -10.29 32.23
C ARG A 63 -5.90 -8.88 31.66
N GLU A 64 -4.95 -8.60 30.77
CA GLU A 64 -4.76 -7.27 30.18
C GLU A 64 -5.18 -7.29 28.72
N LYS A 65 -5.90 -6.25 28.30
CA LYS A 65 -6.36 -6.14 26.93
C LYS A 65 -6.37 -4.67 26.53
N LEU A 66 -6.02 -4.41 25.28
CA LEU A 66 -6.01 -3.04 24.76
C LEU A 66 -7.41 -2.65 24.32
N GLU A 67 -7.96 -1.60 24.91
CA GLU A 67 -9.29 -1.11 24.60
C GLU A 67 -9.17 0.10 23.69
N LEU A 68 -9.80 0.04 22.53
CA LEU A 68 -9.80 1.18 21.62
C LEU A 68 -10.59 2.34 22.21
N ALA A 69 -9.93 3.50 22.29
CA ALA A 69 -10.56 4.69 22.84
C ALA A 69 -10.93 5.72 21.78
N ALA A 70 -10.19 5.80 20.69
CA ALA A 70 -10.50 6.72 19.60
C ALA A 70 -9.84 6.22 18.33
N SER A 71 -10.37 6.67 17.20
CA SER A 71 -9.81 6.29 15.90
C SER A 71 -10.11 7.40 14.91
N PHE A 72 -9.09 7.80 14.17
CA PHE A 72 -9.20 8.91 13.21
C PHE A 72 -8.58 8.49 11.89
N SER A 73 -9.12 9.01 10.81
CA SER A 73 -8.61 8.78 9.47
C SER A 73 -8.15 10.10 8.87
N PHE A 74 -7.13 10.03 8.03
CA PHE A 74 -6.52 11.21 7.45
C PHE A 74 -6.58 11.13 5.93
N PHE A 75 -6.61 12.29 5.28
CA PHE A 75 -6.46 12.37 3.84
C PHE A 75 -4.99 12.54 3.50
N GLY A 76 -4.23 11.49 3.83
CA GLY A 76 -2.80 11.48 3.68
C GLY A 76 -2.15 10.50 4.63
N ASN A 77 -1.10 9.82 4.18
CA ASN A 77 -0.43 8.82 5.00
C ASN A 77 0.55 9.48 5.96
N VAL A 78 0.57 9.00 7.20
CA VAL A 78 1.49 9.53 8.20
C VAL A 78 2.90 9.01 7.91
N MET A 79 3.87 9.91 7.94
CA MET A 79 5.27 9.56 7.72
C MET A 79 6.08 9.55 9.00
N SER A 80 5.67 10.30 10.02
CA SER A 80 6.31 10.30 11.33
C SER A 80 5.35 10.92 12.34
N MET A 81 5.40 10.40 13.56
CA MET A 81 4.48 10.82 14.60
C MET A 81 5.25 11.05 15.90
N ALA A 82 4.87 12.11 16.62
CA ALA A 82 5.53 12.44 17.86
C ALA A 82 4.59 13.30 18.69
N SER A 83 4.90 13.42 19.98
CA SER A 83 4.07 14.14 20.93
C SER A 83 4.89 15.16 21.70
N VAL A 84 4.20 16.16 22.25
CA VAL A 84 4.85 17.22 23.00
C VAL A 84 3.82 17.90 23.89
N GLN A 85 4.26 18.26 25.10
CA GLN A 85 3.46 19.07 26.02
C GLN A 85 3.96 20.51 25.92
N LEU A 86 3.09 21.41 25.43
CA LEU A 86 3.58 22.70 24.95
C LEU A 86 3.66 23.76 26.03
N ALA A 87 2.52 24.19 26.57
CA ALA A 87 2.51 25.19 27.62
C ALA A 87 1.15 25.25 28.31
N GLY A 88 1.10 24.87 29.58
CA GLY A 88 -0.15 24.89 30.33
C GLY A 88 -1.26 24.15 29.63
N ALA A 89 -0.91 23.06 28.94
CA ALA A 89 -1.84 22.33 28.11
C ALA A 89 -2.48 21.20 28.90
N LYS A 90 -3.74 20.92 28.59
CA LYS A 90 -4.49 19.87 29.27
C LYS A 90 -4.19 18.48 28.74
N ARG A 91 -3.50 18.37 27.61
CA ARG A 91 -3.15 17.08 27.04
C ARG A 91 -1.96 17.28 26.10
N ASP A 92 -1.42 16.17 25.62
CA ASP A 92 -0.28 16.21 24.71
C ASP A 92 -0.73 16.48 23.29
N ALA A 93 -0.01 17.36 22.61
CA ALA A 93 -0.24 17.61 21.20
C ALA A 93 0.48 16.56 20.37
N LEU A 94 -0.07 16.27 19.20
CA LEU A 94 0.46 15.25 18.31
C LEU A 94 1.06 15.90 17.08
N LEU A 95 2.31 15.55 16.78
CA LEU A 95 3.04 16.11 15.64
C LEU A 95 3.10 15.04 14.56
N LEU A 96 2.32 15.23 13.51
CA LEU A 96 2.25 14.29 12.40
C LEU A 96 2.88 14.90 11.16
N SER A 97 3.61 14.08 10.41
CA SER A 97 4.24 14.51 9.17
C SER A 97 3.71 13.67 8.02
N PHE A 98 3.47 14.31 6.89
CA PHE A 98 2.92 13.67 5.71
C PHE A 98 3.88 13.87 4.54
N LYS A 99 3.75 13.01 3.52
CA LYS A 99 4.77 12.92 2.49
C LYS A 99 4.97 14.26 1.80
N ASP A 100 6.19 14.44 1.27
CA ASP A 100 6.75 15.71 0.83
C ASP A 100 7.14 16.54 2.04
N ALA A 101 6.38 17.60 2.34
CA ALA A 101 6.69 18.42 3.51
C ALA A 101 5.39 19.01 4.05
N LYS A 102 4.81 18.33 5.02
CA LYS A 102 3.69 18.86 5.79
C LYS A 102 3.86 18.45 7.24
N LEU A 103 3.67 19.39 8.15
CA LEU A 103 3.67 19.12 9.58
C LEU A 103 2.38 19.64 10.18
N SER A 104 1.57 18.73 10.71
CA SER A 104 0.30 19.08 11.32
C SER A 104 0.37 18.83 12.82
N VAL A 105 -0.04 19.84 13.59
CA VAL A 105 -0.10 19.74 15.04
C VAL A 105 -1.56 19.56 15.40
N VAL A 106 -1.92 18.35 15.83
CA VAL A 106 -3.31 18.01 16.14
C VAL A 106 -3.42 17.71 17.62
N GLU A 107 -4.49 18.18 18.23
CA GLU A 107 -4.77 17.96 19.64
C GLU A 107 -6.19 17.44 19.79
N TYR A 108 -6.39 16.55 20.76
CA TYR A 108 -7.72 15.99 21.00
C TYR A 108 -8.67 17.08 21.47
N ASP A 109 -9.92 17.01 20.99
CA ASP A 109 -10.93 17.98 21.38
C ASP A 109 -11.93 17.31 22.31
N PRO A 110 -11.88 17.58 23.62
CA PRO A 110 -12.82 16.95 24.54
C PRO A 110 -14.28 17.27 24.25
N GLY A 111 -14.55 18.48 23.76
CA GLY A 111 -15.91 18.89 23.51
C GLY A 111 -16.51 18.30 22.24
N THR A 112 -15.68 17.69 21.39
CA THR A 112 -16.13 17.15 20.12
C THR A 112 -15.75 15.68 19.97
N HIS A 113 -14.85 15.17 20.80
CA HIS A 113 -14.34 13.80 20.67
C HIS A 113 -13.72 13.59 19.30
N ASP A 114 -12.98 14.58 18.83
CA ASP A 114 -12.39 14.57 17.50
C ASP A 114 -11.03 15.25 17.57
N LEU A 115 -10.28 15.13 16.48
CA LEU A 115 -8.98 15.77 16.39
C LEU A 115 -9.14 17.25 16.04
N LYS A 116 -8.47 18.10 16.81
CA LYS A 116 -8.46 19.54 16.56
C LYS A 116 -7.09 19.93 16.03
N THR A 117 -7.05 20.61 14.90
CA THR A 117 -5.79 21.00 14.28
C THR A 117 -5.32 22.32 14.87
N LEU A 118 -4.13 22.30 15.48
CA LEU A 118 -3.56 23.51 16.05
C LEU A 118 -2.82 24.35 15.02
N SER A 119 -2.12 23.71 14.09
CA SER A 119 -1.49 24.40 12.98
C SER A 119 -1.05 23.36 11.95
N LEU A 120 -1.06 23.76 10.68
CA LEU A 120 -0.50 22.95 9.61
C LEU A 120 0.58 23.76 8.92
N HIS A 121 1.78 23.19 8.85
CA HIS A 121 2.94 23.88 8.29
C HIS A 121 3.29 23.26 6.94
N TYR A 122 3.44 24.10 5.93
CA TYR A 122 3.80 23.67 4.59
C TYR A 122 5.23 24.09 4.28
N PHE A 123 6.03 23.14 3.81
CA PHE A 123 7.41 23.41 3.40
C PHE A 123 7.64 22.82 2.02
N GLU A 124 6.62 22.86 1.18
CA GLU A 124 6.69 22.32 -0.16
C GLU A 124 7.00 23.42 -1.17
N GLU A 125 8.17 24.03 -1.05
CA GLU A 125 8.60 25.03 -2.01
C GLU A 125 9.72 24.47 -2.89
N PRO A 126 9.76 24.87 -4.16
CA PRO A 126 10.82 24.37 -5.05
C PRO A 126 12.22 24.72 -4.58
N GLU A 127 12.40 25.86 -3.91
CA GLU A 127 13.73 26.25 -3.44
C GLU A 127 14.27 25.32 -2.37
N LEU A 128 13.41 24.73 -1.54
CA LEU A 128 13.83 23.78 -0.54
C LEU A 128 14.14 22.41 -1.12
N ARG A 129 13.78 22.16 -2.37
CA ARG A 129 13.99 20.86 -3.00
C ARG A 129 15.33 20.75 -3.71
N ASP A 130 15.97 21.89 -4.02
CA ASP A 130 17.31 21.92 -4.61
C ASP A 130 17.35 21.18 -5.95
N GLY A 131 16.25 21.24 -6.70
CA GLY A 131 16.19 20.66 -8.03
C GLY A 131 15.92 19.17 -8.08
N PHE A 132 15.73 18.53 -6.93
CA PHE A 132 15.46 17.09 -6.89
C PHE A 132 13.95 16.87 -6.92
N VAL A 133 13.42 16.59 -8.11
CA VAL A 133 11.98 16.37 -8.25
C VAL A 133 11.52 15.10 -7.54
N GLN A 134 12.33 14.06 -7.51
CA GLN A 134 11.96 12.79 -6.88
C GLN A 134 12.38 12.85 -5.41
N ASN A 135 11.40 12.89 -4.52
CA ASN A 135 11.66 12.94 -3.08
C ASN A 135 11.81 11.52 -2.55
N VAL A 136 12.94 11.27 -1.88
CA VAL A 136 13.23 9.97 -1.30
C VAL A 136 13.39 10.04 0.21
N HIS A 137 13.24 11.21 0.81
CA HIS A 137 13.47 11.41 2.24
C HIS A 137 12.15 11.77 2.90
N THR A 138 11.63 10.85 3.71
CA THR A 138 10.40 11.12 4.44
C THR A 138 10.64 12.17 5.50
N PRO A 139 9.67 13.06 5.76
CA PRO A 139 9.85 14.06 6.82
C PRO A 139 9.88 13.38 8.19
N ARG A 140 11.00 13.54 8.87
CA ARG A 140 11.25 12.87 10.15
C ARG A 140 11.13 13.90 11.27
N VAL A 141 10.10 13.78 12.09
CA VAL A 141 9.83 14.72 13.17
C VAL A 141 10.51 14.22 14.44
N ARG A 142 11.28 15.11 15.08
CA ARG A 142 11.92 14.83 16.35
C ARG A 142 11.53 15.91 17.35
N VAL A 143 11.44 15.53 18.62
CA VAL A 143 11.04 16.45 19.67
C VAL A 143 12.11 16.50 20.75
N ASP A 144 12.36 17.70 21.26
CA ASP A 144 13.26 17.86 22.39
C ASP A 144 12.65 17.21 23.63
N PRO A 145 13.42 16.40 24.36
CA PRO A 145 12.89 15.81 25.60
C PRO A 145 12.36 16.85 26.57
N ASP A 146 12.96 18.03 26.58
CA ASP A 146 12.51 19.11 27.44
C ASP A 146 11.35 19.90 26.84
N GLY A 147 10.92 19.56 25.64
CA GLY A 147 9.82 20.27 25.00
C GLY A 147 10.12 21.71 24.66
N ARG A 148 11.36 22.01 24.24
CA ARG A 148 11.73 23.36 23.87
C ARG A 148 11.55 23.63 22.38
N CYS A 149 11.66 22.62 21.54
CA CYS A 149 11.48 22.78 20.10
C CYS A 149 11.25 21.42 19.49
N ALA A 150 10.83 21.42 18.23
CA ALA A 150 10.68 20.21 17.44
C ALA A 150 11.39 20.40 16.11
N ALA A 151 12.07 19.35 15.65
CA ALA A 151 12.82 19.39 14.41
C ALA A 151 12.25 18.37 13.43
N MET A 152 11.99 18.81 12.21
CA MET A 152 11.52 17.93 11.14
C MET A 152 12.50 18.02 9.99
N LEU A 153 13.19 16.91 9.70
CA LEU A 153 14.11 16.88 8.58
C LEU A 153 13.32 16.80 7.28
N VAL A 154 13.43 17.83 6.46
CA VAL A 154 12.63 17.99 5.26
C VAL A 154 13.54 17.79 4.06
N TYR A 155 13.15 16.87 3.17
CA TYR A 155 13.86 16.53 1.94
C TYR A 155 15.25 15.98 2.17
N GLY A 156 15.65 15.75 3.42
CA GLY A 156 16.98 15.28 3.73
C GLY A 156 18.03 16.36 3.83
N THR A 157 17.69 17.61 3.51
CA THR A 157 18.64 18.71 3.57
C THR A 157 18.16 19.91 4.37
N ARG A 158 16.85 20.09 4.54
CA ARG A 158 16.31 21.23 5.30
C ARG A 158 15.84 20.74 6.66
N LEU A 159 16.25 21.44 7.71
CA LEU A 159 15.89 21.09 9.08
C LEU A 159 14.98 22.18 9.61
N VAL A 160 13.68 21.91 9.63
CA VAL A 160 12.71 22.86 10.16
C VAL A 160 12.72 22.78 11.69
N VAL A 161 12.95 23.92 12.33
CA VAL A 161 12.94 24.01 13.79
C VAL A 161 11.68 24.74 14.20
N LEU A 162 10.81 24.05 14.94
CA LEU A 162 9.56 24.64 15.39
C LEU A 162 9.65 24.93 16.89
N PRO A 163 9.95 26.16 17.29
CA PRO A 163 10.06 26.46 18.72
C PRO A 163 8.71 26.44 19.42
N PHE A 164 8.75 26.20 20.72
CA PHE A 164 7.58 26.19 21.56
C PHE A 164 7.77 27.22 22.68
N ARG A 165 6.74 28.02 22.94
CA ARG A 165 6.86 29.10 23.91
C ARG A 165 6.97 28.47 25.30
N ARG A 166 7.98 28.89 26.05
CA ARG A 166 8.17 28.41 27.40
C ARG A 166 7.55 29.35 28.43
N SER A 183 -1.21 30.46 19.28
CA SER A 183 -0.42 31.34 20.12
C SER A 183 0.62 30.55 20.91
N SER A 184 0.44 29.23 20.96
CA SER A 184 1.35 28.36 21.71
C SER A 184 2.64 28.09 20.96
N PHE A 185 2.74 28.48 19.70
CA PHE A 185 3.91 28.22 18.87
C PHE A 185 4.66 29.50 18.57
N LEU A 186 5.92 29.33 18.16
CA LEU A 186 6.79 30.42 17.73
C LEU A 186 7.10 30.27 16.25
N PRO A 187 7.36 31.36 15.55
CA PRO A 187 7.65 31.27 14.11
C PRO A 187 8.81 30.32 13.83
N SER A 188 8.60 29.42 12.88
CA SER A 188 9.60 28.41 12.57
C SER A 188 10.58 28.92 11.53
N TYR A 189 11.80 28.40 11.59
CA TYR A 189 12.83 28.73 10.64
C TYR A 189 13.44 27.45 10.09
N ILE A 190 14.03 27.54 8.90
CA ILE A 190 14.57 26.39 8.19
C ILE A 190 16.09 26.50 8.19
N ILE A 191 16.75 25.43 8.61
CA ILE A 191 18.20 25.37 8.67
C ILE A 191 18.67 24.45 7.55
N ASP A 192 19.47 24.99 6.63
CA ASP A 192 20.08 24.19 5.57
C ASP A 192 21.29 23.47 6.16
N VAL A 193 21.18 22.14 6.31
CA VAL A 193 22.25 21.38 6.96
C VAL A 193 23.52 21.39 6.13
N ARG A 194 23.40 21.62 4.81
CA ARG A 194 24.59 21.66 3.97
C ARG A 194 25.50 22.82 4.34
N ALA A 195 24.93 24.00 4.60
CA ALA A 195 25.71 25.16 5.03
C ALA A 195 25.66 25.29 6.55
N LEU A 196 26.19 24.28 7.24
CA LEU A 196 26.20 24.22 8.70
C LEU A 196 27.59 23.75 9.13
N ASP A 197 28.53 24.68 9.28
CA ASP A 197 29.91 24.35 9.60
C ASP A 197 30.43 23.28 8.65
N GLU A 198 30.19 22.02 8.98
CA GLU A 198 30.44 20.92 8.06
C GLU A 198 29.34 20.86 7.01
N LYS A 199 29.35 19.79 6.22
CA LYS A 199 28.29 19.53 5.24
C LYS A 199 27.63 18.20 5.60
N LEU A 200 26.51 18.27 6.31
CA LEU A 200 25.78 17.09 6.73
C LEU A 200 25.00 16.56 5.54
N LEU A 201 25.54 15.53 4.89
CA LEU A 201 24.91 14.92 3.73
C LEU A 201 24.23 13.62 4.12
N ASN A 202 23.26 13.22 3.29
CA ASN A 202 22.52 11.97 3.47
C ASN A 202 21.70 12.00 4.77
N ILE A 203 22.39 11.98 5.91
CA ILE A 203 21.77 11.97 7.23
C ILE A 203 21.00 10.68 7.44
N ILE A 204 21.55 9.78 8.26
CA ILE A 204 20.92 8.50 8.52
C ILE A 204 19.84 8.60 9.60
N ASP A 205 20.11 9.33 10.68
CA ASP A 205 19.15 9.49 11.76
C ASP A 205 19.51 10.77 12.52
N LEU A 206 18.53 11.27 13.28
CA LEU A 206 18.74 12.45 14.10
C LEU A 206 17.87 12.34 15.34
N GLN A 207 18.47 12.62 16.50
CA GLN A 207 17.77 12.51 17.78
C GLN A 207 18.20 13.64 18.69
N PHE A 208 17.24 14.27 19.36
CA PHE A 208 17.56 15.22 20.40
C PHE A 208 18.15 14.51 21.61
N LEU A 209 19.17 15.10 22.21
CA LEU A 209 19.88 14.49 23.33
C LEU A 209 19.38 15.04 24.66
N HIS A 210 19.62 14.26 25.71
CA HIS A 210 19.24 14.63 27.06
C HIS A 210 20.40 15.28 27.79
N GLY A 211 20.08 16.12 28.77
CA GLY A 211 21.09 16.70 29.63
C GLY A 211 21.80 17.92 29.06
N TYR A 212 21.11 18.77 28.32
CA TYR A 212 21.72 19.94 27.70
C TYR A 212 20.92 21.19 28.06
N TYR A 213 21.63 22.32 28.14
CA TYR A 213 21.00 23.58 28.50
C TYR A 213 20.18 24.16 27.35
N GLU A 214 20.53 23.84 26.11
CA GLU A 214 19.79 24.22 24.93
C GLU A 214 19.49 22.98 24.10
N PRO A 215 18.43 23.00 23.28
CA PRO A 215 18.13 21.84 22.43
C PRO A 215 19.33 21.42 21.59
N THR A 216 19.87 20.24 21.88
CA THR A 216 21.03 19.72 21.17
C THR A 216 20.55 18.55 20.31
N LEU A 217 20.62 18.73 19.00
CA LEU A 217 20.18 17.72 18.05
C LEU A 217 21.41 16.99 17.52
N LEU A 218 21.47 15.69 17.78
CA LEU A 218 22.55 14.85 17.29
C LEU A 218 22.14 14.29 15.93
N ILE A 219 22.90 14.64 14.89
CA ILE A 219 22.65 14.16 13.54
C ILE A 219 23.68 13.10 13.22
N LEU A 220 23.21 11.91 12.87
CA LEU A 220 24.05 10.85 12.36
C LEU A 220 23.95 10.83 10.84
N PHE A 221 25.05 11.16 10.17
CA PHE A 221 25.03 11.37 8.73
C PHE A 221 26.21 10.64 8.10
N GLU A 222 26.37 10.84 6.79
CA GLU A 222 27.40 10.18 6.00
C GLU A 222 27.89 11.15 4.94
N PRO A 223 28.92 11.96 5.25
CA PRO A 223 29.37 12.97 4.28
C PRO A 223 29.82 12.38 2.96
N ASN A 224 30.51 11.23 3.00
CA ASN A 224 30.94 10.52 1.80
C ASN A 224 30.28 9.16 1.83
N GLN A 225 29.11 9.07 1.21
CA GLN A 225 28.31 7.86 1.28
C GLN A 225 29.00 6.70 0.59
N THR A 226 28.79 5.50 1.14
CA THR A 226 29.24 4.26 0.53
C THR A 226 28.16 3.21 0.76
N TRP A 227 28.30 2.07 0.10
CA TRP A 227 27.34 0.99 0.21
C TRP A 227 28.10 -0.33 0.35
N PRO A 228 27.46 -1.35 0.93
CA PRO A 228 28.14 -2.65 1.06
C PRO A 228 28.48 -3.25 -0.29
N GLY A 229 29.78 -3.36 -0.57
CA GLY A 229 30.24 -3.80 -1.87
C GLY A 229 31.41 -2.96 -2.34
N ARG A 230 31.41 -1.69 -1.94
CA ARG A 230 32.53 -0.79 -2.17
C ARG A 230 33.25 -0.44 -0.87
N VAL A 231 33.07 -1.27 0.17
CA VAL A 231 33.71 -1.02 1.46
C VAL A 231 35.22 -1.14 1.40
N ALA A 232 35.75 -1.91 0.44
CA ALA A 232 37.20 -2.09 0.37
C ALA A 232 37.93 -0.78 0.09
N VAL A 233 37.23 0.20 -0.46
CA VAL A 233 37.83 1.51 -0.74
C VAL A 233 37.25 2.63 0.11
N ARG A 234 36.25 2.35 0.93
CA ARG A 234 35.66 3.38 1.79
C ARG A 234 34.96 2.69 2.94
N GLN A 235 35.49 2.83 4.17
CA GLN A 235 35.00 2.07 5.31
C GLN A 235 34.33 2.96 6.35
N ASP A 236 35.02 3.97 6.87
CA ASP A 236 34.49 4.75 8.00
C ASP A 236 33.91 6.06 7.47
N THR A 237 32.65 5.97 7.04
CA THR A 237 31.99 7.08 6.37
C THR A 237 30.98 7.80 7.24
N CYS A 238 30.47 7.16 8.29
CA CYS A 238 29.45 7.78 9.12
C CYS A 238 30.08 8.73 10.13
N SER A 239 29.30 9.73 10.54
CA SER A 239 29.76 10.73 11.48
C SER A 239 28.58 11.21 12.30
N ILE A 240 28.88 11.76 13.47
CA ILE A 240 27.87 12.37 14.33
C ILE A 240 28.27 13.82 14.60
N VAL A 241 27.29 14.70 14.59
CA VAL A 241 27.49 16.10 14.95
C VAL A 241 26.35 16.53 15.85
N ALA A 242 26.67 17.10 17.01
CA ALA A 242 25.69 17.63 17.94
C ALA A 242 25.68 19.14 17.82
N ILE A 243 24.56 19.69 17.37
CA ILE A 243 24.41 21.12 17.14
C ILE A 243 23.48 21.69 18.21
N SER A 244 23.91 22.78 18.84
CA SER A 244 23.14 23.41 19.90
C SER A 244 22.22 24.46 19.29
N LEU A 245 20.93 24.14 19.21
CA LEU A 245 19.96 25.03 18.59
C LEU A 245 19.65 26.18 19.54
N ASN A 246 20.08 27.39 19.16
CA ASN A 246 19.70 28.59 19.90
C ASN A 246 18.43 29.14 19.29
N ILE A 247 17.33 29.08 20.05
CA ILE A 247 16.03 29.46 19.50
C ILE A 247 15.98 30.96 19.23
N THR A 248 16.42 31.78 20.18
CA THR A 248 16.25 33.22 20.06
C THR A 248 17.13 33.79 18.94
N GLN A 249 18.40 33.42 18.92
CA GLN A 249 19.36 34.00 17.99
C GLN A 249 19.46 33.24 16.67
N LYS A 250 18.77 32.10 16.55
CA LYS A 250 18.77 31.28 15.34
C LYS A 250 20.19 30.85 14.93
N VAL A 251 21.10 30.74 15.89
CA VAL A 251 22.43 30.21 15.62
C VAL A 251 22.50 28.77 16.11
N HIS A 252 23.20 27.93 15.37
CA HIS A 252 23.28 26.49 15.65
C HIS A 252 24.72 26.02 15.55
N PRO A 253 25.57 26.40 16.51
CA PRO A 253 26.96 25.99 16.46
C PRO A 253 27.12 24.49 16.75
N VAL A 254 28.21 23.94 16.23
CA VAL A 254 28.57 22.55 16.50
C VAL A 254 29.36 22.49 17.80
N ILE A 255 28.94 21.63 18.71
CA ILE A 255 29.57 21.52 20.03
C ILE A 255 30.27 20.20 20.25
N TRP A 256 30.05 19.19 19.41
CA TRP A 256 30.62 17.87 19.62
C TRP A 256 30.48 17.08 18.33
N SER A 257 31.55 16.40 17.93
CA SER A 257 31.57 15.72 16.64
C SER A 257 32.51 14.53 16.66
N LEU A 258 32.13 13.50 15.91
CA LEU A 258 33.00 12.37 15.58
C LEU A 258 32.92 12.13 14.08
N THR A 259 33.96 11.49 13.52
CA THR A 259 34.06 11.37 12.07
C THR A 259 34.39 9.99 11.55
N SER A 260 34.81 9.03 12.38
CA SER A 260 35.29 7.74 11.89
C SER A 260 34.40 6.58 12.35
N LEU A 261 33.09 6.77 12.28
CA LEU A 261 32.15 5.73 12.66
C LEU A 261 31.97 4.72 11.53
N PRO A 262 31.55 3.49 11.85
CA PRO A 262 31.37 2.46 10.80
C PRO A 262 30.34 2.86 9.76
N PHE A 263 30.53 2.41 8.52
CA PHE A 263 29.63 2.78 7.43
C PHE A 263 28.20 2.31 7.65
N ASP A 264 28.00 1.21 8.35
CA ASP A 264 26.70 0.57 8.45
C ASP A 264 25.87 1.07 9.63
N CYS A 265 26.13 2.28 10.11
CA CYS A 265 25.29 2.85 11.16
C CYS A 265 23.87 3.05 10.64
N THR A 266 22.88 2.60 11.42
CA THR A 266 21.50 2.60 10.99
C THR A 266 20.60 3.54 11.79
N GLN A 267 20.80 3.65 13.10
CA GLN A 267 19.95 4.51 13.90
C GLN A 267 20.68 4.86 15.19
N ALA A 268 20.20 5.92 15.84
CA ALA A 268 20.74 6.39 17.09
C ALA A 268 19.63 6.50 18.12
N LEU A 269 19.97 6.30 19.39
CA LEU A 269 19.01 6.37 20.47
C LEU A 269 19.62 7.19 21.60
N ALA A 270 18.99 8.32 21.91
CA ALA A 270 19.46 9.16 23.01
C ALA A 270 19.26 8.47 24.34
N VAL A 271 20.35 8.26 25.07
CA VAL A 271 20.31 7.65 26.40
C VAL A 271 19.74 8.68 27.38
N PRO A 272 18.88 8.27 28.32
CA PRO A 272 18.30 9.23 29.27
C PRO A 272 19.32 9.97 30.11
N LYS A 273 18.84 10.92 30.92
CA LYS A 273 19.71 11.87 31.60
C LYS A 273 20.77 11.24 32.50
N PRO A 274 20.45 10.27 33.36
CA PRO A 274 21.48 9.81 34.33
C PRO A 274 22.78 9.33 33.68
N ILE A 275 22.70 8.63 32.55
CA ILE A 275 23.90 8.25 31.83
C ILE A 275 24.21 9.28 30.74
N GLY A 276 23.22 9.59 29.92
CA GLY A 276 23.42 10.53 28.83
C GLY A 276 24.15 9.92 27.66
N GLY A 277 24.51 10.79 26.73
CA GLY A 277 25.17 10.34 25.52
C GLY A 277 24.18 9.81 24.50
N VAL A 278 24.73 9.05 23.56
CA VAL A 278 23.94 8.47 22.48
C VAL A 278 24.42 7.05 22.23
N VAL A 279 23.46 6.16 21.96
CA VAL A 279 23.75 4.80 21.52
C VAL A 279 23.45 4.73 20.04
N VAL A 280 24.45 4.37 19.24
CA VAL A 280 24.34 4.34 17.79
C VAL A 280 24.28 2.88 17.36
N PHE A 281 23.22 2.53 16.64
CA PHE A 281 23.05 1.18 16.12
C PHE A 281 23.75 1.06 14.78
N ALA A 282 24.67 0.10 14.67
CA ALA A 282 25.25 -0.28 13.40
C ALA A 282 24.80 -1.71 13.08
N VAL A 283 24.94 -2.07 11.80
CA VAL A 283 24.50 -3.39 11.36
C VAL A 283 25.27 -4.49 12.08
N ASN A 284 26.59 -4.34 12.20
CA ASN A 284 27.44 -5.37 12.78
C ASN A 284 28.06 -4.95 14.11
N SER A 285 27.68 -3.81 14.66
CA SER A 285 28.33 -3.32 15.87
C SER A 285 27.37 -2.42 16.64
N LEU A 286 27.71 -2.20 17.90
CA LEU A 286 26.96 -1.30 18.78
C LEU A 286 27.93 -0.32 19.42
N LEU A 287 27.61 0.97 19.34
CA LEU A 287 28.50 2.03 19.79
C LEU A 287 27.79 2.87 20.84
N TYR A 288 28.52 3.21 21.91
CA TYR A 288 28.08 4.23 22.86
C TYR A 288 29.01 5.43 22.72
N LEU A 289 28.42 6.61 22.52
CA LEU A 289 29.17 7.83 22.32
C LEU A 289 28.67 8.91 23.27
N ASN A 290 29.60 9.64 23.86
CA ASN A 290 29.29 10.74 24.77
C ASN A 290 30.22 11.90 24.46
N GLN A 291 29.92 13.06 25.07
CA GLN A 291 30.67 14.27 24.77
C GLN A 291 32.10 14.20 25.28
N SER A 292 32.31 13.70 26.49
CA SER A 292 33.61 13.77 27.14
C SER A 292 34.43 12.48 27.02
N VAL A 293 33.83 11.34 27.37
CA VAL A 293 34.57 10.08 27.44
C VAL A 293 34.92 9.58 26.05
N PRO A 294 35.97 8.77 25.90
CA PRO A 294 36.28 8.20 24.58
C PRO A 294 35.19 7.26 24.11
N PRO A 295 35.06 7.08 22.80
CA PRO A 295 34.00 6.20 22.28
C PRO A 295 34.18 4.76 22.75
N TYR A 296 33.05 4.09 22.98
CA TYR A 296 33.04 2.68 23.35
C TYR A 296 32.16 1.92 22.37
N GLY A 297 32.69 0.83 21.82
CA GLY A 297 31.94 0.02 20.88
C GLY A 297 32.37 -1.43 20.94
N VAL A 298 31.44 -2.30 20.55
CA VAL A 298 31.68 -3.73 20.52
C VAL A 298 31.22 -4.28 19.19
N ALA A 299 31.84 -5.36 18.74
CA ALA A 299 31.45 -6.03 17.50
C ALA A 299 30.51 -7.18 17.84
N LEU A 300 29.30 -7.14 17.29
CA LEU A 300 28.29 -8.15 17.56
C LEU A 300 28.48 -9.42 16.74
N ASN A 301 29.39 -9.40 15.77
CA ASN A 301 29.66 -10.58 14.95
C ASN A 301 31.01 -10.38 14.26
N SER A 302 31.52 -11.47 13.68
CA SER A 302 32.83 -11.44 13.05
C SER A 302 32.84 -10.67 11.74
N LEU A 303 31.69 -10.24 11.25
CA LEU A 303 31.60 -9.53 9.98
C LEU A 303 32.24 -8.14 10.03
N THR A 304 32.57 -7.64 11.22
CA THR A 304 33.23 -6.34 11.34
C THR A 304 34.67 -6.37 10.86
N THR A 305 35.33 -7.52 10.88
CA THR A 305 36.74 -7.58 10.50
C THR A 305 36.91 -7.30 9.01
N GLY A 306 37.85 -6.41 8.69
CA GLY A 306 38.11 -6.02 7.32
C GLY A 306 37.14 -5.01 6.76
N THR A 307 36.08 -4.66 7.48
CA THR A 307 35.09 -3.69 7.01
C THR A 307 34.97 -2.50 7.95
N THR A 308 35.77 -2.46 9.02
CA THR A 308 35.72 -1.34 9.96
C THR A 308 37.08 -1.19 10.61
N ALA A 309 37.56 0.04 10.68
CA ALA A 309 38.77 0.38 11.41
C ALA A 309 38.48 0.97 12.77
N PHE A 310 37.22 1.08 13.15
CA PHE A 310 36.85 1.59 14.46
C PHE A 310 37.26 0.57 15.53
N PRO A 311 37.79 1.03 16.66
CA PRO A 311 38.17 0.09 17.73
C PRO A 311 36.95 -0.54 18.38
N LEU A 312 36.74 -1.83 18.15
CA LEU A 312 35.57 -2.55 18.63
C LEU A 312 36.02 -3.77 19.42
N ARG A 313 35.57 -3.87 20.67
CA ARG A 313 35.79 -5.08 21.44
C ARG A 313 34.89 -6.20 20.93
N THR A 314 35.22 -7.43 21.32
CA THR A 314 34.38 -8.56 21.00
C THR A 314 33.42 -8.82 22.14
N GLN A 315 32.12 -8.67 21.88
CA GLN A 315 31.11 -8.99 22.87
C GLN A 315 30.90 -10.51 22.91
N GLU A 316 30.94 -11.07 24.11
CA GLU A 316 30.99 -12.51 24.28
C GLU A 316 29.60 -13.12 24.26
N GLY A 317 29.44 -14.20 23.49
CA GLY A 317 28.22 -14.96 23.46
C GLY A 317 27.11 -14.37 22.61
N VAL A 318 27.37 -13.28 21.89
CA VAL A 318 26.35 -12.56 21.14
C VAL A 318 26.70 -12.67 19.66
N ARG A 319 25.78 -13.22 18.87
CA ARG A 319 25.89 -13.28 17.41
C ARG A 319 24.56 -12.78 16.84
N ILE A 320 24.44 -11.46 16.70
CA ILE A 320 23.20 -10.82 16.29
C ILE A 320 23.52 -9.75 15.25
N THR A 321 22.45 -9.11 14.76
CA THR A 321 22.55 -8.03 13.80
C THR A 321 21.51 -6.96 14.15
N LEU A 322 21.92 -5.70 14.09
CA LEU A 322 21.08 -4.59 14.50
C LEU A 322 20.65 -3.72 13.31
N ASP A 323 20.62 -4.30 12.10
CA ASP A 323 20.34 -3.52 10.91
C ASP A 323 18.93 -2.96 10.90
N CYS A 324 17.92 -3.84 10.90
CA CYS A 324 16.52 -3.43 10.99
C CYS A 324 15.96 -3.87 12.33
N ALA A 325 16.17 -3.04 13.34
CA ALA A 325 15.81 -3.37 14.71
C ALA A 325 15.14 -2.17 15.38
N GLN A 326 14.10 -2.45 16.15
CA GLN A 326 13.43 -1.43 16.94
C GLN A 326 13.86 -1.57 18.39
N ALA A 327 14.19 -0.44 19.01
CA ALA A 327 14.67 -0.42 20.38
C ALA A 327 14.00 0.71 21.15
N THR A 328 13.88 0.53 22.45
CA THR A 328 13.35 1.56 23.33
C THR A 328 13.94 1.37 24.72
N PHE A 329 13.93 2.44 25.50
CA PHE A 329 14.47 2.43 26.86
C PHE A 329 13.33 2.14 27.83
N ILE A 330 13.29 0.91 28.35
CA ILE A 330 12.35 0.60 29.42
C ILE A 330 12.71 1.40 30.68
N SER A 331 14.00 1.57 30.93
CA SER A 331 14.50 2.43 31.99
C SER A 331 15.90 2.88 31.57
N TYR A 332 16.57 3.59 32.47
CA TYR A 332 17.98 3.88 32.23
C TYR A 332 18.77 2.58 32.24
N ASP A 333 19.95 2.63 31.60
CA ASP A 333 21.00 1.63 31.52
C ASP A 333 20.47 0.26 31.08
N LYS A 334 19.22 0.21 30.60
CA LYS A 334 18.65 -1.01 30.04
C LYS A 334 17.84 -0.66 28.80
N MET A 335 18.01 -1.48 27.76
CA MET A 335 17.34 -1.28 26.48
C MET A 335 16.71 -2.60 26.05
N VAL A 336 15.51 -2.52 25.47
CA VAL A 336 14.85 -3.67 24.88
C VAL A 336 14.90 -3.52 23.37
N ILE A 337 15.48 -4.51 22.70
CA ILE A 337 15.73 -4.45 21.26
C ILE A 337 14.99 -5.61 20.61
N SER A 338 14.17 -5.30 19.61
CA SER A 338 13.52 -6.30 18.78
C SER A 338 14.26 -6.37 17.46
N LEU A 339 14.84 -7.53 17.18
CA LEU A 339 15.68 -7.72 16.00
C LEU A 339 14.84 -8.09 14.79
N LYS A 340 15.50 -8.14 13.63
CA LYS A 340 14.89 -8.76 12.45
C LYS A 340 14.78 -10.26 12.72
N GLY A 341 13.60 -10.82 12.48
CA GLY A 341 13.35 -12.19 12.89
C GLY A 341 12.52 -12.23 14.15
N GLY A 342 12.39 -11.08 14.82
CA GLY A 342 11.53 -10.93 15.96
C GLY A 342 12.17 -11.18 17.30
N GLU A 343 13.43 -11.60 17.33
CA GLU A 343 14.09 -11.89 18.60
C GLU A 343 14.18 -10.65 19.47
N ILE A 344 13.86 -10.81 20.75
CA ILE A 344 13.91 -9.72 21.72
C ILE A 344 15.15 -9.89 22.58
N TYR A 345 15.94 -8.81 22.70
CA TYR A 345 17.13 -8.78 23.54
C TYR A 345 16.99 -7.64 24.54
N VAL A 346 17.54 -7.84 25.73
CA VAL A 346 17.64 -6.80 26.73
C VAL A 346 19.09 -6.36 26.82
N LEU A 347 19.37 -5.14 26.40
CA LEU A 347 20.72 -4.58 26.41
C LEU A 347 20.91 -3.77 27.67
N THR A 348 21.95 -4.10 28.43
CA THR A 348 22.27 -3.44 29.69
C THR A 348 23.53 -2.61 29.51
N LEU A 349 23.47 -1.34 29.91
CA LEU A 349 24.62 -0.45 29.89
C LEU A 349 25.33 -0.56 31.23
N ILE A 350 26.37 -1.38 31.29
CA ILE A 350 27.15 -1.57 32.52
C ILE A 350 28.07 -0.38 32.69
N THR A 351 27.87 0.39 33.75
CA THR A 351 28.63 1.60 34.01
C THR A 351 29.41 1.47 35.31
N ASP A 352 30.02 2.57 35.74
CA ASP A 352 30.76 2.65 36.99
C ASP A 352 30.11 3.71 37.88
N GLY A 353 30.79 4.03 39.00
CA GLY A 353 30.29 5.04 39.90
C GLY A 353 30.16 6.42 39.29
N MET A 354 30.84 6.67 38.18
CA MET A 354 30.80 7.96 37.50
C MET A 354 29.87 7.94 36.28
N ARG A 355 29.00 6.94 36.18
CA ARG A 355 27.99 6.85 35.13
C ARG A 355 28.62 6.83 33.74
N SER A 356 29.75 6.14 33.61
CA SER A 356 30.47 6.03 32.34
C SER A 356 30.34 4.58 31.86
N VAL A 357 29.69 4.41 30.70
CA VAL A 357 29.45 3.09 30.13
C VAL A 357 30.78 2.41 29.82
N ARG A 358 30.99 1.22 30.38
CA ARG A 358 32.21 0.47 30.18
C ARG A 358 32.02 -0.89 29.56
N ALA A 359 30.78 -1.41 29.53
CA ALA A 359 30.53 -2.73 28.96
C ALA A 359 29.06 -2.81 28.55
N PHE A 360 28.77 -3.81 27.74
CA PHE A 360 27.40 -4.09 27.31
C PHE A 360 27.04 -5.52 27.71
N HIS A 361 25.85 -5.70 28.26
CA HIS A 361 25.32 -7.02 28.57
C HIS A 361 24.10 -7.29 27.71
N PHE A 362 24.09 -8.44 27.03
CA PHE A 362 23.00 -8.83 26.15
C PHE A 362 22.33 -10.06 26.71
N ASP A 363 21.02 -9.99 26.92
CA ASP A 363 20.21 -11.12 27.38
C ASP A 363 19.13 -11.38 26.35
N LYS A 364 19.07 -12.62 25.85
CA LYS A 364 18.10 -12.99 24.83
C LYS A 364 16.80 -13.41 25.50
N ALA A 365 15.76 -12.61 25.32
CA ALA A 365 14.44 -12.91 25.85
C ALA A 365 13.65 -13.70 24.79
N ALA A 366 12.36 -13.87 25.02
CA ALA A 366 11.54 -14.65 24.10
C ALA A 366 11.35 -13.91 22.78
N ALA A 367 11.23 -14.67 21.70
CA ALA A 367 10.97 -14.11 20.39
C ALA A 367 9.54 -13.57 20.31
N SER A 368 9.30 -12.68 19.36
CA SER A 368 7.99 -12.05 19.23
C SER A 368 7.75 -11.71 17.77
N VAL A 369 6.77 -10.85 17.52
CA VAL A 369 6.30 -10.50 16.18
C VAL A 369 7.31 -9.58 15.51
N LEU A 370 7.40 -9.70 14.18
CA LEU A 370 8.18 -8.76 13.39
C LEU A 370 7.58 -7.36 13.54
N THR A 371 8.28 -6.47 14.22
CA THR A 371 7.74 -5.17 14.62
C THR A 371 8.33 -4.07 13.77
N THR A 372 7.56 -3.00 13.59
CA THR A 372 8.05 -1.79 12.93
C THR A 372 8.22 -0.63 13.89
N SER A 373 7.65 -0.72 15.09
CA SER A 373 7.82 0.32 16.09
C SER A 373 7.69 -0.32 17.47
N MET A 374 8.24 0.37 18.47
CA MET A 374 8.21 -0.11 19.83
C MET A 374 7.99 1.07 20.77
N VAL A 375 7.34 0.80 21.90
CA VAL A 375 7.09 1.84 22.89
C VAL A 375 6.86 1.15 24.23
N THR A 376 7.25 1.81 25.31
CA THR A 376 7.08 1.30 26.66
C THR A 376 5.85 1.95 27.27
N MET A 377 4.86 1.12 27.62
CA MET A 377 3.67 1.55 28.35
C MET A 377 4.02 1.69 29.82
N GLU A 378 3.00 1.76 30.69
CA GLU A 378 3.19 1.69 32.13
C GLU A 378 4.21 0.60 32.45
N PRO A 379 5.07 0.81 33.45
CA PRO A 379 6.19 -0.11 33.66
C PRO A 379 5.74 -1.55 33.79
N GLY A 380 6.46 -2.44 33.12
CA GLY A 380 6.10 -3.84 33.02
C GLY A 380 5.41 -4.21 31.73
N TYR A 381 4.93 -3.24 30.95
CA TYR A 381 4.22 -3.50 29.72
C TYR A 381 4.99 -2.87 28.55
N LEU A 382 5.05 -3.60 27.44
CA LEU A 382 5.77 -3.15 26.25
C LEU A 382 4.97 -3.53 25.02
N PHE A 383 4.57 -2.53 24.23
CA PHE A 383 3.80 -2.76 23.03
C PHE A 383 4.71 -2.82 21.82
N LEU A 384 4.50 -3.81 20.96
CA LEU A 384 5.27 -3.99 19.74
C LEU A 384 4.36 -3.74 18.54
N GLY A 385 4.34 -2.50 18.07
CA GLY A 385 3.60 -2.18 16.86
C GLY A 385 4.17 -2.91 15.65
N SER A 386 3.28 -3.39 14.80
CA SER A 386 3.71 -4.21 13.67
C SER A 386 2.76 -4.04 12.50
N ARG A 387 3.34 -3.87 11.31
CA ARG A 387 2.60 -3.99 10.06
C ARG A 387 2.85 -5.32 9.38
N LEU A 388 3.59 -6.23 10.02
CA LEU A 388 3.89 -7.56 9.51
C LEU A 388 3.42 -8.54 10.59
N GLY A 389 2.15 -8.92 10.54
CA GLY A 389 1.58 -9.75 11.58
C GLY A 389 0.91 -8.92 12.66
N ASN A 390 0.27 -9.63 13.59
CA ASN A 390 -0.52 -8.98 14.62
C ASN A 390 0.37 -8.24 15.60
N SER A 391 0.01 -6.99 15.90
CA SER A 391 0.74 -6.22 16.91
C SER A 391 0.49 -6.82 18.28
N LEU A 392 1.55 -6.98 19.06
CA LEU A 392 1.49 -7.67 20.34
C LEU A 392 1.76 -6.70 21.48
N LEU A 393 0.95 -6.82 22.53
CA LEU A 393 1.19 -6.13 23.79
C LEU A 393 1.80 -7.11 24.77
N LEU A 394 3.04 -6.84 25.19
CA LEU A 394 3.82 -7.75 26.00
C LEU A 394 3.93 -7.26 27.43
N LYS A 395 4.20 -8.20 28.33
CA LYS A 395 4.47 -7.91 29.73
C LYS A 395 5.79 -8.56 30.12
N TYR A 396 6.66 -7.79 30.76
CA TYR A 396 7.97 -8.27 31.18
C TYR A 396 8.10 -8.18 32.69
N THR A 397 8.69 -9.22 33.28
CA THR A 397 8.94 -9.27 34.71
C THR A 397 10.37 -9.72 34.95
N GLU A 398 10.99 -9.20 36.01
CA GLU A 398 12.35 -9.58 36.35
C GLU A 398 12.36 -10.99 36.89
N LYS A 399 13.23 -11.83 36.34
CA LYS A 399 13.22 -13.26 36.62
C LYS A 399 13.93 -13.57 37.93
N LEU A 400 13.95 -14.85 38.29
CA LEU A 400 14.62 -15.35 39.49
C LEU A 400 14.13 -14.62 40.75
N ALA A 459 17.79 -7.30 36.40
CA ALA A 459 18.74 -8.18 35.75
C ALA A 459 18.16 -8.74 34.46
N THR A 460 17.63 -9.96 34.52
CA THR A 460 17.01 -10.60 33.38
C THR A 460 15.50 -10.44 33.43
N TYR A 461 14.87 -10.57 32.26
CA TYR A 461 13.43 -10.39 32.14
C TYR A 461 12.83 -11.51 31.30
N SER A 462 11.57 -11.81 31.57
CA SER A 462 10.79 -12.75 30.78
C SER A 462 9.55 -12.06 30.24
N PHE A 463 9.23 -12.33 28.98
CA PHE A 463 8.15 -11.64 28.27
C PHE A 463 7.01 -12.60 27.99
N GLU A 464 5.80 -12.17 28.31
CA GLU A 464 4.58 -12.91 28.00
C GLU A 464 3.63 -12.02 27.22
N VAL A 465 2.85 -12.63 26.32
CA VAL A 465 1.92 -11.89 25.49
C VAL A 465 0.62 -11.66 26.26
N CYS A 466 0.22 -10.40 26.37
CA CYS A 466 -1.02 -10.04 27.07
C CYS A 466 -2.17 -9.76 26.12
N ASP A 467 -1.90 -9.22 24.94
CA ASP A 467 -2.96 -8.87 23.99
C ASP A 467 -2.38 -8.96 22.59
N SER A 468 -3.25 -8.82 21.60
CA SER A 468 -2.85 -8.93 20.21
C SER A 468 -3.86 -8.20 19.35
N ILE A 469 -3.41 -7.18 18.62
CA ILE A 469 -4.26 -6.45 17.69
C ILE A 469 -4.19 -7.14 16.34
N LEU A 470 -5.34 -7.52 15.80
CA LEU A 470 -5.38 -8.26 14.55
C LEU A 470 -4.83 -7.41 13.41
N ASN A 471 -4.02 -8.01 12.56
CA ASN A 471 -3.41 -7.33 11.42
C ASN A 471 -3.35 -8.29 10.25
N ILE A 472 -4.24 -8.10 9.28
CA ILE A 472 -4.05 -8.72 7.97
C ILE A 472 -2.96 -7.90 7.29
N GLY A 473 -1.76 -8.48 7.17
CA GLY A 473 -0.58 -7.72 6.82
C GLY A 473 -0.56 -7.34 5.35
N PRO A 474 0.64 -7.23 4.78
CA PRO A 474 0.74 -6.96 3.34
C PRO A 474 0.01 -8.01 2.53
N CYS A 475 -1.06 -7.60 1.85
CA CYS A 475 -1.86 -8.51 1.04
C CYS A 475 -1.13 -8.72 -0.29
N ALA A 476 -0.17 -9.63 -0.27
CA ALA A 476 0.61 -9.93 -1.46
C ALA A 476 -0.28 -10.46 -2.57
N ASN A 477 -1.20 -11.36 -2.24
CA ASN A 477 -2.12 -11.92 -3.21
C ASN A 477 -3.43 -12.25 -2.51
N ALA A 478 -4.51 -12.28 -3.29
CA ALA A 478 -5.83 -12.60 -2.76
C ALA A 478 -6.53 -13.54 -3.72
N ALA A 479 -7.26 -14.49 -3.16
CA ALA A 479 -8.02 -15.47 -3.94
C ALA A 479 -9.47 -15.42 -3.51
N VAL A 480 -10.37 -15.39 -4.48
CA VAL A 480 -11.80 -15.45 -4.21
C VAL A 480 -12.26 -16.89 -4.40
N GLY A 481 -13.06 -17.37 -3.44
CA GLY A 481 -13.55 -18.73 -3.50
C GLY A 481 -14.89 -18.86 -2.82
N GLU A 482 -15.50 -20.03 -2.99
CA GLU A 482 -16.82 -20.32 -2.45
C GLU A 482 -16.68 -20.94 -1.06
N PRO A 483 -17.37 -20.43 -0.05
CA PRO A 483 -17.32 -21.05 1.27
C PRO A 483 -17.83 -22.49 1.24
N ALA A 484 -17.21 -23.33 2.06
CA ALA A 484 -17.51 -24.75 2.03
C ALA A 484 -18.88 -25.04 2.65
N PHE A 485 -19.27 -24.31 3.68
CA PHE A 485 -20.50 -24.57 4.42
C PHE A 485 -21.47 -23.42 4.22
N LEU A 486 -22.56 -23.68 3.50
CA LEU A 486 -23.68 -22.76 3.38
C LEU A 486 -24.97 -23.53 3.60
N SER A 487 -25.95 -22.89 4.23
CA SER A 487 -27.18 -23.57 4.59
C SER A 487 -27.96 -23.99 3.35
N GLU A 488 -28.67 -25.11 3.47
CA GLU A 488 -29.52 -25.58 2.38
C GLU A 488 -30.62 -24.56 2.08
N GLU A 489 -31.00 -23.76 3.09
CA GLU A 489 -31.96 -22.70 2.86
C GLU A 489 -31.43 -21.67 1.88
N PHE A 490 -30.15 -21.33 1.99
CA PHE A 490 -29.53 -20.32 1.13
C PHE A 490 -28.83 -20.91 -0.08
N GLN A 491 -28.88 -22.24 -0.26
CA GLN A 491 -28.22 -22.86 -1.40
C GLN A 491 -28.75 -22.33 -2.73
N ASN A 492 -30.05 -22.07 -2.82
CA ASN A 492 -30.68 -21.67 -4.07
C ASN A 492 -30.75 -20.16 -4.25
N SER A 493 -30.04 -19.39 -3.42
CA SER A 493 -29.96 -17.96 -3.62
C SER A 493 -29.23 -17.67 -4.94
N PRO A 494 -29.73 -16.72 -5.74
CA PRO A 494 -29.11 -16.49 -7.05
C PRO A 494 -27.88 -15.60 -7.03
N GLU A 495 -27.56 -14.96 -5.91
CA GLU A 495 -26.31 -14.22 -5.79
C GLU A 495 -25.21 -15.16 -5.28
N PRO A 496 -24.03 -15.18 -5.90
CA PRO A 496 -23.01 -16.14 -5.50
C PRO A 496 -22.50 -15.88 -4.09
N ASP A 497 -22.13 -16.96 -3.41
CA ASP A 497 -21.54 -16.90 -2.08
C ASP A 497 -20.03 -16.99 -2.23
N LEU A 498 -19.32 -15.96 -1.76
CA LEU A 498 -17.90 -15.84 -2.00
C LEU A 498 -17.17 -15.42 -0.73
N GLU A 499 -15.90 -15.81 -0.65
CA GLU A 499 -15.01 -15.38 0.42
C GLU A 499 -13.66 -15.04 -0.17
N ILE A 500 -12.90 -14.22 0.55
CA ILE A 500 -11.59 -13.75 0.11
C ILE A 500 -10.54 -14.38 1.00
N VAL A 501 -9.58 -15.06 0.38
CA VAL A 501 -8.42 -15.62 1.09
C VAL A 501 -7.21 -14.80 0.69
N VAL A 502 -6.52 -14.25 1.69
CA VAL A 502 -5.47 -13.25 1.48
C VAL A 502 -4.16 -13.81 2.01
N CYS A 503 -3.11 -13.71 1.20
CA CYS A 503 -1.75 -13.99 1.66
C CYS A 503 -1.25 -12.78 2.42
N SER A 504 -1.26 -12.86 3.74
CA SER A 504 -0.93 -11.74 4.62
C SER A 504 0.29 -12.07 5.48
N GLY A 505 0.81 -11.05 6.14
CA GLY A 505 1.96 -11.21 7.00
C GLY A 505 3.23 -11.46 6.21
N HIS A 506 4.29 -11.76 6.96
CA HIS A 506 5.58 -12.07 6.36
C HIS A 506 6.42 -12.87 7.36
N GLY A 507 7.20 -13.81 6.83
CA GLY A 507 8.13 -14.56 7.67
C GLY A 507 7.39 -15.41 8.70
N LYS A 508 7.85 -15.32 9.94
CA LYS A 508 7.22 -16.07 11.02
C LYS A 508 5.78 -15.64 11.26
N ASN A 509 5.40 -14.43 10.85
CA ASN A 509 4.05 -13.93 10.99
C ASN A 509 3.23 -14.09 9.72
N GLY A 510 3.78 -14.75 8.69
CA GLY A 510 3.00 -15.01 7.50
C GLY A 510 1.81 -15.91 7.80
N ALA A 511 0.68 -15.63 7.16
CA ALA A 511 -0.55 -16.34 7.46
C ALA A 511 -1.47 -16.27 6.26
N LEU A 512 -2.60 -16.97 6.38
CA LEU A 512 -3.69 -16.91 5.42
C LEU A 512 -4.90 -16.33 6.13
N SER A 513 -5.48 -15.28 5.54
CA SER A 513 -6.64 -14.63 6.12
C SER A 513 -7.87 -14.90 5.25
N VAL A 514 -8.90 -15.49 5.86
CA VAL A 514 -10.17 -15.71 5.19
C VAL A 514 -11.09 -14.54 5.55
N LEU A 515 -11.54 -13.81 4.54
CA LEU A 515 -12.29 -12.58 4.73
C LEU A 515 -13.68 -12.73 4.12
N GLN A 516 -14.70 -12.48 4.93
CA GLN A 516 -16.08 -12.44 4.48
C GLN A 516 -16.71 -11.15 4.99
N LYS A 517 -17.34 -10.40 4.08
CA LYS A 517 -17.95 -9.14 4.48
C LYS A 517 -19.23 -9.36 5.27
N SER A 518 -20.04 -10.33 4.86
CA SER A 518 -21.36 -10.54 5.44
C SER A 518 -21.39 -11.81 6.28
N ILE A 519 -22.34 -11.84 7.22
CA ILE A 519 -22.50 -12.99 8.10
C ILE A 519 -23.52 -13.95 7.48
N ARG A 520 -23.14 -15.22 7.38
CA ARG A 520 -24.01 -16.25 6.83
C ARG A 520 -24.49 -17.15 7.96
N PRO A 521 -25.78 -17.12 8.32
CA PRO A 521 -26.26 -17.93 9.43
C PRO A 521 -26.15 -19.42 9.14
N GLN A 522 -25.94 -20.19 10.20
CA GLN A 522 -25.93 -21.64 10.13
C GLN A 522 -27.26 -22.16 10.68
N VAL A 523 -28.20 -22.43 9.77
CA VAL A 523 -29.56 -22.76 10.15
C VAL A 523 -29.62 -24.21 10.60
N VAL A 524 -30.16 -24.44 11.81
CA VAL A 524 -30.33 -25.78 12.34
C VAL A 524 -31.63 -26.38 11.81
N THR A 525 -32.75 -25.72 12.11
CA THR A 525 -34.06 -26.16 11.63
C THR A 525 -34.90 -24.95 11.27
N THR A 526 -35.89 -25.18 10.41
CA THR A 526 -36.72 -24.11 9.86
C THR A 526 -38.18 -24.37 10.23
N PHE A 527 -38.84 -23.34 10.73
CA PHE A 527 -40.27 -23.37 11.01
C PHE A 527 -40.99 -22.41 10.06
N GLU A 528 -42.10 -22.88 9.50
CA GLU A 528 -42.96 -22.04 8.66
C GLU A 528 -44.16 -21.62 9.51
N LEU A 529 -44.15 -20.38 9.98
CA LEU A 529 -45.17 -19.86 10.89
C LEU A 529 -45.72 -18.55 10.35
N PRO A 530 -46.58 -18.61 9.34
CA PRO A 530 -47.14 -17.37 8.77
C PRO A 530 -48.05 -16.66 9.77
N GLY A 531 -48.10 -15.33 9.64
CA GLY A 531 -48.93 -14.51 10.47
C GLY A 531 -48.27 -13.98 11.73
N CYS A 532 -47.08 -14.46 12.07
CA CYS A 532 -46.34 -13.98 13.23
C CYS A 532 -45.39 -12.88 12.77
N TYR A 533 -45.63 -11.66 13.24
CA TYR A 533 -44.83 -10.50 12.82
C TYR A 533 -43.74 -10.13 13.82
N ASP A 534 -43.91 -10.48 15.10
CA ASP A 534 -42.94 -10.14 16.13
C ASP A 534 -42.65 -11.35 17.01
N MET A 535 -41.47 -11.36 17.60
CA MET A 535 -41.05 -12.45 18.48
C MET A 535 -40.43 -11.86 19.73
N TRP A 536 -40.47 -12.65 20.81
CA TRP A 536 -39.71 -12.39 22.02
C TRP A 536 -39.33 -13.71 22.66
N THR A 537 -38.08 -13.80 23.12
CA THR A 537 -37.55 -15.01 23.72
C THR A 537 -37.15 -14.71 25.15
N VAL A 538 -37.63 -15.52 26.09
CA VAL A 538 -37.45 -15.26 27.51
C VAL A 538 -36.70 -16.42 28.15
N ILE A 539 -36.25 -16.19 29.38
CA ILE A 539 -35.51 -17.18 30.16
C ILE A 539 -36.47 -17.80 31.17
N ALA A 540 -36.63 -19.12 31.09
CA ALA A 540 -37.50 -19.79 32.04
C ALA A 540 -36.71 -20.22 33.27
N PRO A 541 -37.35 -20.27 34.45
CA PRO A 541 -36.72 -20.70 35.69
C PRO A 541 -36.18 -22.13 35.61
N ARG A 570 -30.25 -19.57 32.44
CA ARG A 570 -29.35 -19.26 31.34
C ARG A 570 -29.96 -19.71 30.01
N ARG A 571 -30.84 -20.71 30.08
CA ARG A 571 -31.44 -21.29 28.88
C ARG A 571 -32.80 -20.64 28.62
N HIS A 572 -33.09 -20.42 27.34
CA HIS A 572 -34.37 -19.83 26.95
C HIS A 572 -35.45 -20.90 26.97
N GLY A 573 -36.54 -20.64 27.70
CA GLY A 573 -37.57 -21.63 27.91
C GLY A 573 -38.82 -21.44 27.08
N PHE A 574 -39.09 -20.20 26.67
CA PHE A 574 -40.29 -19.91 25.90
C PHE A 574 -39.95 -19.01 24.72
N LEU A 575 -40.79 -19.09 23.69
CA LEU A 575 -40.70 -18.23 22.52
C LEU A 575 -42.08 -17.65 22.27
N ILE A 576 -42.24 -16.36 22.50
CA ILE A 576 -43.52 -15.68 22.36
C ILE A 576 -43.62 -15.12 20.96
N LEU A 577 -44.66 -15.52 20.23
CA LEU A 577 -44.92 -15.03 18.88
C LEU A 577 -46.27 -14.32 18.85
N SER A 578 -46.30 -13.18 18.15
CA SER A 578 -47.47 -12.32 18.09
C SER A 578 -48.07 -12.39 16.69
N ARG A 579 -49.37 -12.69 16.62
CA ARG A 579 -50.13 -12.65 15.39
C ARG A 579 -51.02 -11.41 15.38
N GLU A 580 -51.82 -11.26 14.32
CA GLU A 580 -52.65 -10.08 14.19
C GLU A 580 -53.69 -10.01 15.30
N ASP A 581 -54.31 -11.14 15.65
CA ASP A 581 -55.33 -11.18 16.68
C ASP A 581 -55.08 -12.25 17.74
N SER A 582 -54.01 -13.04 17.60
CA SER A 582 -53.72 -14.10 18.58
C SER A 582 -52.25 -14.07 19.00
N THR A 583 -51.82 -15.09 19.74
CA THR A 583 -50.45 -15.17 20.21
C THR A 583 -50.04 -16.63 20.31
N MET A 584 -48.90 -16.96 19.72
CA MET A 584 -48.34 -18.31 19.79
C MET A 584 -47.26 -18.35 20.87
N ILE A 585 -47.33 -19.35 21.74
CA ILE A 585 -46.35 -19.56 22.79
C ILE A 585 -45.68 -20.90 22.52
N LEU A 586 -44.39 -20.88 22.20
CA LEU A 586 -43.62 -22.08 21.94
C LEU A 586 -42.66 -22.32 23.11
N GLN A 587 -42.80 -23.49 23.75
CA GLN A 587 -41.94 -23.86 24.86
C GLN A 587 -40.69 -24.54 24.30
N THR A 588 -39.53 -24.01 24.66
CA THR A 588 -38.26 -24.45 24.07
C THR A 588 -37.48 -25.28 25.08
N GLY A 589 -37.02 -26.45 24.63
CA GLY A 589 -36.24 -27.36 25.44
C GLY A 589 -35.54 -28.36 24.56
N GLN A 590 -35.53 -29.64 24.95
CA GLN A 590 -35.03 -30.66 24.04
C GLN A 590 -35.91 -30.78 22.80
N GLU A 591 -37.18 -30.41 22.90
CA GLU A 591 -38.08 -30.34 21.76
C GLU A 591 -38.91 -29.07 21.89
N ILE A 592 -39.30 -28.49 20.77
CA ILE A 592 -40.09 -27.25 20.74
C ILE A 592 -41.51 -27.63 20.36
N MET A 593 -42.44 -27.38 21.28
CA MET A 593 -43.85 -27.68 21.07
C MET A 593 -44.68 -26.44 21.42
N GLU A 594 -45.80 -26.29 20.73
CA GLU A 594 -46.69 -25.16 21.00
C GLU A 594 -47.33 -25.32 22.37
N LEU A 595 -47.20 -24.29 23.19
CA LEU A 595 -47.77 -24.31 24.54
C LEU A 595 -49.22 -23.85 24.48
N ASP A 596 -50.15 -24.79 24.60
CA ASP A 596 -51.57 -24.49 24.61
C ASP A 596 -52.14 -24.34 26.01
N THR A 597 -51.31 -24.51 27.04
CA THR A 597 -51.77 -24.34 28.41
C THR A 597 -52.01 -22.88 28.73
N SER A 598 -52.72 -22.64 29.83
CA SER A 598 -53.08 -21.28 30.23
C SER A 598 -51.86 -20.59 30.83
N GLY A 599 -52.05 -19.35 31.29
CA GLY A 599 -50.97 -18.57 31.85
C GLY A 599 -50.52 -17.45 30.94
N PHE A 600 -50.45 -17.73 29.65
CA PHE A 600 -50.03 -16.77 28.64
C PHE A 600 -51.24 -16.24 27.89
N ALA A 601 -51.28 -14.94 27.66
CA ALA A 601 -52.38 -14.32 26.93
C ALA A 601 -52.25 -14.66 25.45
N THR A 602 -52.92 -15.72 25.02
CA THR A 602 -52.90 -16.15 23.62
C THR A 602 -54.12 -15.69 22.83
N GLN A 603 -55.04 -14.96 23.46
CA GLN A 603 -56.26 -14.52 22.81
C GLN A 603 -56.12 -13.19 22.07
N GLY A 604 -54.93 -12.59 22.10
CA GLY A 604 -54.71 -11.33 21.42
C GLY A 604 -53.25 -11.13 21.07
N PRO A 605 -52.97 -10.11 20.26
CA PRO A 605 -51.58 -9.79 19.95
C PRO A 605 -50.84 -9.28 21.18
N THR A 606 -49.53 -9.48 21.19
CA THR A 606 -48.68 -9.07 22.29
C THR A 606 -47.79 -7.92 21.86
N VAL A 607 -47.68 -6.91 22.71
CA VAL A 607 -46.84 -5.75 22.40
C VAL A 607 -45.38 -6.05 22.71
N PHE A 608 -45.12 -6.66 23.86
CA PHE A 608 -43.75 -6.98 24.25
C PHE A 608 -43.77 -8.13 25.25
N ALA A 609 -42.72 -8.95 25.20
CA ALA A 609 -42.51 -10.01 26.19
C ALA A 609 -41.03 -10.03 26.55
N GLY A 610 -40.74 -10.15 27.83
CA GLY A 610 -39.36 -10.13 28.27
C GLY A 610 -39.20 -10.66 29.67
N ASN A 611 -37.97 -10.61 30.16
CA ASN A 611 -37.63 -11.09 31.49
C ASN A 611 -37.49 -9.91 32.44
N ILE A 612 -38.13 -10.03 33.60
CA ILE A 612 -38.09 -8.97 34.60
C ILE A 612 -37.37 -9.52 35.83
N GLY A 613 -36.92 -8.63 36.71
CA GLY A 613 -36.16 -9.09 37.86
C GLY A 613 -34.77 -9.53 37.44
N ASP A 614 -34.43 -10.77 37.77
CA ASP A 614 -33.11 -11.33 37.47
C ASP A 614 -33.27 -12.62 36.66
N ASN A 615 -34.07 -12.55 35.58
CA ASN A 615 -34.43 -13.69 34.75
C ASN A 615 -35.26 -14.73 35.50
N ARG A 616 -35.85 -14.33 36.63
CA ARG A 616 -36.70 -15.23 37.41
C ARG A 616 -38.16 -15.16 37.00
N TYR A 617 -38.65 -14.00 36.61
CA TYR A 617 -40.03 -13.83 36.17
C TYR A 617 -40.06 -13.42 34.71
N ILE A 618 -41.25 -13.50 34.13
CA ILE A 618 -41.49 -13.14 32.73
C ILE A 618 -42.59 -12.09 32.69
N VAL A 619 -42.37 -11.04 31.91
CA VAL A 619 -43.34 -9.98 31.72
C VAL A 619 -43.84 -10.03 30.28
N GLN A 620 -45.16 -9.98 30.10
CA GLN A 620 -45.79 -10.03 28.79
C GLN A 620 -46.72 -8.85 28.64
N VAL A 621 -46.52 -8.06 27.58
CA VAL A 621 -47.26 -6.82 27.37
C VAL A 621 -48.32 -7.07 26.30
N SER A 622 -49.54 -6.62 26.58
CA SER A 622 -50.66 -6.72 25.66
C SER A 622 -51.31 -5.35 25.53
N PRO A 623 -52.00 -5.08 24.41
CA PRO A 623 -52.71 -3.80 24.28
C PRO A 623 -53.75 -3.59 25.35
N LEU A 624 -54.18 -4.69 25.99
CA LEU A 624 -55.17 -4.58 27.05
C LEU A 624 -54.54 -4.26 28.40
N GLY A 625 -53.40 -4.83 28.70
CA GLY A 625 -52.79 -4.60 29.99
C GLY A 625 -51.45 -5.29 30.12
N ILE A 626 -51.00 -5.38 31.38
CA ILE A 626 -49.70 -5.96 31.73
C ILE A 626 -49.92 -7.09 32.72
N ARG A 627 -49.13 -8.16 32.57
CA ARG A 627 -49.23 -9.33 33.44
C ARG A 627 -47.83 -9.82 33.80
N LEU A 628 -47.72 -10.42 34.98
CA LEU A 628 -46.47 -11.01 35.44
C LEU A 628 -46.56 -12.54 35.37
N LEU A 629 -45.45 -13.15 34.94
CA LEU A 629 -45.46 -14.58 34.66
C LEU A 629 -44.26 -15.24 35.32
N GLU A 630 -44.51 -16.35 36.02
CA GLU A 630 -43.46 -17.22 36.52
C GLU A 630 -43.49 -18.52 35.73
N GLY A 631 -42.60 -18.66 34.75
CA GLY A 631 -42.64 -19.78 33.85
C GLY A 631 -43.97 -19.85 33.12
N VAL A 632 -44.66 -20.98 33.22
CA VAL A 632 -46.01 -21.08 32.67
C VAL A 632 -47.05 -20.43 33.57
N ASN A 633 -46.74 -20.20 34.84
CA ASN A 633 -47.71 -19.67 35.79
C ASN A 633 -47.83 -18.16 35.64
N GLN A 634 -49.04 -17.64 35.86
CA GLN A 634 -49.32 -16.22 35.82
C GLN A 634 -49.59 -15.72 37.23
N LEU A 635 -48.93 -14.63 37.61
CA LEU A 635 -49.11 -14.09 38.96
C LEU A 635 -50.33 -13.18 39.07
N HIS A 636 -50.37 -12.11 38.30
CA HIS A 636 -51.52 -11.22 38.29
C HIS A 636 -51.51 -10.43 36.99
N PHE A 637 -52.65 -9.85 36.64
CA PHE A 637 -52.84 -9.13 35.38
C PHE A 637 -53.66 -7.87 35.64
N ILE A 638 -52.98 -6.74 35.81
CA ILE A 638 -53.67 -5.46 35.97
C ILE A 638 -53.89 -4.84 34.60
N PRO A 639 -55.12 -4.47 34.25
CA PRO A 639 -55.36 -3.80 32.97
C PRO A 639 -54.67 -2.44 32.91
N VAL A 640 -54.24 -2.08 31.70
CA VAL A 640 -53.55 -0.81 31.46
C VAL A 640 -54.40 -0.03 30.47
N ASP A 641 -54.77 1.19 30.84
CA ASP A 641 -55.57 2.04 29.97
C ASP A 641 -55.28 3.51 30.23
N ALA A 644 -55.40 5.18 25.26
CA ALA A 644 -54.91 4.63 24.01
C ALA A 644 -54.25 3.28 24.22
N PRO A 645 -54.39 2.38 23.24
CA PRO A 645 -53.78 1.06 23.36
C PRO A 645 -52.26 1.12 23.38
N ILE A 646 -51.65 0.16 24.08
CA ILE A 646 -50.20 0.09 24.16
C ILE A 646 -49.63 -0.26 22.79
N VAL A 647 -48.58 0.46 22.39
CA VAL A 647 -47.95 0.24 21.10
C VAL A 647 -46.47 -0.08 21.29
N GLN A 648 -45.90 0.34 22.41
CA GLN A 648 -44.49 0.10 22.68
C GLN A 648 -44.26 0.01 24.18
N CYS A 649 -43.42 -0.94 24.60
CA CYS A 649 -43.00 -1.09 25.98
C CYS A 649 -41.50 -1.28 26.04
N ALA A 650 -40.89 -0.73 27.08
CA ALA A 650 -39.46 -0.88 27.33
C ALA A 650 -39.26 -1.43 28.73
N VAL A 651 -38.41 -2.45 28.86
CA VAL A 651 -38.15 -3.13 30.12
C VAL A 651 -36.66 -3.12 30.40
N ALA A 652 -36.29 -2.64 31.59
CA ALA A 652 -34.90 -2.68 32.03
C ALA A 652 -34.91 -2.59 33.55
N ASP A 653 -34.54 -3.68 34.23
CA ASP A 653 -34.59 -3.79 35.69
C ASP A 653 -36.04 -3.68 36.15
N PRO A 654 -36.33 -3.75 37.48
CA PRO A 654 -37.71 -3.58 37.95
C PRO A 654 -38.51 -2.47 37.27
N TYR A 655 -37.84 -1.42 36.82
CA TYR A 655 -38.52 -0.33 36.13
C TYR A 655 -38.99 -0.78 34.75
N VAL A 656 -40.28 -0.59 34.50
CA VAL A 656 -40.90 -0.93 33.22
C VAL A 656 -41.76 0.25 32.79
N VAL A 657 -41.53 0.77 31.60
CA VAL A 657 -42.27 1.92 31.08
C VAL A 657 -43.17 1.48 29.95
N ILE A 658 -44.34 2.09 29.86
CA ILE A 658 -45.37 1.74 28.88
C ILE A 658 -45.75 3.01 28.13
N MET A 659 -45.79 2.93 26.80
CA MET A 659 -46.20 4.04 25.96
C MET A 659 -47.40 3.62 25.12
N SER A 660 -48.41 4.47 25.07
CA SER A 660 -49.63 4.18 24.32
C SER A 660 -49.52 4.76 22.91
N ALA A 661 -50.64 4.75 22.18
CA ALA A 661 -50.64 5.26 20.81
C ALA A 661 -50.64 6.79 20.77
N GLU A 662 -51.21 7.45 21.78
CA GLU A 662 -51.31 8.89 21.83
C GLU A 662 -50.16 9.54 22.58
N GLY A 663 -49.15 8.76 22.97
CA GLY A 663 -47.99 9.30 23.66
C GLY A 663 -48.06 9.25 25.17
N HIS A 664 -49.10 8.64 25.74
CA HIS A 664 -49.17 8.51 27.19
C HIS A 664 -48.07 7.57 27.68
N VAL A 665 -47.46 7.93 28.81
CA VAL A 665 -46.34 7.17 29.36
C VAL A 665 -46.72 6.68 30.75
N THR A 666 -46.61 5.36 30.95
CA THR A 666 -46.91 4.73 32.23
C THR A 666 -45.73 3.87 32.64
N MET A 667 -45.42 3.91 33.93
CA MET A 667 -44.23 3.25 34.47
C MET A 667 -44.63 2.20 35.49
N PHE A 668 -43.96 1.04 35.41
CA PHE A 668 -44.23 -0.09 36.28
C PHE A 668 -42.94 -0.51 36.97
N LEU A 669 -43.00 -0.70 38.28
CA LEU A 669 -41.86 -1.10 39.08
C LEU A 669 -42.13 -2.46 39.71
N LEU A 670 -41.12 -3.33 39.66
CA LEU A 670 -41.21 -4.67 40.27
C LEU A 670 -40.86 -4.54 41.75
N LYS A 671 -41.88 -4.48 42.60
CA LYS A 671 -41.71 -4.32 44.04
C LYS A 671 -41.92 -5.67 44.72
N SER A 672 -40.93 -6.11 45.49
CA SER A 672 -41.02 -7.38 46.20
C SER A 672 -41.99 -7.28 47.38
N HIS A 680 -42.75 -10.92 44.74
CA HIS A 680 -42.55 -9.93 43.69
C HIS A 680 -43.88 -9.52 43.05
N ARG A 681 -44.01 -8.24 42.73
CA ARG A 681 -45.23 -7.71 42.15
C ARG A 681 -44.91 -6.42 41.41
N LEU A 682 -45.64 -6.18 40.33
CA LEU A 682 -45.47 -5.00 39.50
C LEU A 682 -46.29 -3.86 40.10
N ALA A 683 -45.62 -2.80 40.53
CA ALA A 683 -46.27 -1.64 41.12
C ALA A 683 -46.51 -0.57 40.07
N LEU A 684 -47.38 0.38 40.40
CA LEU A 684 -47.74 1.46 39.50
C LEU A 684 -47.13 2.76 39.99
N HIS A 685 -46.47 3.48 39.08
CA HIS A 685 -45.85 4.77 39.38
C HIS A 685 -46.04 5.67 38.16
N LYS A 686 -46.82 6.72 38.30
CA LYS A 686 -47.05 7.63 37.19
C LYS A 686 -45.84 8.54 36.99
N PRO A 687 -45.23 8.55 35.80
CA PRO A 687 -44.08 9.43 35.57
C PRO A 687 -44.50 10.88 35.50
N PRO A 688 -43.91 11.75 36.31
CA PRO A 688 -44.21 13.18 36.21
C PRO A 688 -43.58 13.80 34.97
N LEU A 689 -44.38 14.09 33.96
CA LEU A 689 -43.87 14.63 32.71
C LEU A 689 -44.86 15.67 32.19
N HIS A 690 -44.39 16.90 32.00
CA HIS A 690 -45.21 17.93 31.39
C HIS A 690 -45.31 17.69 29.89
N HIS A 691 -46.51 17.79 29.35
CA HIS A 691 -46.77 17.44 27.95
C HIS A 691 -46.70 18.68 27.05
N GLN A 692 -45.50 19.26 26.97
CA GLN A 692 -45.27 20.30 25.97
C GLN A 692 -45.40 19.72 24.56
N SER A 693 -44.84 18.54 24.33
CA SER A 693 -44.91 17.85 23.06
C SER A 693 -45.24 16.38 23.30
N LYS A 694 -45.86 15.76 22.31
CA LYS A 694 -46.27 14.38 22.43
C LYS A 694 -45.06 13.45 22.30
N VAL A 695 -44.95 12.48 23.20
CA VAL A 695 -43.87 11.51 23.13
C VAL A 695 -44.17 10.51 22.02
N ILE A 696 -43.20 10.32 21.12
CA ILE A 696 -43.39 9.47 19.96
C ILE A 696 -42.68 8.14 20.12
N THR A 697 -41.61 8.09 20.92
CA THR A 697 -40.90 6.85 21.17
C THR A 697 -40.17 6.94 22.50
N LEU A 698 -39.84 5.78 23.06
CA LEU A 698 -39.22 5.69 24.38
C LEU A 698 -38.05 4.71 24.33
N CYS A 699 -37.26 4.72 25.40
CA CYS A 699 -36.15 3.81 25.54
C CYS A 699 -35.74 3.75 27.01
N LEU A 700 -35.31 2.58 27.46
CA LEU A 700 -34.75 2.40 28.79
C LEU A 700 -33.32 1.87 28.67
N TYR A 701 -32.50 2.22 29.66
CA TYR A 701 -31.08 1.88 29.62
C TYR A 701 -30.53 1.72 31.02
N ARG A 702 -29.82 0.62 31.25
CA ARG A 702 -29.11 0.37 32.49
C ARG A 702 -27.64 0.68 32.28
N ASP A 703 -27.09 1.55 33.13
CA ASP A 703 -25.69 1.93 33.04
C ASP A 703 -24.89 1.16 34.08
N LEU A 704 -23.98 0.30 33.61
CA LEU A 704 -23.07 -0.43 34.48
C LEU A 704 -21.69 0.21 34.56
N SER A 705 -21.18 0.70 33.44
CA SER A 705 -19.97 1.53 33.44
C SER A 705 -20.39 2.97 33.75
N GLY A 706 -19.73 3.59 34.72
CA GLY A 706 -20.19 4.86 35.22
C GLY A 706 -19.93 6.04 34.31
N MET A 707 -20.27 5.89 33.03
CA MET A 707 -20.18 7.04 32.12
C MET A 707 -21.30 8.04 32.40
N PHE A 708 -22.54 7.55 32.59
CA PHE A 708 -23.65 8.43 32.94
C PHE A 708 -23.51 8.78 34.42
N THR A 709 -22.63 9.75 34.68
CA THR A 709 -22.26 10.10 36.06
C THR A 709 -23.24 11.06 36.71
N THR A 710 -23.60 12.14 36.03
CA THR A 710 -24.49 13.13 36.61
C THR A 710 -25.71 13.36 35.72
N GLU A 780 -24.89 0.30 42.78
CA GLU A 780 -24.03 0.76 41.69
C GLU A 780 -24.77 1.05 40.38
N PRO A 781 -25.61 0.12 39.90
CA PRO A 781 -26.34 0.38 38.65
C PRO A 781 -27.23 1.60 38.77
N THR A 782 -27.31 2.37 37.69
CA THR A 782 -28.19 3.53 37.59
C THR A 782 -29.05 3.41 36.35
N HIS A 783 -30.22 4.02 36.40
CA HIS A 783 -31.26 3.81 35.39
C HIS A 783 -31.60 5.13 34.71
N TRP A 784 -31.69 5.10 33.38
CA TRP A 784 -32.00 6.27 32.59
C TRP A 784 -33.03 5.91 31.53
N CYS A 785 -33.81 6.90 31.11
CA CYS A 785 -34.85 6.73 30.11
C CYS A 785 -34.64 7.75 29.00
N LEU A 786 -34.41 7.26 27.78
CA LEU A 786 -34.29 8.14 26.63
C LEU A 786 -35.65 8.34 26.00
N LEU A 787 -35.98 9.59 25.69
CA LEU A 787 -37.33 9.97 25.27
C LEU A 787 -37.24 10.97 24.14
N VAL A 788 -37.96 10.71 23.05
CA VAL A 788 -38.02 11.60 21.90
C VAL A 788 -39.42 12.17 21.80
N ARG A 789 -39.52 13.49 21.72
CA ARG A 789 -40.80 14.18 21.64
C ARG A 789 -41.17 14.43 20.17
N GLU A 790 -42.40 14.90 19.96
CA GLU A 790 -42.88 15.18 18.61
C GLU A 790 -42.19 16.39 18.00
N ASN A 791 -41.86 17.40 18.79
CA ASN A 791 -41.21 18.59 18.26
C ASN A 791 -39.77 18.36 17.84
N GLY A 792 -39.25 17.15 18.00
CA GLY A 792 -37.89 16.84 17.60
C GLY A 792 -36.84 16.95 18.68
N THR A 793 -37.24 16.99 19.95
CA THR A 793 -36.31 17.10 21.06
C THR A 793 -36.15 15.75 21.74
N MET A 794 -34.90 15.32 21.92
CA MET A 794 -34.59 14.13 22.68
C MET A 794 -34.31 14.50 24.14
N GLU A 795 -34.95 13.82 25.07
CA GLU A 795 -34.80 14.10 26.49
C GLU A 795 -34.44 12.82 27.22
N ILE A 796 -33.38 12.87 28.02
CA ILE A 796 -32.94 11.74 28.83
C ILE A 796 -33.26 12.05 30.29
N TYR A 797 -33.91 11.11 30.97
CA TYR A 797 -34.35 11.30 32.34
C TYR A 797 -33.68 10.27 33.23
N GLN A 798 -33.46 10.64 34.49
CA GLN A 798 -33.07 9.66 35.51
C GLN A 798 -34.29 8.85 35.91
N LEU A 799 -34.25 7.55 35.63
CA LEU A 799 -35.47 6.74 35.66
C LEU A 799 -36.19 6.71 37.00
N PRO A 800 -35.53 6.49 38.14
CA PRO A 800 -36.29 6.40 39.41
C PRO A 800 -37.07 7.67 39.74
N ASP A 801 -36.53 8.84 39.43
CA ASP A 801 -37.16 10.10 39.80
C ASP A 801 -37.66 10.91 38.61
N TRP A 802 -37.33 10.52 37.38
CA TRP A 802 -37.74 11.24 36.17
C TRP A 802 -37.26 12.69 36.21
N ARG A 803 -35.96 12.86 36.40
CA ARG A 803 -35.34 14.18 36.40
C ARG A 803 -34.60 14.38 35.09
N LEU A 804 -34.89 15.49 34.41
CA LEU A 804 -34.28 15.77 33.11
C LEU A 804 -32.79 16.06 33.26
N VAL A 805 -31.98 15.31 32.53
CA VAL A 805 -30.53 15.48 32.58
C VAL A 805 -29.90 15.76 31.23
N PHE A 806 -30.59 15.52 30.12
CA PHE A 806 -30.02 15.69 28.79
C PHE A 806 -31.11 16.10 27.83
N LEU A 807 -30.79 17.00 26.90
CA LEU A 807 -31.77 17.52 25.97
C LEU A 807 -31.08 17.95 24.68
N VAL A 808 -31.64 17.55 23.54
CA VAL A 808 -31.16 17.94 22.23
C VAL A 808 -32.25 18.75 21.56
N LYS A 809 -31.92 19.98 21.14
CA LYS A 809 -32.92 20.88 20.60
C LYS A 809 -33.49 20.39 19.27
N ASN A 810 -32.63 19.90 18.36
CA ASN A 810 -33.07 19.42 17.05
C ASN A 810 -32.46 18.03 16.85
N PHE A 811 -33.19 17.00 17.30
CA PHE A 811 -32.64 15.65 17.27
C PHE A 811 -32.76 14.98 15.90
N PRO A 812 -33.92 14.96 15.24
CA PRO A 812 -34.05 14.14 14.02
C PRO A 812 -33.15 14.57 12.87
N VAL A 813 -32.63 15.80 12.88
CA VAL A 813 -31.80 16.26 11.78
C VAL A 813 -30.49 15.49 11.69
N GLY A 814 -30.12 14.76 12.74
CA GLY A 814 -28.92 13.97 12.71
C GLY A 814 -27.64 14.79 12.83
N GLN A 815 -27.54 15.58 13.88
CA GLN A 815 -26.35 16.40 14.10
C GLN A 815 -25.14 15.52 14.36
N ARG A 816 -23.97 16.02 13.95
CA ARG A 816 -22.74 15.26 14.07
C ARG A 816 -22.38 15.01 15.54
N VAL A 817 -22.58 16.00 16.41
CA VAL A 817 -22.31 15.88 17.83
C VAL A 817 -23.53 16.37 18.59
N LEU A 818 -23.99 15.59 19.56
CA LEU A 818 -25.14 15.93 20.38
C LEU A 818 -24.68 16.61 21.65
N VAL A 819 -25.26 17.77 21.96
CA VAL A 819 -24.90 18.53 23.14
C VAL A 819 -26.15 18.76 23.98
N ASP A 820 -25.94 18.89 25.29
CA ASP A 820 -27.06 19.10 26.20
C ASP A 820 -27.67 20.48 25.99
N SER A 821 -29.00 20.54 26.01
CA SER A 821 -29.75 21.78 25.82
C SER A 821 -29.37 22.46 24.52
N PRO A 844 -37.09 14.05 10.56
CA PRO A 844 -38.33 14.13 11.35
C PRO A 844 -39.01 12.78 11.56
N LEU A 845 -39.92 12.71 12.52
CA LEU A 845 -40.69 11.51 12.83
C LEU A 845 -39.75 10.35 13.17
N VAL A 846 -39.09 10.52 14.32
CA VAL A 846 -38.24 9.47 14.87
C VAL A 846 -39.10 8.25 15.17
N LYS A 847 -38.70 7.09 14.68
CA LYS A 847 -39.51 5.89 14.79
C LYS A 847 -39.05 4.93 15.88
N GLU A 848 -37.76 4.95 16.24
CA GLU A 848 -37.23 4.00 17.21
C GLU A 848 -35.88 4.44 17.76
N VAL A 849 -35.70 4.35 19.07
CA VAL A 849 -34.43 4.65 19.73
C VAL A 849 -34.06 3.48 20.63
N LEU A 850 -32.78 3.15 20.67
CA LEU A 850 -32.27 2.11 21.56
C LEU A 850 -30.95 2.58 22.16
N LEU A 851 -30.93 2.75 23.48
CA LEU A 851 -29.72 3.12 24.20
C LEU A 851 -29.20 1.90 24.95
N VAL A 852 -28.02 1.41 24.56
CA VAL A 852 -27.43 0.22 25.15
C VAL A 852 -25.95 0.47 25.42
N ALA A 853 -25.42 -0.20 26.44
CA ALA A 853 -23.99 -0.17 26.73
C ALA A 853 -23.36 -1.47 26.23
N LEU A 854 -22.29 -1.35 25.45
CA LEU A 854 -21.60 -2.49 24.90
C LEU A 854 -20.15 -2.47 25.36
N GLY A 855 -19.36 -3.41 24.84
CA GLY A 855 -17.97 -3.52 25.21
C GLY A 855 -17.74 -4.49 26.36
N SER A 856 -16.60 -4.31 27.02
CA SER A 856 -16.27 -5.12 28.18
C SER A 856 -16.96 -4.56 29.41
N ARG A 857 -17.74 -5.42 30.09
CA ARG A 857 -18.51 -5.02 31.27
C ARG A 857 -19.45 -3.87 30.96
N GLN A 858 -20.01 -3.89 29.75
CA GLN A 858 -20.93 -2.86 29.26
C GLN A 858 -20.33 -1.46 29.47
N SER A 859 -19.22 -1.22 28.77
CA SER A 859 -18.44 0.00 28.95
C SER A 859 -18.76 1.08 27.93
N ARG A 860 -19.24 0.72 26.75
CA ARG A 860 -19.43 1.69 25.67
C ARG A 860 -20.92 1.91 25.41
N PRO A 861 -21.51 3.00 25.91
CA PRO A 861 -22.92 3.29 25.60
C PRO A 861 -23.07 3.74 24.15
N TYR A 862 -24.04 3.15 23.46
CA TYR A 862 -24.33 3.50 22.08
C TYR A 862 -25.81 3.82 21.92
N LEU A 863 -26.10 4.77 21.04
CA LEU A 863 -27.46 5.20 20.75
C LEU A 863 -27.77 4.89 19.29
N LEU A 864 -28.84 4.14 19.06
CA LEU A 864 -29.29 3.79 17.72
C LEU A 864 -30.64 4.44 17.49
N VAL A 865 -30.78 5.16 16.37
CA VAL A 865 -31.96 5.98 16.11
C VAL A 865 -32.52 5.62 14.75
N HIS A 866 -33.84 5.44 14.69
CA HIS A 866 -34.56 5.22 13.44
C HIS A 866 -35.34 6.49 13.11
N VAL A 867 -35.00 7.12 11.98
CA VAL A 867 -35.65 8.35 11.56
C VAL A 867 -35.62 8.44 10.03
N ASP A 868 -36.80 8.63 9.44
CA ASP A 868 -36.97 8.94 8.01
C ASP A 868 -36.02 8.15 7.12
N GLN A 869 -36.14 6.82 7.20
CA GLN A 869 -35.38 5.90 6.35
C GLN A 869 -33.88 6.04 6.55
N GLU A 870 -33.44 6.59 7.68
CA GLU A 870 -32.03 6.78 7.97
C GLU A 870 -31.72 6.20 9.35
N LEU A 871 -30.51 5.66 9.49
CA LEU A 871 -30.04 5.11 10.75
C LEU A 871 -28.98 6.05 11.34
N LEU A 872 -29.13 6.39 12.61
CA LEU A 872 -28.20 7.25 13.31
C LEU A 872 -27.57 6.47 14.44
N ILE A 873 -26.24 6.41 14.46
CA ILE A 873 -25.48 5.78 15.54
C ILE A 873 -24.68 6.87 16.25
N TYR A 874 -24.83 6.94 17.57
CA TYR A 874 -24.13 7.94 18.37
C TYR A 874 -23.31 7.22 19.43
N GLU A 875 -22.02 7.52 19.48
CA GLU A 875 -21.12 6.95 20.48
C GLU A 875 -21.00 7.92 21.64
N ALA A 876 -21.41 7.48 22.83
CA ALA A 876 -21.39 8.33 24.00
C ALA A 876 -19.97 8.46 24.52
N PHE A 877 -19.53 9.70 24.75
CA PHE A 877 -18.21 9.96 25.29
C PHE A 877 -18.35 10.95 26.44
N PRO A 878 -17.52 10.83 27.48
CA PRO A 878 -17.65 11.73 28.63
C PRO A 878 -17.28 13.16 28.27
N HIS A 879 -17.96 14.10 28.92
CA HIS A 879 -17.69 15.52 28.72
C HIS A 879 -18.25 16.28 29.91
N ASP A 880 -17.37 16.95 30.65
CA ASP A 880 -17.79 17.68 31.85
C ASP A 880 -17.95 19.16 31.53
N GLY A 886 -26.98 20.00 37.75
CA GLY A 886 -27.15 18.56 37.72
C GLY A 886 -27.52 18.03 36.35
N ASN A 887 -26.59 18.12 35.41
CA ASN A 887 -26.80 17.68 34.04
C ASN A 887 -25.90 16.48 33.73
N LEU A 888 -26.33 15.68 32.77
CA LEU A 888 -25.58 14.49 32.41
C LEU A 888 -24.25 14.87 31.79
N LYS A 889 -23.16 14.38 32.37
CA LYS A 889 -21.81 14.67 31.88
C LYS A 889 -21.42 13.73 30.75
N VAL A 890 -22.29 13.62 29.76
CA VAL A 890 -22.09 12.74 28.61
C VAL A 890 -22.46 13.50 27.35
N ARG A 891 -21.68 13.28 26.28
CA ARG A 891 -22.00 13.81 24.97
C ARG A 891 -21.90 12.68 23.96
N PHE A 892 -22.66 12.81 22.87
CA PHE A 892 -22.75 11.79 21.84
C PHE A 892 -22.11 12.28 20.56
N LYS A 893 -21.35 11.39 19.92
CA LYS A 893 -20.70 11.68 18.65
C LYS A 893 -21.23 10.70 17.61
N LYS A 894 -21.65 11.22 16.46
CA LYS A 894 -22.19 10.36 15.41
C LYS A 894 -21.11 9.44 14.87
N VAL A 895 -21.47 8.20 14.61
CA VAL A 895 -20.56 7.18 14.10
C VAL A 895 -20.84 7.00 12.62
N PRO A 896 -19.87 7.22 11.74
CA PRO A 896 -20.11 6.99 10.31
C PRO A 896 -20.42 5.53 10.02
N HIS A 897 -21.34 5.30 9.10
CA HIS A 897 -21.74 3.95 8.72
C HIS A 897 -22.37 4.00 7.33
N ASN A 898 -22.53 2.81 6.74
CA ASN A 898 -23.12 2.70 5.42
C ASN A 898 -24.31 1.75 5.44
N ILE A 899 -25.18 1.90 6.44
CA ILE A 899 -26.37 1.08 6.57
C ILE A 899 -27.55 1.86 6.01
N ASN A 900 -28.24 1.26 5.05
CA ASN A 900 -29.36 1.91 4.38
C ASN A 900 -30.68 1.35 4.89
N PHE A 901 -31.61 2.22 5.23
CA PHE A 901 -32.93 1.85 5.72
C PHE A 901 -34.00 1.98 4.65
N ARG A 902 -33.61 2.16 3.39
CA ARG A 902 -34.56 2.30 2.30
C ARG A 902 -34.84 0.96 1.63
N GLY A 926 -49.15 -2.89 14.90
CA GLY A 926 -47.98 -3.62 15.33
C GLY A 926 -46.68 -2.88 15.10
N ARG A 927 -46.08 -2.40 16.18
CA ARG A 927 -44.82 -1.67 16.13
C ARG A 927 -43.68 -2.65 16.39
N VAL A 928 -42.95 -3.00 15.33
CA VAL A 928 -41.85 -3.95 15.41
C VAL A 928 -40.55 -3.18 15.60
N ALA A 929 -39.78 -3.57 16.60
CA ALA A 929 -38.51 -2.91 16.88
C ALA A 929 -37.43 -3.42 15.92
N ARG A 930 -36.76 -2.50 15.25
CA ARG A 930 -35.68 -2.85 14.34
C ARG A 930 -34.38 -3.18 15.07
N PHE A 931 -34.18 -2.61 16.26
CA PHE A 931 -32.95 -2.81 17.03
C PHE A 931 -33.21 -3.86 18.09
N ARG A 932 -32.48 -4.97 18.01
CA ARG A 932 -32.62 -6.09 18.94
C ARG A 932 -31.28 -6.25 19.66
N TYR A 933 -31.21 -5.78 20.90
CA TYR A 933 -30.02 -5.98 21.71
C TYR A 933 -29.91 -7.45 22.12
N PHE A 934 -28.69 -7.99 22.01
CA PHE A 934 -28.43 -9.36 22.40
C PHE A 934 -27.12 -9.44 23.16
N GLU A 935 -27.05 -10.36 24.11
CA GLU A 935 -25.80 -10.71 24.78
C GLU A 935 -25.54 -12.19 24.61
N ASP A 936 -24.27 -12.53 24.36
CA ASP A 936 -23.83 -13.92 24.24
C ASP A 936 -24.55 -14.66 23.12
N ILE A 937 -24.33 -14.20 21.90
CA ILE A 937 -24.49 -15.02 20.70
C ILE A 937 -23.09 -15.39 20.25
N TYR A 938 -22.72 -16.65 20.50
CA TYR A 938 -21.37 -17.15 20.27
C TYR A 938 -20.34 -16.29 21.00
N GLY A 939 -20.69 -15.85 22.20
CA GLY A 939 -19.83 -15.04 23.03
C GLY A 939 -19.84 -13.56 22.74
N TYR A 940 -20.60 -13.11 21.75
CA TYR A 940 -20.59 -11.70 21.34
C TYR A 940 -21.80 -10.97 21.91
N SER A 941 -21.56 -9.76 22.39
CA SER A 941 -22.61 -8.83 22.78
C SER A 941 -22.76 -7.77 21.71
N GLY A 942 -23.99 -7.43 21.36
CA GLY A 942 -24.21 -6.47 20.30
C GLY A 942 -25.68 -6.20 20.09
N VAL A 943 -25.96 -5.48 19.01
CA VAL A 943 -27.31 -5.09 18.63
C VAL A 943 -27.53 -5.52 17.18
N PHE A 944 -28.66 -6.18 16.92
CA PHE A 944 -29.04 -6.55 15.57
C PHE A 944 -30.02 -5.52 15.03
N ILE A 945 -29.76 -5.04 13.82
CA ILE A 945 -30.59 -4.04 13.17
C ILE A 945 -31.37 -4.74 12.06
N CYS A 946 -32.69 -4.78 12.19
CA CYS A 946 -33.54 -5.40 11.20
C CYS A 946 -33.94 -4.38 10.13
N GLY A 947 -34.51 -4.89 9.04
CA GLY A 947 -34.97 -4.05 7.96
C GLY A 947 -34.52 -4.56 6.60
N PRO A 948 -34.54 -3.67 5.60
CA PRO A 948 -34.09 -4.07 4.26
C PRO A 948 -32.63 -4.52 4.22
N SER A 949 -31.78 -3.94 5.07
CA SER A 949 -30.36 -4.28 5.14
C SER A 949 -30.04 -4.67 6.57
N PRO A 950 -30.25 -5.93 6.94
CA PRO A 950 -29.91 -6.36 8.31
C PRO A 950 -28.40 -6.28 8.55
N HIS A 951 -28.03 -5.88 9.76
CA HIS A 951 -26.64 -5.71 10.15
C HIS A 951 -26.45 -6.18 11.58
N TRP A 952 -25.21 -6.58 11.89
CA TRP A 952 -24.82 -6.93 13.25
C TRP A 952 -23.92 -5.82 13.78
N LEU A 953 -24.30 -5.24 14.91
CA LEU A 953 -23.55 -4.15 15.54
C LEU A 953 -22.86 -4.71 16.77
N LEU A 954 -21.63 -5.17 16.60
CA LEU A 954 -20.89 -5.87 17.65
C LEU A 954 -19.79 -4.98 18.22
N VAL A 955 -19.75 -4.90 19.55
CA VAL A 955 -18.67 -4.22 20.26
C VAL A 955 -18.18 -5.15 21.36
N THR A 956 -16.96 -5.65 21.21
CA THR A 956 -16.34 -6.55 22.17
C THR A 956 -15.51 -5.74 23.17
N GLY A 957 -14.68 -6.42 23.96
CA GLY A 957 -13.80 -5.73 24.89
C GLY A 957 -12.72 -4.90 24.22
N ARG A 958 -12.46 -5.13 22.93
CA ARG A 958 -11.53 -4.30 22.19
C ARG A 958 -12.02 -2.87 22.08
N GLY A 959 -13.34 -2.67 22.08
CA GLY A 959 -13.92 -1.34 22.01
C GLY A 959 -14.11 -0.79 20.62
N ALA A 960 -13.80 -1.56 19.58
CA ALA A 960 -13.98 -1.13 18.20
C ALA A 960 -15.36 -1.56 17.72
N LEU A 961 -16.08 -0.63 17.09
CA LEU A 961 -17.42 -0.91 16.59
C LEU A 961 -17.34 -1.69 15.30
N ARG A 962 -18.01 -2.84 15.25
CA ARG A 962 -18.07 -3.70 14.07
C ARG A 962 -19.48 -3.71 13.53
N LEU A 963 -19.62 -3.62 12.21
CA LEU A 963 -20.91 -3.59 11.54
C LEU A 963 -20.88 -4.58 10.38
N HIS A 964 -21.47 -5.76 10.59
CA HIS A 964 -21.43 -6.81 9.58
C HIS A 964 -22.81 -7.01 8.97
N PRO A 965 -22.96 -6.87 7.65
CA PRO A 965 -24.26 -7.08 7.03
C PRO A 965 -24.67 -8.54 7.03
N MET A 966 -25.98 -8.77 6.95
CA MET A 966 -26.55 -10.11 6.83
C MET A 966 -27.74 -10.00 5.88
N ALA A 967 -27.50 -10.26 4.60
CA ALA A 967 -28.53 -10.14 3.57
C ALA A 967 -28.66 -11.39 2.73
N ILE A 968 -28.06 -12.50 3.17
CA ILE A 968 -28.16 -13.75 2.40
C ILE A 968 -29.59 -14.25 2.36
N ASP A 969 -30.39 -13.92 3.37
CA ASP A 969 -31.79 -14.33 3.44
C ASP A 969 -32.75 -13.19 3.16
N GLY A 970 -32.25 -12.04 2.70
CA GLY A 970 -33.09 -10.91 2.44
C GLY A 970 -33.43 -10.14 3.69
N PRO A 971 -34.42 -9.24 3.60
CA PRO A 971 -34.81 -8.45 4.76
C PRO A 971 -35.31 -9.32 5.91
N VAL A 972 -35.01 -8.88 7.13
CA VAL A 972 -35.40 -9.58 8.35
C VAL A 972 -36.36 -8.68 9.11
N ASP A 973 -37.50 -9.24 9.52
CA ASP A 973 -38.53 -8.47 10.20
C ASP A 973 -38.36 -8.48 11.71
N SER A 974 -38.11 -9.65 12.31
CA SER A 974 -37.97 -9.78 13.74
C SER A 974 -36.75 -10.62 14.05
N PHE A 975 -36.19 -10.40 15.24
CA PHE A 975 -34.94 -11.06 15.64
C PHE A 975 -34.96 -11.27 17.15
N ALA A 976 -34.33 -12.35 17.59
CA ALA A 976 -34.26 -12.67 19.01
C ALA A 976 -33.10 -13.63 19.24
N PRO A 977 -32.40 -13.52 20.36
CA PRO A 977 -31.40 -14.53 20.70
C PRO A 977 -32.05 -15.83 21.13
N PHE A 978 -31.30 -16.92 20.98
CA PHE A 978 -31.81 -18.25 21.30
C PHE A 978 -30.68 -19.11 21.86
N HIS A 979 -30.76 -19.42 23.15
CA HIS A 979 -29.84 -20.35 23.79
C HIS A 979 -30.61 -21.61 24.13
N ASN A 980 -30.28 -22.71 23.46
CA ASN A 980 -31.04 -23.96 23.58
C ASN A 980 -30.06 -25.12 23.56
N VAL A 981 -30.59 -26.31 23.86
CA VAL A 981 -29.77 -27.51 23.76
C VAL A 981 -29.42 -27.81 22.30
N ASN A 982 -30.34 -27.53 21.37
CA ASN A 982 -30.08 -27.71 19.95
C ASN A 982 -29.52 -26.47 19.29
N CYS A 983 -29.64 -25.30 19.93
CA CYS A 983 -29.18 -24.03 19.39
C CYS A 983 -28.33 -23.35 20.46
N PRO A 984 -27.10 -23.83 20.67
CA PRO A 984 -26.25 -23.26 21.74
C PRO A 984 -25.79 -21.85 21.38
N ARG A 985 -26.26 -20.87 22.14
CA ARG A 985 -25.84 -19.48 21.99
C ARG A 985 -26.06 -18.97 20.57
N GLY A 986 -27.18 -19.39 19.98
CA GLY A 986 -27.57 -18.98 18.65
C GLY A 986 -28.54 -17.82 18.67
N PHE A 987 -29.20 -17.60 17.53
CA PHE A 987 -30.17 -16.53 17.39
C PHE A 987 -31.40 -17.06 16.69
N LEU A 988 -32.35 -16.15 16.41
CA LEU A 988 -33.68 -16.53 15.96
C LEU A 988 -34.30 -15.34 15.24
N TYR A 989 -34.75 -15.55 14.01
CA TYR A 989 -35.28 -14.45 13.22
C TYR A 989 -36.27 -14.97 12.18
N PHE A 990 -37.15 -14.07 11.73
CA PHE A 990 -38.13 -14.36 10.69
C PHE A 990 -37.63 -13.84 9.36
N ASN A 991 -37.66 -14.69 8.34
CA ASN A 991 -37.47 -14.24 6.97
C ASN A 991 -38.74 -13.53 6.50
N ARG A 992 -38.62 -12.80 5.39
CA ARG A 992 -39.76 -12.07 4.84
C ARG A 992 -40.79 -12.99 4.19
N GLN A 993 -40.54 -14.29 4.14
CA GLN A 993 -41.49 -15.26 3.59
C GLN A 993 -42.27 -15.98 4.68
N GLY A 994 -42.19 -15.49 5.92
CA GLY A 994 -42.85 -16.16 7.02
C GLY A 994 -42.11 -17.34 7.60
N GLU A 995 -40.89 -17.59 7.13
CA GLU A 995 -40.10 -18.72 7.62
C GLU A 995 -39.36 -18.32 8.89
N LEU A 996 -39.19 -19.28 9.80
CA LEU A 996 -38.51 -19.08 11.07
C LEU A 996 -37.24 -19.90 11.06
N ARG A 997 -36.10 -19.25 11.32
CA ARG A 997 -34.80 -19.92 11.30
C ARG A 997 -34.28 -20.11 12.71
N ILE A 998 -33.90 -21.35 13.02
CA ILE A 998 -33.12 -21.68 14.20
C ILE A 998 -31.67 -21.76 13.72
N SER A 999 -30.88 -20.72 14.00
CA SER A 999 -29.55 -20.61 13.44
C SER A 999 -28.55 -20.16 14.48
N VAL A 1000 -27.29 -20.51 14.25
CA VAL A 1000 -26.18 -20.14 15.11
C VAL A 1000 -25.10 -19.48 14.27
N LEU A 1001 -24.24 -18.72 14.94
CA LEU A 1001 -23.13 -18.07 14.26
C LEU A 1001 -22.08 -19.12 13.88
N PRO A 1002 -21.51 -19.07 12.69
CA PRO A 1002 -20.41 -19.97 12.35
C PRO A 1002 -19.23 -19.76 13.30
N ALA A 1003 -18.56 -20.87 13.62
CA ALA A 1003 -17.55 -20.85 14.67
C ALA A 1003 -16.16 -20.54 14.15
N TYR A 1004 -15.88 -20.81 12.87
CA TYR A 1004 -14.51 -20.72 12.39
C TYR A 1004 -14.08 -19.27 12.17
N LEU A 1005 -15.02 -18.34 12.10
CA LEU A 1005 -14.70 -16.94 11.89
C LEU A 1005 -14.73 -16.16 13.21
N SER A 1006 -14.02 -15.05 13.22
CA SER A 1006 -14.01 -14.12 14.33
C SER A 1006 -14.63 -12.80 13.88
N TYR A 1007 -15.61 -12.32 14.63
CA TYR A 1007 -16.35 -11.12 14.28
C TYR A 1007 -15.86 -9.89 15.03
N ASP A 1008 -14.72 -9.98 15.72
CA ASP A 1008 -14.14 -8.84 16.40
C ASP A 1008 -13.33 -7.94 15.49
N ALA A 1009 -13.21 -8.29 14.21
CA ALA A 1009 -12.49 -7.56 13.19
C ALA A 1009 -13.44 -6.72 12.37
N PRO A 1010 -12.93 -5.77 11.57
CA PRO A 1010 -13.81 -5.04 10.65
C PRO A 1010 -14.57 -5.95 9.70
N TRP A 1011 -13.97 -7.06 9.29
CA TRP A 1011 -14.63 -8.11 8.53
C TRP A 1011 -14.52 -9.42 9.30
N PRO A 1012 -15.56 -10.26 9.30
CA PRO A 1012 -15.42 -11.61 9.85
C PRO A 1012 -14.22 -12.32 9.23
N VAL A 1013 -13.20 -12.60 10.03
CA VAL A 1013 -11.93 -13.10 9.52
C VAL A 1013 -11.47 -14.29 10.33
N ARG A 1014 -10.81 -15.24 9.66
CA ARG A 1014 -10.10 -16.33 10.30
C ARG A 1014 -8.68 -16.32 9.77
N LYS A 1015 -7.73 -15.98 10.62
CA LYS A 1015 -6.32 -15.91 10.22
C LYS A 1015 -5.64 -17.23 10.55
N ILE A 1016 -5.11 -17.89 9.53
CA ILE A 1016 -4.48 -19.19 9.69
C ILE A 1016 -2.97 -19.01 9.70
N PRO A 1017 -2.31 -19.11 10.85
CA PRO A 1017 -0.85 -18.99 10.88
C PRO A 1017 -0.18 -20.08 10.05
N LEU A 1018 0.86 -19.70 9.32
CA LEU A 1018 1.62 -20.64 8.51
C LEU A 1018 3.06 -20.82 8.97
N ARG A 1019 3.55 -19.97 9.86
CA ARG A 1019 4.93 -19.95 10.35
C ARG A 1019 5.93 -19.68 9.24
N CYS A 1020 5.47 -19.33 8.04
CA CYS A 1020 6.32 -19.05 6.91
C CYS A 1020 5.66 -17.96 6.07
N THR A 1021 6.36 -17.50 5.03
CA THR A 1021 5.87 -16.43 4.19
C THR A 1021 4.90 -16.97 3.15
N ALA A 1022 3.73 -16.36 3.06
CA ALA A 1022 2.72 -16.72 2.06
C ALA A 1022 2.85 -15.76 0.89
N HIS A 1023 3.12 -16.31 -0.30
CA HIS A 1023 3.38 -15.51 -1.49
C HIS A 1023 2.15 -15.41 -2.40
N TYR A 1024 1.61 -16.54 -2.82
CA TYR A 1024 0.48 -16.57 -3.73
C TYR A 1024 -0.55 -17.59 -3.24
N VAL A 1025 -1.82 -17.31 -3.52
CA VAL A 1025 -2.92 -18.20 -3.19
C VAL A 1025 -3.80 -18.35 -4.41
N ALA A 1026 -4.15 -19.61 -4.73
CA ALA A 1026 -4.96 -19.92 -5.91
C ALA A 1026 -6.06 -20.88 -5.49
N TYR A 1027 -7.30 -20.57 -5.88
CA TYR A 1027 -8.45 -21.38 -5.52
C TYR A 1027 -8.83 -22.29 -6.67
N HIS A 1028 -8.97 -23.59 -6.39
CA HIS A 1028 -9.41 -24.58 -7.35
C HIS A 1028 -10.91 -24.78 -7.18
N VAL A 1029 -11.64 -24.87 -8.29
CA VAL A 1029 -13.10 -24.95 -8.22
C VAL A 1029 -13.58 -26.40 -8.25
N GLU A 1030 -13.01 -27.22 -9.14
CA GLU A 1030 -13.47 -28.60 -9.23
C GLU A 1030 -13.05 -29.41 -8.01
N SER A 1031 -12.03 -28.96 -7.29
CA SER A 1031 -11.63 -29.60 -6.05
C SER A 1031 -12.00 -28.79 -4.82
N LYS A 1032 -12.42 -27.53 -4.99
CA LYS A 1032 -12.86 -26.66 -3.90
C LYS A 1032 -11.79 -26.50 -2.83
N VAL A 1033 -10.52 -26.43 -3.22
CA VAL A 1033 -9.41 -26.26 -2.30
C VAL A 1033 -8.58 -25.06 -2.71
N TYR A 1034 -7.69 -24.63 -1.81
CA TYR A 1034 -6.81 -23.49 -2.02
C TYR A 1034 -5.38 -23.99 -2.10
N ALA A 1035 -4.69 -23.62 -3.18
CA ALA A 1035 -3.26 -23.87 -3.30
C ALA A 1035 -2.50 -22.61 -2.90
N VAL A 1036 -1.52 -22.77 -2.03
CA VAL A 1036 -0.74 -21.66 -1.50
C VAL A 1036 0.73 -21.95 -1.69
N ALA A 1037 1.46 -20.98 -2.26
CA ALA A 1037 2.91 -21.07 -2.36
C ALA A 1037 3.54 -20.38 -1.17
N THR A 1038 4.37 -21.11 -0.43
CA THR A 1038 4.96 -20.62 0.79
C THR A 1038 6.47 -20.80 0.76
N SER A 1039 7.18 -19.91 1.45
CA SER A 1039 8.63 -19.98 1.57
C SER A 1039 9.04 -19.80 3.02
N THR A 1040 10.08 -20.53 3.43
CA THR A 1040 10.63 -20.42 4.76
C THR A 1040 12.12 -20.14 4.66
N ASN A 1041 12.68 -19.53 5.70
CA ASN A 1041 14.07 -19.09 5.71
C ASN A 1041 14.94 -20.16 6.34
N THR A 1042 15.97 -20.58 5.62
CA THR A 1042 16.99 -21.50 6.10
C THR A 1042 18.37 -20.85 5.94
N PRO A 1043 19.31 -21.17 6.82
CA PRO A 1043 20.64 -20.54 6.71
C PRO A 1043 21.37 -21.01 5.46
N CYS A 1044 21.97 -20.05 4.77
CA CYS A 1044 22.71 -20.34 3.54
C CYS A 1044 24.10 -20.84 3.88
N ALA A 1045 24.51 -21.91 3.21
CA ALA A 1045 25.81 -22.52 3.47
C ALA A 1045 26.69 -22.66 2.23
N ARG A 1046 26.16 -22.39 1.04
CA ARG A 1046 26.91 -22.58 -0.19
C ARG A 1046 26.73 -21.37 -1.09
N ILE A 1047 27.72 -21.12 -1.93
CA ILE A 1047 27.71 -20.02 -2.88
C ILE A 1047 27.84 -20.60 -4.29
N PRO A 1048 26.81 -20.51 -5.12
CA PRO A 1048 26.93 -21.01 -6.50
C PRO A 1048 27.92 -20.18 -7.31
N ARG A 1049 28.65 -20.87 -8.18
CA ARG A 1049 29.59 -20.23 -9.08
C ARG A 1049 29.45 -20.86 -10.45
N MET A 1050 29.75 -20.06 -11.48
CA MET A 1050 29.68 -20.54 -12.85
C MET A 1050 31.06 -20.55 -13.51
N LYS A 1055 28.58 -25.64 -13.15
CA LYS A 1055 28.15 -24.93 -11.95
C LYS A 1055 28.67 -25.60 -10.69
N GLU A 1056 29.49 -24.87 -9.94
CA GLU A 1056 30.07 -25.37 -8.70
C GLU A 1056 29.57 -24.56 -7.51
N PHE A 1057 29.66 -25.17 -6.33
CA PHE A 1057 29.26 -24.52 -5.09
C PHE A 1057 30.43 -24.57 -4.12
N GLU A 1058 30.76 -23.44 -3.51
CA GLU A 1058 31.78 -23.37 -2.47
C GLU A 1058 31.11 -23.23 -1.12
N THR A 1059 31.56 -24.03 -0.15
CA THR A 1059 30.98 -24.01 1.18
C THR A 1059 31.46 -22.77 1.93
N ILE A 1060 30.52 -22.04 2.52
CA ILE A 1060 30.85 -20.82 3.26
C ILE A 1060 31.58 -21.23 4.54
N GLU A 1061 32.89 -21.02 4.58
CA GLU A 1061 33.72 -21.30 5.74
C GLU A 1061 34.05 -19.97 6.41
N ARG A 1062 33.51 -19.74 7.60
CA ARG A 1062 33.71 -18.50 8.32
C ARG A 1062 33.97 -18.80 9.78
N ASP A 1063 34.01 -17.75 10.60
CA ASP A 1063 34.23 -17.86 12.02
C ASP A 1063 32.96 -18.36 12.71
N GLU A 1064 33.09 -18.65 14.01
CA GLU A 1064 31.92 -19.03 14.81
C GLU A 1064 30.96 -17.88 15.05
N ARG A 1065 31.46 -16.65 15.09
CA ARG A 1065 30.60 -15.47 15.24
C ARG A 1065 30.21 -14.90 13.89
N TYR A 1066 29.70 -15.76 13.00
CA TYR A 1066 29.34 -15.37 11.65
C TYR A 1066 27.84 -15.50 11.46
N ILE A 1067 27.23 -14.45 10.91
CA ILE A 1067 25.79 -14.42 10.65
C ILE A 1067 25.57 -14.96 9.25
N HIS A 1068 25.01 -16.18 9.16
CA HIS A 1068 24.74 -16.77 7.87
C HIS A 1068 23.59 -16.03 7.17
N PRO A 1069 23.70 -15.82 5.86
CA PRO A 1069 22.60 -15.21 5.13
C PRO A 1069 21.38 -16.13 5.06
N GLN A 1070 20.21 -15.52 4.94
CA GLN A 1070 18.96 -16.26 4.90
C GLN A 1070 18.70 -16.75 3.48
N GLN A 1071 18.44 -18.05 3.34
CA GLN A 1071 18.11 -18.66 2.06
C GLN A 1071 16.65 -19.12 2.12
N GLU A 1072 15.87 -18.73 1.12
CA GLU A 1072 14.46 -19.09 1.07
C GLU A 1072 14.26 -20.42 0.36
N ALA A 1073 13.50 -21.31 0.99
CA ALA A 1073 13.09 -22.57 0.39
C ALA A 1073 11.58 -22.54 0.21
N PHE A 1074 11.11 -22.91 -0.97
CA PHE A 1074 9.72 -22.76 -1.35
C PHE A 1074 9.00 -24.09 -1.36
N SER A 1075 7.72 -24.05 -0.99
CA SER A 1075 6.85 -25.21 -1.03
C SER A 1075 5.45 -24.75 -1.41
N ILE A 1076 4.71 -25.64 -2.07
CA ILE A 1076 3.32 -25.37 -2.43
C ILE A 1076 2.42 -26.22 -1.55
N GLN A 1077 1.54 -25.56 -0.82
CA GLN A 1077 0.64 -26.20 0.13
C GLN A 1077 -0.77 -26.29 -0.43
N LEU A 1078 -1.55 -27.21 0.12
CA LEU A 1078 -2.94 -27.38 -0.24
C LEU A 1078 -3.79 -27.20 1.02
N ILE A 1079 -4.77 -26.30 0.96
CA ILE A 1079 -5.57 -25.92 2.11
C ILE A 1079 -7.02 -26.28 1.85
N SER A 1080 -7.65 -26.95 2.82
CA SER A 1080 -9.05 -27.34 2.74
C SER A 1080 -9.93 -26.29 3.41
N PRO A 1081 -10.90 -25.71 2.71
CA PRO A 1081 -11.80 -24.74 3.35
C PRO A 1081 -12.71 -25.36 4.39
N VAL A 1082 -12.92 -26.68 4.36
CA VAL A 1082 -13.77 -27.32 5.37
C VAL A 1082 -13.17 -27.14 6.76
N SER A 1083 -11.98 -27.66 6.96
CA SER A 1083 -11.15 -27.37 8.13
C SER A 1083 -9.89 -26.69 7.61
N TRP A 1084 -9.67 -25.44 8.02
CA TRP A 1084 -8.68 -24.59 7.37
C TRP A 1084 -7.26 -25.04 7.64
N GLU A 1085 -7.08 -26.20 8.27
CA GLU A 1085 -5.77 -26.79 8.39
C GLU A 1085 -5.29 -27.31 7.04
N ALA A 1086 -3.96 -27.39 6.90
CA ALA A 1086 -3.36 -27.86 5.66
C ALA A 1086 -3.65 -29.35 5.46
N ILE A 1087 -3.80 -29.74 4.21
CA ILE A 1087 -4.08 -31.13 3.86
C ILE A 1087 -2.78 -31.93 3.97
N PRO A 1088 -2.74 -32.99 4.76
CA PRO A 1088 -1.53 -33.80 4.87
C PRO A 1088 -1.20 -34.51 3.56
N ASN A 1089 0.10 -34.71 3.35
CA ASN A 1089 0.65 -35.40 2.18
C ASN A 1089 0.32 -34.71 0.87
N ALA A 1090 -0.15 -33.48 0.91
CA ALA A 1090 -0.47 -32.70 -0.29
C ALA A 1090 0.45 -31.49 -0.39
N ARG A 1091 1.73 -31.68 -0.06
CA ARG A 1091 2.71 -30.61 -0.09
C ARG A 1091 3.76 -30.93 -1.14
N ILE A 1092 4.02 -29.96 -2.01
CA ILE A 1092 5.03 -30.09 -3.06
C ILE A 1092 6.18 -29.16 -2.71
N GLU A 1093 7.39 -29.71 -2.68
CA GLU A 1093 8.58 -28.96 -2.31
C GLU A 1093 9.31 -28.52 -3.56
N LEU A 1094 9.66 -27.24 -3.62
CA LEU A 1094 10.43 -26.70 -4.73
C LEU A 1094 11.91 -27.03 -4.54
N GLN A 1095 12.69 -26.77 -5.59
CA GLN A 1095 14.11 -27.07 -5.55
C GLN A 1095 14.83 -26.12 -4.59
N GLU A 1096 16.14 -26.31 -4.41
CA GLU A 1096 16.85 -25.66 -3.32
C GLU A 1096 16.79 -24.13 -3.43
N TRP A 1097 17.02 -23.59 -4.62
CA TRP A 1097 17.05 -22.14 -4.81
C TRP A 1097 15.88 -21.64 -5.64
N GLU A 1098 14.91 -22.49 -5.96
CA GLU A 1098 13.78 -22.05 -6.78
C GLU A 1098 12.86 -21.13 -5.97
N HIS A 1099 12.49 -20.01 -6.58
CA HIS A 1099 11.58 -19.04 -5.98
C HIS A 1099 10.30 -19.01 -6.82
N VAL A 1100 9.16 -19.11 -6.15
CA VAL A 1100 7.88 -19.04 -6.84
C VAL A 1100 7.60 -17.57 -7.16
N THR A 1101 7.74 -17.21 -8.43
CA THR A 1101 7.50 -15.84 -8.88
C THR A 1101 6.04 -15.59 -9.24
N CYS A 1102 5.28 -16.64 -9.53
CA CYS A 1102 3.87 -16.52 -9.86
C CYS A 1102 3.21 -17.88 -9.71
N MET A 1103 1.98 -17.88 -9.20
CA MET A 1103 1.18 -19.10 -9.11
C MET A 1103 -0.28 -18.72 -9.29
N LYS A 1104 -0.91 -19.25 -10.33
CA LYS A 1104 -2.26 -18.87 -10.69
C LYS A 1104 -3.08 -20.12 -10.99
N THR A 1105 -4.40 -19.98 -10.86
CA THR A 1105 -5.33 -20.99 -11.37
C THR A 1105 -5.79 -20.56 -12.75
N VAL A 1106 -5.64 -21.44 -13.73
CA VAL A 1106 -5.85 -21.12 -15.13
C VAL A 1106 -6.78 -22.15 -15.76
N SER A 1107 -7.71 -21.66 -16.59
CA SER A 1107 -8.60 -22.52 -17.33
C SER A 1107 -7.97 -22.85 -18.68
N LEU A 1108 -7.73 -24.13 -18.93
CA LEU A 1108 -7.11 -24.59 -20.16
C LEU A 1108 -8.02 -25.61 -20.85
N ARG A 1109 -7.90 -25.66 -22.17
CA ARG A 1109 -8.76 -26.52 -22.96
C ARG A 1109 -8.51 -27.99 -22.66
N SER A 1110 -9.60 -28.75 -22.57
CA SER A 1110 -9.52 -30.19 -22.33
C SER A 1110 -10.67 -30.87 -23.05
N GLU A 1111 -10.42 -32.07 -23.56
CA GLU A 1111 -11.42 -32.84 -24.26
C GLU A 1111 -12.31 -33.65 -23.32
N GLU A 1112 -11.77 -34.08 -22.19
CA GLU A 1112 -12.53 -34.90 -21.26
C GLU A 1112 -13.71 -34.13 -20.66
N THR A 1113 -13.49 -32.86 -20.34
CA THR A 1113 -14.57 -32.03 -19.81
C THR A 1113 -15.55 -31.66 -20.91
N VAL A 1114 -16.84 -31.73 -20.59
CA VAL A 1114 -17.87 -31.37 -21.56
C VAL A 1114 -17.73 -29.90 -21.96
N SER A 1115 -17.42 -29.04 -20.99
CA SER A 1115 -17.09 -27.65 -21.29
C SER A 1115 -15.68 -27.58 -21.89
N GLY A 1116 -15.35 -26.42 -22.45
CA GLY A 1116 -14.06 -26.27 -23.09
C GLY A 1116 -12.91 -26.30 -22.09
N LEU A 1117 -13.06 -25.65 -20.95
CA LEU A 1117 -11.97 -25.42 -20.02
C LEU A 1117 -11.91 -26.51 -18.96
N LYS A 1118 -10.75 -26.61 -18.31
CA LYS A 1118 -10.50 -27.60 -17.28
C LYS A 1118 -10.05 -27.02 -15.95
N GLY A 1119 -9.42 -25.85 -15.95
CA GLY A 1119 -9.13 -25.16 -14.70
C GLY A 1119 -8.06 -25.80 -13.82
N TYR A 1120 -6.81 -25.77 -14.27
CA TYR A 1120 -5.70 -26.28 -13.48
C TYR A 1120 -5.14 -25.17 -12.59
N VAL A 1121 -4.02 -25.45 -11.93
CA VAL A 1121 -3.27 -24.46 -11.16
C VAL A 1121 -1.84 -24.46 -11.71
N ALA A 1122 -1.39 -23.29 -12.15
CA ALA A 1122 -0.09 -23.14 -12.78
C ALA A 1122 0.83 -22.30 -11.90
N ALA A 1123 2.10 -22.69 -11.83
CA ALA A 1123 3.10 -21.98 -11.06
C ALA A 1123 4.35 -21.77 -11.90
N GLY A 1124 4.97 -20.61 -11.72
CA GLY A 1124 6.21 -20.28 -12.39
C GLY A 1124 7.30 -19.98 -11.37
N THR A 1125 8.48 -20.55 -11.61
CA THR A 1125 9.58 -20.47 -10.65
C THR A 1125 10.80 -19.85 -11.31
N CYS A 1126 11.78 -19.49 -10.48
CA CYS A 1126 13.05 -18.94 -10.93
C CYS A 1126 14.14 -19.35 -9.95
N LEU A 1127 15.23 -19.92 -10.45
CA LEU A 1127 16.36 -20.32 -9.62
C LEU A 1127 17.22 -19.10 -9.33
N MET A 1128 17.05 -18.51 -8.15
CA MET A 1128 17.85 -17.36 -7.72
C MET A 1128 19.18 -17.87 -7.18
N GLN A 1129 20.25 -17.67 -7.95
CA GLN A 1129 21.59 -18.08 -7.57
C GLN A 1129 22.60 -16.97 -7.83
N GLY A 1130 22.20 -15.73 -7.56
CA GLY A 1130 23.07 -14.59 -7.75
C GLY A 1130 23.07 -14.05 -9.16
N GLU A 1131 23.65 -12.85 -9.31
CA GLU A 1131 23.70 -12.21 -10.62
C GLU A 1131 24.74 -12.86 -11.52
N GLU A 1132 25.68 -13.61 -10.95
CA GLU A 1132 26.73 -14.24 -11.74
C GLU A 1132 26.29 -15.54 -12.41
N VAL A 1133 25.08 -16.01 -12.13
CA VAL A 1133 24.57 -17.26 -12.69
C VAL A 1133 23.33 -16.96 -13.52
N THR A 1134 23.26 -17.55 -14.71
CA THR A 1134 22.13 -17.33 -15.60
C THR A 1134 20.86 -17.87 -14.96
N CYS A 1135 19.90 -16.98 -14.71
CA CYS A 1135 18.66 -17.38 -14.06
C CYS A 1135 17.74 -18.06 -15.06
N ARG A 1136 17.23 -19.23 -14.69
CA ARG A 1136 16.25 -19.95 -15.47
C ARG A 1136 15.15 -20.45 -14.55
N GLY A 1137 14.02 -20.83 -15.15
CA GLY A 1137 12.82 -21.15 -14.38
C GLY A 1137 12.14 -22.41 -14.88
N ARG A 1138 11.05 -22.75 -14.19
CA ARG A 1138 10.24 -23.93 -14.48
C ARG A 1138 8.77 -23.53 -14.50
N ILE A 1139 7.99 -24.28 -15.27
CA ILE A 1139 6.53 -24.16 -15.28
C ILE A 1139 5.94 -25.39 -14.61
N LEU A 1140 5.08 -25.17 -13.62
CA LEU A 1140 4.48 -26.24 -12.85
C LEU A 1140 2.97 -26.17 -13.02
N ILE A 1141 2.41 -27.12 -13.75
CA ILE A 1141 0.97 -27.23 -13.95
C ILE A 1141 0.46 -28.34 -13.05
N MET A 1142 -0.41 -27.98 -12.11
CA MET A 1142 -0.84 -28.88 -11.04
C MET A 1142 -2.34 -29.09 -11.14
N ASP A 1143 -2.76 -30.34 -11.02
CA ASP A 1143 -4.18 -30.69 -10.96
C ASP A 1143 -4.47 -31.31 -9.60
N VAL A 1144 -5.53 -30.83 -8.96
CA VAL A 1144 -5.98 -31.37 -7.68
C VAL A 1144 -7.04 -32.43 -7.94
N ILE A 1145 -6.75 -33.66 -7.56
CA ILE A 1145 -7.62 -34.79 -7.86
C ILE A 1145 -8.33 -35.23 -6.59
N GLU A 1146 -9.29 -36.13 -6.74
CA GLU A 1146 -10.03 -36.71 -5.63
C GLU A 1146 -9.66 -38.19 -5.52
N VAL A 1147 -9.17 -38.59 -4.35
CA VAL A 1147 -8.77 -39.96 -4.09
C VAL A 1147 -9.50 -40.44 -2.84
N VAL A 1148 -9.38 -41.74 -2.58
CA VAL A 1148 -9.98 -42.31 -1.37
C VAL A 1148 -9.25 -41.78 -0.14
N PRO A 1149 -9.95 -41.25 0.85
CA PRO A 1149 -9.28 -40.70 2.03
C PRO A 1149 -8.51 -41.78 2.79
N GLU A 1150 -7.35 -41.39 3.32
CA GLU A 1150 -6.61 -42.28 4.19
C GLU A 1150 -7.40 -42.50 5.47
N PRO A 1151 -7.45 -43.72 6.01
CA PRO A 1151 -8.26 -43.97 7.21
C PRO A 1151 -7.91 -43.05 8.37
N GLY A 1152 -8.93 -42.46 8.99
CA GLY A 1152 -8.75 -41.52 10.07
C GLY A 1152 -8.39 -40.11 9.64
N GLN A 1153 -8.23 -39.86 8.35
CA GLN A 1153 -7.82 -38.56 7.83
C GLN A 1153 -8.76 -38.17 6.70
N PRO A 1154 -9.90 -37.53 7.01
CA PRO A 1154 -10.84 -37.15 5.94
C PRO A 1154 -10.27 -36.20 4.92
N LEU A 1155 -9.30 -35.36 5.29
CA LEU A 1155 -8.80 -34.34 4.37
C LEU A 1155 -7.94 -34.94 3.27
N THR A 1156 -7.50 -36.19 3.41
CA THR A 1156 -6.60 -36.80 2.44
C THR A 1156 -7.32 -37.15 1.14
N LYS A 1157 -8.61 -36.81 1.03
CA LYS A 1157 -9.34 -37.07 -0.20
C LYS A 1157 -8.80 -36.24 -1.36
N ASN A 1158 -8.23 -35.07 -1.06
CA ASN A 1158 -7.73 -34.16 -2.09
C ASN A 1158 -6.21 -34.18 -2.09
N LYS A 1159 -5.63 -34.29 -3.29
CA LYS A 1159 -4.20 -34.44 -3.45
C LYS A 1159 -3.77 -33.89 -4.80
N PHE A 1160 -2.59 -33.28 -4.84
CA PHE A 1160 -2.04 -32.77 -6.09
C PHE A 1160 -1.76 -33.89 -7.07
N LYS A 1161 -1.96 -33.61 -8.35
CA LYS A 1161 -1.47 -34.43 -9.44
C LYS A 1161 -0.72 -33.52 -10.40
N VAL A 1162 0.60 -33.68 -10.46
CA VAL A 1162 1.44 -32.81 -11.28
C VAL A 1162 1.48 -33.39 -12.70
N LEU A 1163 1.01 -32.60 -13.67
CA LEU A 1163 1.00 -33.00 -15.06
C LEU A 1163 2.16 -32.44 -15.85
N TYR A 1164 2.62 -31.24 -15.54
CA TYR A 1164 3.72 -30.61 -16.24
C TYR A 1164 4.69 -30.00 -15.24
N GLU A 1165 5.95 -30.43 -15.31
CA GLU A 1165 7.03 -29.84 -14.52
C GLU A 1165 8.31 -29.99 -15.36
N LYS A 1166 8.62 -28.96 -16.13
CA LYS A 1166 9.77 -28.99 -17.02
C LYS A 1166 10.53 -27.67 -16.96
N GLU A 1167 11.81 -27.75 -17.28
CA GLU A 1167 12.68 -26.58 -17.26
C GLU A 1167 12.43 -25.72 -18.49
N GLN A 1168 12.34 -24.41 -18.28
CA GLN A 1168 12.07 -23.46 -19.34
C GLN A 1168 13.37 -22.86 -19.85
N LYS A 1169 13.28 -22.15 -20.97
CA LYS A 1169 14.41 -21.47 -21.58
C LYS A 1169 14.54 -20.04 -21.07
N GLY A 1170 14.57 -19.88 -19.75
CA GLY A 1170 14.65 -18.57 -19.15
C GLY A 1170 13.80 -18.49 -17.89
N PRO A 1171 13.90 -17.38 -17.17
CA PRO A 1171 13.12 -17.24 -15.93
C PRO A 1171 11.65 -17.05 -16.23
N VAL A 1172 10.81 -17.80 -15.51
CA VAL A 1172 9.36 -17.68 -15.64
C VAL A 1172 8.89 -16.65 -14.63
N THR A 1173 8.52 -15.47 -15.11
CA THR A 1173 8.24 -14.33 -14.26
C THR A 1173 6.76 -13.99 -14.13
N ALA A 1174 5.92 -14.41 -15.09
CA ALA A 1174 4.50 -14.12 -15.02
C ALA A 1174 3.74 -15.22 -15.74
N LEU A 1175 2.46 -15.36 -15.37
CA LEU A 1175 1.60 -16.37 -15.95
C LEU A 1175 0.17 -15.84 -16.03
N CYS A 1176 -0.58 -16.35 -17.00
CA CYS A 1176 -2.02 -16.11 -17.13
C CYS A 1176 -2.54 -17.12 -18.15
N HIS A 1177 -3.82 -16.99 -18.48
CA HIS A 1177 -4.46 -17.84 -19.45
C HIS A 1177 -5.21 -16.98 -20.47
N CYS A 1178 -5.37 -17.53 -21.67
CA CYS A 1178 -5.97 -16.79 -22.78
C CYS A 1178 -6.72 -17.77 -23.67
N ASN A 1179 -8.05 -17.82 -23.50
CA ASN A 1179 -8.92 -18.67 -24.31
C ASN A 1179 -8.51 -20.14 -24.20
N GLY A 1180 -8.15 -20.58 -23.00
CA GLY A 1180 -7.70 -21.94 -22.79
C GLY A 1180 -6.24 -22.18 -23.12
N HIS A 1181 -5.49 -21.14 -23.43
CA HIS A 1181 -4.06 -21.24 -23.68
C HIS A 1181 -3.29 -20.61 -22.53
N LEU A 1182 -2.21 -21.27 -22.12
CA LEU A 1182 -1.37 -20.73 -21.06
C LEU A 1182 -0.40 -19.71 -21.62
N VAL A 1183 -0.38 -18.53 -21.02
CA VAL A 1183 0.50 -17.43 -21.44
C VAL A 1183 1.56 -17.25 -20.36
N SER A 1184 2.82 -17.33 -20.74
CA SER A 1184 3.94 -17.30 -19.80
C SER A 1184 4.95 -16.26 -20.25
N ALA A 1185 5.36 -15.39 -19.33
CA ALA A 1185 6.41 -14.41 -19.58
C ALA A 1185 7.75 -15.02 -19.16
N ILE A 1186 8.49 -15.55 -20.13
CA ILE A 1186 9.77 -16.21 -19.89
C ILE A 1186 10.86 -15.27 -20.38
N GLY A 1187 11.63 -14.72 -19.47
CA GLY A 1187 12.70 -13.82 -19.84
C GLY A 1187 12.16 -12.52 -20.38
N GLN A 1188 12.67 -12.10 -21.53
CA GLN A 1188 12.23 -10.87 -22.18
C GLN A 1188 11.27 -11.15 -23.35
N LYS A 1189 10.59 -12.28 -23.31
CA LYS A 1189 9.58 -12.63 -24.30
C LYS A 1189 8.37 -13.22 -23.59
N ILE A 1190 7.20 -13.07 -24.21
CA ILE A 1190 5.95 -13.61 -23.68
C ILE A 1190 5.48 -14.70 -24.63
N PHE A 1191 5.32 -15.90 -24.10
CA PHE A 1191 4.95 -17.07 -24.89
C PHE A 1191 3.51 -17.48 -24.61
N LEU A 1192 2.95 -18.26 -25.54
CA LEU A 1192 1.60 -18.79 -25.43
C LEU A 1192 1.65 -20.28 -25.73
N TRP A 1193 1.14 -21.08 -24.79
CA TRP A 1193 1.26 -22.53 -24.87
C TRP A 1193 -0.12 -23.18 -24.93
N SER A 1194 -0.15 -24.38 -25.50
CA SER A 1194 -1.34 -25.23 -25.52
C SER A 1194 -1.03 -26.49 -24.74
N LEU A 1195 -1.84 -26.78 -23.72
CA LEU A 1195 -1.63 -27.94 -22.86
C LEU A 1195 -2.40 -29.13 -23.44
N ARG A 1196 -1.68 -30.10 -23.97
CA ARG A 1196 -2.26 -31.35 -24.42
C ARG A 1196 -1.38 -32.49 -23.93
N ALA A 1197 -2.02 -33.56 -23.47
CA ALA A 1197 -1.33 -34.68 -22.79
C ALA A 1197 -0.59 -34.08 -21.61
N SER A 1198 0.73 -34.24 -21.49
CA SER A 1198 1.50 -33.68 -20.39
C SER A 1198 2.61 -32.76 -20.88
N GLU A 1199 2.47 -32.19 -22.08
CA GLU A 1199 3.52 -31.39 -22.69
C GLU A 1199 2.91 -30.12 -23.26
N LEU A 1200 3.56 -28.99 -23.00
CA LEU A 1200 3.09 -27.68 -23.47
C LEU A 1200 3.68 -27.40 -24.85
N THR A 1201 2.80 -27.21 -25.83
CA THR A 1201 3.21 -26.85 -27.19
C THR A 1201 3.07 -25.35 -27.38
N GLY A 1202 4.14 -24.72 -27.86
CA GLY A 1202 4.13 -23.29 -28.07
C GLY A 1202 3.39 -22.92 -29.34
N MET A 1203 2.57 -21.87 -29.24
CA MET A 1203 1.76 -21.39 -30.34
C MET A 1203 2.24 -20.06 -30.89
N ALA A 1204 2.45 -19.06 -30.03
CA ALA A 1204 2.90 -17.75 -30.48
C ALA A 1204 3.74 -17.11 -29.38
N PHE A 1205 4.66 -16.24 -29.78
CA PHE A 1205 5.48 -15.49 -28.85
C PHE A 1205 5.59 -14.05 -29.34
N ILE A 1206 6.06 -13.18 -28.44
CA ILE A 1206 6.29 -11.78 -28.78
C ILE A 1206 7.39 -11.24 -27.86
N ASP A 1207 8.24 -10.38 -28.42
CA ASP A 1207 9.22 -9.68 -27.61
C ASP A 1207 8.53 -8.66 -26.71
N THR A 1208 9.06 -8.47 -25.52
CA THR A 1208 8.44 -7.60 -24.53
C THR A 1208 9.53 -6.79 -23.83
N GLN A 1209 9.16 -6.14 -22.73
CA GLN A 1209 10.00 -5.15 -22.07
C GLN A 1209 11.04 -5.82 -21.18
N LEU A 1210 11.66 -5.05 -20.28
CA LEU A 1210 12.70 -5.55 -19.38
C LEU A 1210 12.28 -6.78 -18.61
N TYR A 1211 11.27 -6.64 -17.75
CA TYR A 1211 10.86 -7.71 -16.85
C TYR A 1211 9.36 -7.61 -16.65
N ILE A 1212 8.63 -8.60 -17.17
CA ILE A 1212 7.17 -8.65 -17.01
C ILE A 1212 6.88 -9.49 -15.77
N HIS A 1213 6.34 -8.84 -14.73
CA HIS A 1213 6.03 -9.53 -13.48
C HIS A 1213 4.55 -9.83 -13.33
N GLN A 1214 3.68 -8.93 -13.77
CA GLN A 1214 2.24 -9.13 -13.70
C GLN A 1214 1.67 -9.18 -15.11
N MET A 1215 0.68 -10.06 -15.30
CA MET A 1215 0.13 -10.28 -16.63
C MET A 1215 -1.27 -10.87 -16.56
N ILE A 1216 -2.26 -10.17 -17.11
CA ILE A 1216 -3.66 -10.60 -17.06
C ILE A 1216 -4.25 -10.47 -18.46
N SER A 1217 -5.28 -11.28 -18.72
CA SER A 1217 -5.88 -11.36 -20.04
C SER A 1217 -7.40 -11.40 -19.94
N VAL A 1218 -8.05 -10.86 -20.97
CA VAL A 1218 -9.49 -11.02 -21.16
C VAL A 1218 -9.82 -10.95 -22.64
N LYS A 1219 -10.52 -11.98 -23.15
CA LYS A 1219 -10.96 -12.04 -24.55
C LYS A 1219 -9.80 -11.76 -25.51
N ASN A 1220 -8.83 -12.69 -25.47
CA ASN A 1220 -7.64 -12.66 -26.32
C ASN A 1220 -6.88 -11.33 -26.24
N PHE A 1221 -7.11 -10.56 -25.18
CA PHE A 1221 -6.40 -9.31 -24.95
C PHE A 1221 -5.59 -9.44 -23.67
N ILE A 1222 -4.29 -9.65 -23.81
CA ILE A 1222 -3.39 -9.81 -22.67
C ILE A 1222 -2.84 -8.44 -22.28
N LEU A 1223 -2.91 -8.12 -21.00
CA LEU A 1223 -2.33 -6.89 -20.45
C LEU A 1223 -1.12 -7.27 -19.62
N ALA A 1224 0.07 -6.91 -20.10
CA ALA A 1224 1.33 -7.25 -19.46
C ALA A 1224 1.95 -6.00 -18.85
N ALA A 1225 2.46 -6.13 -17.63
CA ALA A 1225 3.07 -5.03 -16.91
C ALA A 1225 4.56 -5.26 -16.75
N ASP A 1226 5.35 -4.21 -16.97
CA ASP A 1226 6.79 -4.26 -16.77
C ASP A 1226 7.15 -3.63 -15.43
N VAL A 1227 8.28 -4.05 -14.87
CA VAL A 1227 8.67 -3.59 -13.55
C VAL A 1227 8.89 -2.09 -13.53
N MET A 1228 9.46 -1.52 -14.59
CA MET A 1228 9.68 -0.09 -14.64
C MET A 1228 9.38 0.57 -15.97
N LYS A 1229 8.92 -0.17 -16.99
CA LYS A 1229 8.56 0.40 -18.28
C LYS A 1229 7.07 0.28 -18.58
N SER A 1230 6.25 0.42 -17.55
CA SER A 1230 4.79 0.51 -17.66
C SER A 1230 4.15 -0.70 -18.32
N ILE A 1231 2.93 -0.50 -18.85
CA ILE A 1231 2.07 -1.60 -19.28
C ILE A 1231 2.03 -1.68 -20.80
N SER A 1232 1.63 -2.85 -21.31
CA SER A 1232 1.52 -3.09 -22.74
C SER A 1232 0.28 -3.92 -23.01
N LEU A 1233 -0.46 -3.56 -24.06
CA LEU A 1233 -1.66 -4.29 -24.45
C LEU A 1233 -1.34 -5.23 -25.60
N LEU A 1234 -1.73 -6.49 -25.45
CA LEU A 1234 -1.44 -7.52 -26.45
C LEU A 1234 -2.74 -8.12 -26.97
N ARG A 1235 -2.67 -8.66 -28.19
CA ARG A 1235 -3.78 -9.32 -28.83
C ARG A 1235 -3.33 -10.67 -29.39
N TYR A 1236 -4.15 -11.69 -29.19
CA TYR A 1236 -3.90 -13.00 -29.76
C TYR A 1236 -4.99 -13.33 -30.77
N GLN A 1237 -4.59 -13.70 -31.98
CA GLN A 1237 -5.50 -14.13 -33.03
C GLN A 1237 -5.36 -15.64 -33.17
N GLU A 1238 -6.41 -16.36 -32.80
CA GLU A 1238 -6.35 -17.83 -32.80
C GLU A 1238 -6.17 -18.39 -34.20
N GLU A 1239 -6.82 -17.79 -35.20
CA GLU A 1239 -6.76 -18.32 -36.56
C GLU A 1239 -5.35 -18.25 -37.12
N SER A 1240 -4.66 -17.13 -36.92
CA SER A 1240 -3.32 -16.95 -37.45
C SER A 1240 -2.22 -17.31 -36.47
N LYS A 1241 -2.57 -17.59 -35.20
CA LYS A 1241 -1.59 -17.93 -34.16
C LYS A 1241 -0.54 -16.84 -34.01
N THR A 1242 -1.00 -15.59 -33.99
CA THR A 1242 -0.11 -14.43 -33.89
C THR A 1242 -0.39 -13.67 -32.60
N LEU A 1243 0.68 -13.35 -31.87
CA LEU A 1243 0.62 -12.48 -30.71
C LEU A 1243 1.20 -11.13 -31.10
N SER A 1244 0.41 -10.08 -30.93
CA SER A 1244 0.76 -8.76 -31.42
C SER A 1244 0.55 -7.71 -30.33
N LEU A 1245 1.31 -6.63 -30.42
CA LEU A 1245 1.21 -5.52 -29.48
C LEU A 1245 0.22 -4.51 -30.05
N VAL A 1246 -0.91 -4.33 -29.36
CA VAL A 1246 -1.89 -3.35 -29.79
C VAL A 1246 -1.42 -1.94 -29.43
N SER A 1247 -1.12 -1.72 -28.15
CA SER A 1247 -0.66 -0.42 -27.68
C SER A 1247 0.11 -0.61 -26.39
N ARG A 1248 0.81 0.44 -25.99
CA ARG A 1248 1.54 0.43 -24.72
C ARG A 1248 1.70 1.88 -24.27
N ASP A 1249 1.97 2.05 -22.98
CA ASP A 1249 2.20 3.36 -22.41
C ASP A 1249 3.67 3.72 -22.59
N ALA A 1250 3.94 4.74 -23.40
CA ALA A 1250 5.32 5.09 -23.73
C ALA A 1250 6.05 5.64 -22.52
N LYS A 1251 5.37 6.41 -21.67
CA LYS A 1251 6.02 6.99 -20.51
C LYS A 1251 6.45 5.90 -19.54
N PRO A 1252 7.59 6.06 -18.87
CA PRO A 1252 8.03 5.07 -17.89
C PRO A 1252 7.12 5.05 -16.67
N LEU A 1253 6.96 3.86 -16.10
CA LEU A 1253 6.12 3.68 -14.93
C LEU A 1253 6.50 2.38 -14.23
N GLU A 1254 6.74 2.46 -12.93
CA GLU A 1254 7.05 1.28 -12.12
C GLU A 1254 5.74 0.70 -11.62
N VAL A 1255 5.26 -0.32 -12.31
CA VAL A 1255 3.92 -0.86 -12.11
C VAL A 1255 3.98 -1.97 -11.06
N TYR A 1256 3.03 -1.94 -10.12
CA TYR A 1256 2.91 -3.00 -9.12
C TYR A 1256 2.03 -4.13 -9.63
N SER A 1257 0.79 -3.83 -10.00
CA SER A 1257 -0.13 -4.83 -10.53
C SER A 1257 -1.11 -4.16 -11.48
N VAL A 1258 -1.71 -4.95 -12.35
CA VAL A 1258 -2.64 -4.47 -13.36
C VAL A 1258 -3.92 -5.28 -13.32
N ASP A 1259 -5.02 -4.68 -13.76
CA ASP A 1259 -6.30 -5.35 -13.88
C ASP A 1259 -7.06 -4.72 -15.04
N PHE A 1260 -8.35 -5.01 -15.11
CA PHE A 1260 -9.24 -4.44 -16.10
C PHE A 1260 -10.38 -3.68 -15.43
N MET A 1261 -10.83 -2.63 -16.07
CA MET A 1261 -12.00 -1.87 -15.63
C MET A 1261 -13.09 -2.10 -16.67
N VAL A 1262 -14.06 -2.95 -16.32
CA VAL A 1262 -15.10 -3.39 -17.24
C VAL A 1262 -16.32 -2.49 -17.06
N ASP A 1263 -16.76 -1.89 -18.16
CA ASP A 1263 -17.96 -1.08 -18.20
C ASP A 1263 -18.95 -1.74 -19.17
N ASN A 1264 -20.03 -1.02 -19.49
CA ASN A 1264 -21.03 -1.57 -20.40
C ASN A 1264 -20.41 -1.92 -21.75
N ALA A 1265 -19.61 -1.01 -22.30
CA ALA A 1265 -18.87 -1.27 -23.52
C ALA A 1265 -17.42 -0.80 -23.48
N GLN A 1266 -17.01 -0.09 -22.43
CA GLN A 1266 -15.66 0.46 -22.34
C GLN A 1266 -14.78 -0.48 -21.54
N LEU A 1267 -13.61 -0.80 -22.09
CA LEU A 1267 -12.63 -1.62 -21.40
C LEU A 1267 -11.46 -0.74 -20.98
N GLY A 1268 -11.19 -0.68 -19.68
CA GLY A 1268 -10.08 0.08 -19.14
C GLY A 1268 -8.97 -0.84 -18.65
N PHE A 1269 -7.86 -0.21 -18.27
CA PHE A 1269 -6.70 -0.91 -17.73
C PHE A 1269 -6.29 -0.24 -16.43
N LEU A 1270 -6.72 -0.80 -15.31
CA LEU A 1270 -6.35 -0.25 -14.01
C LEU A 1270 -4.91 -0.62 -13.68
N VAL A 1271 -4.12 0.39 -13.33
CA VAL A 1271 -2.69 0.22 -13.10
C VAL A 1271 -2.35 0.78 -11.72
N SER A 1272 -1.56 0.03 -10.96
CA SER A 1272 -1.02 0.49 -9.68
C SER A 1272 0.49 0.64 -9.79
N ASP A 1273 1.01 1.72 -9.22
CA ASP A 1273 2.42 2.06 -9.34
C ASP A 1273 3.06 2.20 -7.96
N ARG A 1274 4.39 2.36 -7.97
CA ARG A 1274 5.12 2.55 -6.73
C ARG A 1274 4.75 3.84 -6.02
N ASP A 1275 4.36 4.87 -6.77
CA ASP A 1275 4.00 6.15 -6.18
C ASP A 1275 2.61 6.13 -5.56
N ARG A 1276 2.01 4.94 -5.38
CA ARG A 1276 0.72 4.77 -4.73
C ARG A 1276 -0.39 5.51 -5.50
N ASN A 1277 -0.52 5.18 -6.79
CA ASN A 1277 -1.53 5.78 -7.63
C ASN A 1277 -2.25 4.71 -8.43
N LEU A 1278 -3.49 5.00 -8.78
CA LEU A 1278 -4.30 4.14 -9.63
C LEU A 1278 -4.54 4.85 -10.96
N MET A 1279 -4.19 4.19 -12.06
CA MET A 1279 -4.30 4.76 -13.39
C MET A 1279 -5.20 3.88 -14.24
N VAL A 1280 -6.09 4.50 -14.99
CA VAL A 1280 -6.94 3.80 -15.95
C VAL A 1280 -6.51 4.21 -17.35
N TYR A 1281 -6.12 3.23 -18.16
CA TYR A 1281 -5.70 3.46 -19.53
C TYR A 1281 -6.77 2.92 -20.48
N MET A 1282 -6.92 3.61 -21.61
CA MET A 1282 -7.92 3.26 -22.61
C MET A 1282 -7.28 3.20 -23.98
N TYR A 1283 -7.71 2.23 -24.78
CA TYR A 1283 -7.28 2.12 -26.17
C TYR A 1283 -8.21 2.97 -27.03
N LEU A 1284 -7.71 4.12 -27.48
CA LEU A 1284 -8.50 5.10 -28.22
C LEU A 1284 -7.77 5.46 -29.51
N PRO A 1285 -7.86 4.59 -30.53
CA PRO A 1285 -7.17 4.89 -31.80
C PRO A 1285 -7.63 6.16 -32.48
N GLU A 1286 -8.91 6.52 -32.34
CA GLU A 1286 -9.41 7.75 -32.96
C GLU A 1286 -9.00 9.01 -32.22
N ALA A 1287 -8.48 8.89 -30.99
CA ALA A 1287 -8.01 10.05 -30.27
C ALA A 1287 -6.73 10.60 -30.90
N LYS A 1288 -6.54 11.92 -30.77
CA LYS A 1288 -5.35 12.54 -31.34
C LYS A 1288 -4.11 12.26 -30.49
N GLU A 1289 -4.27 12.15 -29.18
CA GLU A 1289 -3.13 11.90 -28.29
C GLU A 1289 -2.48 10.56 -28.62
N SER A 1290 -3.29 9.53 -28.84
CA SER A 1290 -2.79 8.27 -29.37
C SER A 1290 -2.56 8.46 -30.87
N PHE A 1291 -1.30 8.48 -31.28
CA PHE A 1291 -0.97 8.89 -32.64
C PHE A 1291 -1.59 7.94 -33.67
N GLY A 1292 -1.52 6.65 -33.44
CA GLY A 1292 -2.14 5.68 -34.33
C GLY A 1292 -2.76 4.53 -33.59
N GLY A 1293 -3.18 4.78 -32.35
CA GLY A 1293 -3.55 3.70 -31.47
C GLY A 1293 -2.37 2.97 -30.88
N MET A 1294 -1.19 3.58 -30.89
CA MET A 1294 0.02 2.99 -30.35
C MET A 1294 0.35 3.48 -28.94
N ARG A 1295 -0.40 4.44 -28.42
CA ARG A 1295 -0.18 4.98 -27.08
C ARG A 1295 -1.44 4.76 -26.25
N LEU A 1296 -1.30 4.09 -25.12
CA LEU A 1296 -2.41 3.98 -24.19
C LEU A 1296 -2.60 5.29 -23.46
N LEU A 1297 -3.82 5.80 -23.46
CA LEU A 1297 -4.12 7.13 -22.94
C LEU A 1297 -4.63 7.02 -21.50
N ARG A 1298 -4.03 7.82 -20.61
CA ARG A 1298 -4.47 7.89 -19.24
C ARG A 1298 -5.77 8.66 -19.16
N ARG A 1299 -6.87 7.97 -18.84
CA ARG A 1299 -8.19 8.58 -18.84
C ARG A 1299 -8.75 8.84 -17.45
N ALA A 1300 -8.32 8.10 -16.45
CA ALA A 1300 -8.74 8.33 -15.07
C ALA A 1300 -7.53 8.22 -14.16
N ASP A 1301 -7.46 9.10 -13.16
CA ASP A 1301 -6.35 9.15 -12.24
C ASP A 1301 -6.86 9.21 -10.81
N PHE A 1302 -6.17 8.50 -9.92
CA PHE A 1302 -6.51 8.50 -8.50
C PHE A 1302 -5.29 8.11 -7.70
N HIS A 1303 -5.08 8.79 -6.58
CA HIS A 1303 -3.99 8.47 -5.66
C HIS A 1303 -4.57 7.78 -4.43
N VAL A 1304 -4.46 6.46 -4.40
CA VAL A 1304 -4.74 5.69 -3.20
C VAL A 1304 -3.47 5.68 -2.35
N GLY A 1305 -3.60 6.03 -1.08
CA GLY A 1305 -2.44 6.21 -0.24
C GLY A 1305 -1.75 4.93 0.16
N ALA A 1306 -1.95 3.86 -0.60
CA ALA A 1306 -1.35 2.57 -0.28
C ALA A 1306 -0.99 1.84 -1.57
N HIS A 1307 0.03 0.99 -1.49
CA HIS A 1307 0.42 0.15 -2.61
C HIS A 1307 -0.58 -0.98 -2.80
N VAL A 1308 -0.83 -1.33 -4.05
CA VAL A 1308 -1.79 -2.37 -4.41
C VAL A 1308 -1.06 -3.41 -5.25
N ASN A 1309 -1.13 -4.67 -4.83
CA ASN A 1309 -0.46 -5.75 -5.53
C ASN A 1309 -1.41 -6.81 -6.08
N THR A 1310 -2.66 -6.86 -5.65
CA THR A 1310 -3.59 -7.88 -6.11
C THR A 1310 -4.91 -7.24 -6.49
N PHE A 1311 -5.57 -7.82 -7.49
CA PHE A 1311 -6.83 -7.33 -8.01
C PHE A 1311 -7.80 -8.48 -8.23
N TRP A 1312 -9.10 -8.18 -8.16
CA TRP A 1312 -10.14 -9.11 -8.58
C TRP A 1312 -11.40 -8.32 -8.90
N ARG A 1313 -12.27 -8.92 -9.69
CA ARG A 1313 -13.48 -8.27 -10.17
C ARG A 1313 -14.70 -9.12 -9.86
N THR A 1314 -15.79 -8.45 -9.49
CA THR A 1314 -17.08 -9.08 -9.29
C THR A 1314 -18.16 -8.27 -10.01
N PRO A 1315 -19.21 -8.93 -10.50
CA PRO A 1315 -20.32 -8.19 -11.10
C PRO A 1315 -21.08 -7.40 -10.06
N CYS A 1316 -21.88 -6.45 -10.54
CA CYS A 1316 -22.62 -5.58 -9.64
C CYS A 1316 -23.71 -6.35 -8.89
N ARG A 1317 -23.85 -6.03 -7.61
CA ARG A 1317 -24.90 -6.60 -6.78
C ARG A 1317 -26.23 -5.89 -6.99
N VAL A 1329 -28.42 0.79 -16.11
CA VAL A 1329 -27.37 1.12 -15.15
C VAL A 1329 -26.93 -0.15 -14.44
N TRP A 1330 -25.62 -0.31 -14.24
CA TRP A 1330 -25.01 -1.51 -13.68
C TRP A 1330 -25.31 -2.75 -14.51
N GLU A 1331 -25.66 -2.57 -15.78
CA GLU A 1331 -26.10 -3.71 -16.59
C GLU A 1331 -24.95 -4.66 -16.86
N ASN A 1332 -23.81 -4.13 -17.31
CA ASN A 1332 -22.65 -4.93 -17.67
C ASN A 1332 -21.38 -4.42 -16.98
N LYS A 1333 -21.53 -3.82 -15.81
CA LYS A 1333 -20.41 -3.30 -15.07
C LYS A 1333 -19.85 -4.34 -14.12
N HIS A 1334 -18.54 -4.24 -13.86
CA HIS A 1334 -17.87 -5.08 -12.88
C HIS A 1334 -17.07 -4.20 -11.94
N ILE A 1335 -17.20 -4.45 -10.64
CA ILE A 1335 -16.42 -3.72 -9.65
C ILE A 1335 -15.02 -4.31 -9.61
N THR A 1336 -14.02 -3.44 -9.71
CA THR A 1336 -12.63 -3.85 -9.61
C THR A 1336 -12.21 -3.71 -8.14
N TRP A 1337 -11.97 -4.85 -7.49
CA TRP A 1337 -11.58 -4.90 -6.10
C TRP A 1337 -10.07 -5.02 -6.00
N PHE A 1338 -9.50 -4.47 -4.92
CA PHE A 1338 -8.07 -4.58 -4.70
C PHE A 1338 -7.79 -4.59 -3.20
N ALA A 1339 -6.75 -5.33 -2.82
CA ALA A 1339 -6.27 -5.37 -1.45
C ALA A 1339 -4.90 -4.71 -1.39
N THR A 1340 -4.76 -3.74 -0.48
CA THR A 1340 -3.54 -2.96 -0.42
C THR A 1340 -2.48 -3.69 0.40
N LEU A 1341 -1.24 -3.21 0.27
CA LEU A 1341 -0.13 -3.76 1.04
C LEU A 1341 -0.10 -3.25 2.47
N ASP A 1342 -1.01 -2.36 2.84
CA ASP A 1342 -1.15 -1.90 4.22
C ASP A 1342 -2.31 -2.59 4.93
N GLY A 1343 -2.83 -3.66 4.35
CA GLY A 1343 -3.89 -4.42 5.00
C GLY A 1343 -5.29 -3.91 4.76
N GLY A 1344 -5.49 -3.11 3.72
CA GLY A 1344 -6.82 -2.61 3.41
C GLY A 1344 -7.37 -3.19 2.12
N ILE A 1345 -8.68 -3.12 1.95
CA ILE A 1345 -9.35 -3.56 0.73
C ILE A 1345 -10.15 -2.38 0.18
N GLY A 1346 -9.97 -2.12 -1.12
CA GLY A 1346 -10.70 -1.06 -1.77
C GLY A 1346 -11.33 -1.58 -3.06
N LEU A 1347 -12.22 -0.77 -3.61
CA LEU A 1347 -12.91 -1.09 -4.86
C LEU A 1347 -12.95 0.14 -5.73
N LEU A 1348 -13.10 -0.09 -7.03
CA LEU A 1348 -13.20 0.99 -8.02
C LEU A 1348 -14.41 0.67 -8.90
N LEU A 1349 -15.50 1.41 -8.71
CA LEU A 1349 -16.77 1.11 -9.35
C LEU A 1349 -17.00 2.02 -10.54
N PRO A 1350 -17.16 1.49 -11.75
CA PRO A 1350 -17.48 2.34 -12.90
C PRO A 1350 -18.83 3.05 -12.70
N MET A 1351 -18.94 4.24 -13.29
CA MET A 1351 -20.09 5.09 -13.04
C MET A 1351 -20.47 5.85 -14.30
N GLN A 1352 -21.74 6.22 -14.39
CA GLN A 1352 -22.26 7.00 -15.51
C GLN A 1352 -21.69 8.41 -15.49
N GLU A 1353 -21.70 9.05 -16.66
CA GLU A 1353 -21.07 10.36 -16.79
C GLU A 1353 -21.83 11.43 -16.02
N LYS A 1354 -23.16 11.46 -16.16
CA LYS A 1354 -23.95 12.49 -15.48
C LYS A 1354 -23.87 12.31 -13.96
N THR A 1355 -23.96 11.06 -13.50
CA THR A 1355 -23.81 10.78 -12.08
C THR A 1355 -22.43 11.20 -11.59
N TYR A 1356 -21.40 10.95 -12.40
CA TYR A 1356 -20.06 11.36 -12.03
C TYR A 1356 -19.96 12.87 -11.91
N ARG A 1357 -20.57 13.61 -12.84
CA ARG A 1357 -20.50 15.07 -12.79
C ARG A 1357 -21.21 15.61 -11.55
N ARG A 1358 -22.41 15.09 -11.26
CA ARG A 1358 -23.12 15.53 -10.06
C ARG A 1358 -22.34 15.21 -8.80
N LEU A 1359 -21.80 14.00 -8.70
CA LEU A 1359 -21.05 13.61 -7.52
C LEU A 1359 -19.71 14.34 -7.46
N LEU A 1360 -19.21 14.82 -8.60
CA LEU A 1360 -17.99 15.61 -8.61
C LEU A 1360 -18.23 17.01 -8.07
N MET A 1361 -19.36 17.61 -8.44
CA MET A 1361 -19.74 18.88 -7.79
C MET A 1361 -19.93 18.67 -6.29
N LEU A 1362 -20.55 17.56 -5.90
CA LEU A 1362 -20.67 17.24 -4.49
C LEU A 1362 -19.30 17.10 -3.82
N GLN A 1363 -18.37 16.43 -4.50
CA GLN A 1363 -17.03 16.22 -3.96
C GLN A 1363 -16.29 17.54 -3.77
N ASN A 1364 -16.41 18.43 -4.75
CA ASN A 1364 -15.78 19.74 -4.63
C ASN A 1364 -16.38 20.53 -3.48
N ALA A 1365 -17.70 20.46 -3.31
CA ALA A 1365 -18.33 21.13 -2.17
C ALA A 1365 -17.82 20.57 -0.84
N LEU A 1366 -17.73 19.24 -0.75
CA LEU A 1366 -17.24 18.62 0.48
C LEU A 1366 -15.80 19.01 0.77
N THR A 1367 -14.96 19.06 -0.28
CA THR A 1367 -13.58 19.46 -0.10
C THR A 1367 -13.47 20.90 0.37
N THR A 1368 -14.31 21.78 -0.16
CA THR A 1368 -14.17 23.20 0.13
C THR A 1368 -14.78 23.60 1.48
N MET A 1369 -16.04 23.24 1.73
CA MET A 1369 -16.73 23.76 2.90
C MET A 1369 -16.64 22.86 4.13
N LEU A 1370 -15.93 21.75 4.08
CA LEU A 1370 -15.85 20.91 5.26
C LEU A 1370 -14.42 20.85 5.80
N PRO A 1371 -14.22 21.14 7.08
CA PRO A 1371 -12.90 20.95 7.68
C PRO A 1371 -12.55 19.48 7.76
N HIS A 1372 -11.25 19.18 7.71
CA HIS A 1372 -10.76 17.82 7.67
C HIS A 1372 -9.68 17.60 8.72
N HIS A 1373 -9.48 16.33 9.07
CA HIS A 1373 -8.49 15.98 10.08
C HIS A 1373 -7.10 16.41 9.63
N ALA A 1374 -6.34 16.98 10.56
CA ALA A 1374 -4.97 17.46 10.39
C ALA A 1374 -4.89 18.62 9.40
N GLY A 1375 -6.01 19.17 8.95
CA GLY A 1375 -5.97 20.24 7.98
C GLY A 1375 -5.59 19.81 6.58
N LEU A 1376 -5.53 18.51 6.31
CA LEU A 1376 -5.12 18.03 5.01
C LEU A 1376 -6.20 18.32 3.97
N ASN A 1377 -5.76 18.37 2.71
CA ASN A 1377 -6.66 18.66 1.60
C ASN A 1377 -7.06 17.36 0.93
N PRO A 1378 -8.35 16.99 0.94
CA PRO A 1378 -8.76 15.75 0.26
C PRO A 1378 -8.46 15.74 -1.22
N ARG A 1379 -8.60 16.89 -1.89
CA ARG A 1379 -8.31 16.95 -3.31
C ARG A 1379 -6.83 16.77 -3.59
N ALA A 1380 -5.98 17.45 -2.81
CA ALA A 1380 -4.54 17.38 -3.04
C ALA A 1380 -4.02 15.96 -2.79
N PHE A 1381 -4.57 15.29 -1.76
CA PHE A 1381 -4.16 13.92 -1.48
C PHE A 1381 -4.47 13.00 -2.65
N ARG A 1382 -5.66 13.15 -3.24
CA ARG A 1382 -6.07 12.29 -4.33
C ARG A 1382 -5.48 12.71 -5.67
N MET A 1383 -4.79 13.84 -5.74
CA MET A 1383 -4.03 14.18 -6.94
C MET A 1383 -2.89 13.20 -7.14
N LEU A 1384 -2.64 12.86 -8.40
CA LEU A 1384 -1.68 11.82 -8.74
C LEU A 1384 -0.24 12.35 -8.66
N HIS A 1385 0.63 11.59 -8.00
CA HIS A 1385 2.08 11.76 -7.99
C HIS A 1385 2.54 13.10 -7.43
N VAL A 1386 1.63 13.90 -6.88
CA VAL A 1386 2.01 15.20 -6.33
C VAL A 1386 2.93 15.09 -5.12
N ASP A 1387 2.97 13.93 -4.48
CA ASP A 1387 3.85 13.72 -3.33
C ASP A 1387 4.76 12.51 -3.55
N ASN A 1393 -0.67 17.06 -15.85
CA ASN A 1393 -1.11 16.03 -16.80
C ASN A 1393 -1.95 14.96 -16.11
N ALA A 1394 -2.66 15.37 -15.06
CA ALA A 1394 -3.52 14.47 -14.30
C ALA A 1394 -4.96 14.58 -14.80
N VAL A 1395 -5.65 13.44 -14.81
CA VAL A 1395 -7.02 13.36 -15.30
C VAL A 1395 -7.89 12.88 -14.13
N ARG A 1396 -8.52 13.85 -13.45
CA ARG A 1396 -9.36 13.53 -12.30
C ARG A 1396 -10.70 12.97 -12.74
N ASN A 1397 -10.77 11.67 -13.02
CA ASN A 1397 -12.02 11.03 -13.40
C ASN A 1397 -12.43 9.94 -12.41
N VAL A 1398 -11.80 9.88 -11.24
CA VAL A 1398 -12.16 8.95 -10.18
C VAL A 1398 -12.54 9.75 -8.95
N LEU A 1399 -13.69 9.41 -8.37
CA LEU A 1399 -14.17 10.11 -7.19
C LEU A 1399 -13.73 9.40 -5.93
N ASP A 1400 -13.71 10.14 -4.83
CA ASP A 1400 -13.28 9.63 -3.52
C ASP A 1400 -14.53 9.28 -2.71
N GLY A 1401 -14.87 7.99 -2.67
CA GLY A 1401 -16.01 7.57 -1.87
C GLY A 1401 -15.81 7.84 -0.39
N GLU A 1402 -14.57 7.72 0.09
CA GLU A 1402 -14.28 8.05 1.48
C GLU A 1402 -14.57 9.51 1.77
N LEU A 1403 -14.38 10.39 0.79
CA LEU A 1403 -14.79 11.78 0.93
C LEU A 1403 -16.27 11.97 0.65
N LEU A 1404 -16.79 11.26 -0.35
CA LEU A 1404 -18.23 11.33 -0.64
C LEU A 1404 -19.07 10.80 0.52
N ASN A 1405 -18.51 9.90 1.34
CA ASN A 1405 -19.22 9.39 2.50
C ASN A 1405 -19.45 10.47 3.55
N ARG A 1406 -18.69 11.57 3.51
CA ARG A 1406 -18.91 12.67 4.43
C ARG A 1406 -20.26 13.35 4.22
N TYR A 1407 -20.88 13.18 3.05
CA TYR A 1407 -22.24 13.67 2.84
C TYR A 1407 -23.23 12.88 3.67
N LEU A 1408 -23.04 11.56 3.77
CA LEU A 1408 -23.88 10.74 4.62
C LEU A 1408 -23.73 11.12 6.09
N TYR A 1409 -22.52 11.47 6.50
CA TYR A 1409 -22.25 11.86 7.88
C TYR A 1409 -22.80 13.24 8.22
N LEU A 1410 -23.11 14.06 7.23
CA LEU A 1410 -23.67 15.37 7.48
C LEU A 1410 -25.12 15.25 7.94
N SER A 1411 -25.58 16.26 8.68
CA SER A 1411 -26.96 16.31 9.10
C SER A 1411 -27.86 16.59 7.91
N THR A 1412 -29.17 16.41 8.11
CA THR A 1412 -30.13 16.70 7.06
C THR A 1412 -30.07 18.17 6.67
N MET A 1413 -29.93 19.06 7.66
CA MET A 1413 -29.76 20.48 7.37
C MET A 1413 -28.56 20.71 6.47
N GLU A 1414 -27.36 20.40 6.98
CA GLU A 1414 -26.14 20.67 6.23
C GLU A 1414 -26.19 20.06 4.84
N ARG A 1415 -26.80 18.88 4.74
CA ARG A 1415 -27.02 18.28 3.42
C ARG A 1415 -27.90 19.17 2.55
N SER A 1416 -28.94 19.77 3.15
CA SER A 1416 -29.83 20.64 2.39
C SER A 1416 -29.11 21.89 1.89
N GLU A 1417 -28.35 22.58 2.76
CA GLU A 1417 -27.63 23.76 2.26
C GLU A 1417 -26.58 23.37 1.23
N LEU A 1418 -25.87 22.26 1.42
CA LEU A 1418 -24.89 21.87 0.42
C LEU A 1418 -25.54 21.54 -0.92
N ALA A 1419 -26.70 20.87 -0.90
CA ALA A 1419 -27.42 20.59 -2.15
C ALA A 1419 -27.91 21.87 -2.80
N LYS A 1420 -28.37 22.84 -2.01
CA LYS A 1420 -28.75 24.13 -2.58
C LYS A 1420 -27.56 24.80 -3.24
N LYS A 1421 -26.39 24.74 -2.59
CA LYS A 1421 -25.20 25.36 -3.16
C LYS A 1421 -24.78 24.69 -4.47
N ILE A 1422 -24.85 23.37 -4.52
CA ILE A 1422 -24.39 22.65 -5.71
C ILE A 1422 -25.53 22.45 -6.69
N GLY A 1423 -26.67 23.08 -6.43
CA GLY A 1423 -27.75 23.12 -7.41
C GLY A 1423 -28.40 21.80 -7.74
N THR A 1424 -28.65 20.98 -6.72
CA THR A 1424 -29.40 19.74 -6.89
C THR A 1424 -30.11 19.44 -5.58
N THR A 1425 -30.59 18.21 -5.42
CA THR A 1425 -31.41 17.93 -4.26
C THR A 1425 -30.82 16.81 -3.40
N PRO A 1426 -31.01 16.89 -2.08
CA PRO A 1426 -30.45 15.87 -1.19
C PRO A 1426 -30.97 14.47 -1.49
N ASP A 1427 -32.22 14.33 -1.89
CA ASP A 1427 -32.76 13.00 -2.19
C ASP A 1427 -32.03 12.38 -3.38
N ILE A 1428 -31.77 13.19 -4.42
CA ILE A 1428 -31.06 12.67 -5.58
C ILE A 1428 -29.63 12.30 -5.22
N ILE A 1429 -28.96 13.17 -4.46
CA ILE A 1429 -27.58 12.86 -4.06
C ILE A 1429 -27.53 11.58 -3.24
N LEU A 1430 -28.46 11.46 -2.28
CA LEU A 1430 -28.52 10.27 -1.44
C LEU A 1430 -28.84 9.02 -2.25
N ASP A 1431 -29.74 9.11 -3.22
CA ASP A 1431 -30.03 7.96 -4.06
C ASP A 1431 -28.79 7.52 -4.82
N ASP A 1432 -28.03 8.46 -5.38
CA ASP A 1432 -26.80 8.08 -6.09
C ASP A 1432 -25.81 7.42 -5.15
N LEU A 1433 -25.56 8.04 -3.99
CA LEU A 1433 -24.57 7.50 -3.06
C LEU A 1433 -24.98 6.12 -2.55
N LEU A 1434 -26.26 5.95 -2.21
CA LEU A 1434 -26.73 4.68 -1.69
C LEU A 1434 -26.78 3.61 -2.77
N GLU A 1435 -27.03 3.98 -4.03
CA GLU A 1435 -26.92 3.01 -5.11
C GLU A 1435 -25.48 2.53 -5.27
N THR A 1436 -24.53 3.46 -5.18
CA THR A 1436 -23.12 3.05 -5.23
C THR A 1436 -22.78 2.12 -4.07
N ASP A 1437 -23.30 2.43 -2.88
CA ASP A 1437 -23.08 1.55 -1.73
C ASP A 1437 -23.71 0.17 -1.94
N ARG A 1438 -24.92 0.14 -2.52
CA ARG A 1438 -25.68 -1.09 -2.64
C ARG A 1438 -25.10 -2.03 -3.69
N VAL A 1439 -24.65 -1.49 -4.82
CA VAL A 1439 -24.16 -2.37 -5.88
C VAL A 1439 -22.86 -3.05 -5.52
N THR A 1440 -22.16 -2.58 -4.48
CA THR A 1440 -20.86 -3.10 -4.11
C THR A 1440 -20.90 -3.92 -2.82
N ALA A 1441 -22.07 -4.45 -2.47
CA ALA A 1441 -22.23 -5.19 -1.23
C ALA A 1441 -22.03 -6.69 -1.46
N HIS A 1442 -20.80 -7.06 -1.79
CA HIS A 1442 -20.44 -8.45 -2.01
C HIS A 1442 -19.74 -9.02 -0.78
N PHE A 1443 -19.39 -10.31 -0.87
CA PHE A 1443 -18.68 -11.03 0.19
C PHE A 1443 -19.42 -10.99 1.51
N GLY B 1 -15.24 -18.43 -6.62
CA GLY B 1 -14.36 -17.48 -7.27
C GLY B 1 -14.10 -17.82 -8.72
N MET B 2 -12.83 -17.87 -9.12
CA MET B 2 -12.43 -18.19 -10.49
C MET B 2 -13.08 -17.22 -11.47
N GLN B 3 -12.55 -16.00 -11.46
CA GLN B 3 -13.16 -14.79 -12.02
C GLN B 3 -14.01 -15.02 -13.27
N GLU B 4 -13.53 -15.87 -14.18
CA GLU B 4 -14.23 -16.09 -15.44
C GLU B 4 -15.68 -16.54 -15.24
N ILE B 5 -15.96 -17.23 -14.15
CA ILE B 5 -17.32 -17.73 -13.96
C ILE B 5 -18.15 -16.79 -13.08
N ILE B 6 -17.57 -16.23 -12.02
CA ILE B 6 -18.33 -15.31 -11.19
C ILE B 6 -18.57 -13.99 -11.90
N ALA B 7 -17.57 -13.49 -12.62
CA ALA B 7 -17.67 -12.23 -13.36
C ALA B 7 -17.43 -12.55 -14.83
N SER B 8 -18.49 -12.92 -15.53
CA SER B 8 -18.42 -13.27 -16.93
C SER B 8 -18.54 -12.01 -17.79
N VAL B 9 -17.75 -11.96 -18.86
CA VAL B 9 -17.76 -10.85 -19.79
C VAL B 9 -18.15 -11.26 -21.20
N ASP B 10 -18.31 -12.56 -21.46
CA ASP B 10 -18.57 -13.03 -22.82
C ASP B 10 -19.85 -12.45 -23.41
N HIS B 11 -20.78 -11.99 -22.57
CA HIS B 11 -21.98 -11.32 -23.04
C HIS B 11 -21.77 -9.85 -23.33
N ILE B 12 -20.59 -9.32 -23.05
CA ILE B 12 -20.28 -7.90 -23.22
C ILE B 12 -19.49 -7.73 -24.51
N LYS B 13 -19.90 -6.79 -25.35
CA LYS B 13 -19.16 -6.41 -26.54
C LYS B 13 -18.43 -5.10 -26.24
N PHE B 14 -17.10 -5.15 -26.32
CA PHE B 14 -16.27 -4.00 -25.96
C PHE B 14 -16.00 -3.15 -27.18
N ASP B 15 -16.03 -1.83 -27.00
CA ASP B 15 -15.63 -0.92 -28.07
C ASP B 15 -14.17 -1.11 -28.43
N LEU B 16 -13.37 -1.54 -27.45
CA LEU B 16 -11.95 -1.81 -27.70
C LEU B 16 -11.79 -2.97 -28.68
N GLU B 17 -12.59 -4.03 -28.52
CA GLU B 17 -12.51 -5.16 -29.44
C GLU B 17 -13.07 -4.84 -30.81
N ILE B 18 -14.04 -3.92 -30.88
CA ILE B 18 -14.54 -3.46 -32.18
C ILE B 18 -13.46 -2.69 -32.92
N ALA B 19 -12.67 -1.90 -32.19
CA ALA B 19 -11.64 -1.07 -32.82
C ALA B 19 -10.59 -1.92 -33.52
N VAL B 20 -10.13 -2.99 -32.87
CA VAL B 20 -9.11 -3.83 -33.49
C VAL B 20 -9.69 -4.62 -34.66
N GLU B 21 -10.97 -4.98 -34.59
CA GLU B 21 -11.59 -5.74 -35.68
C GLU B 21 -11.76 -4.89 -36.93
N GLN B 22 -12.24 -3.66 -36.77
CA GLN B 22 -12.42 -2.74 -37.88
C GLN B 22 -11.19 -1.88 -38.14
N GLN B 23 -10.12 -2.07 -37.37
CA GLN B 23 -8.85 -1.38 -37.58
C GLN B 23 -9.02 0.14 -37.54
N LEU B 24 -9.63 0.62 -36.47
CA LEU B 24 -9.80 2.06 -36.30
C LEU B 24 -8.44 2.74 -36.13
N GLY B 25 -8.30 3.90 -36.73
CA GLY B 25 -7.06 4.67 -36.60
C GLY B 25 -5.84 3.97 -37.13
N ALA B 26 -6.00 3.18 -38.19
CA ALA B 26 -4.87 2.47 -38.80
C ALA B 26 -4.17 3.38 -39.82
N GLN B 27 -3.23 4.16 -39.30
CA GLN B 27 -2.47 5.08 -40.13
C GLN B 27 -1.62 4.28 -41.13
N PRO B 28 -1.42 4.78 -42.36
CA PRO B 28 -0.57 4.07 -43.32
C PRO B 28 0.84 3.90 -42.79
N LEU B 29 1.44 2.76 -43.12
CA LEU B 29 2.77 2.45 -42.60
C LEU B 29 3.79 3.38 -43.24
N PRO B 30 4.48 4.22 -42.46
CA PRO B 30 5.38 5.21 -43.06
C PRO B 30 6.71 4.61 -43.48
N PHE B 31 7.52 5.39 -44.21
CA PHE B 31 8.84 4.99 -44.64
C PHE B 31 8.79 3.66 -45.38
N PRO B 32 8.28 3.64 -46.62
CA PRO B 32 8.16 2.38 -47.37
C PRO B 32 9.39 1.49 -47.28
N GLY B 33 9.19 0.25 -46.86
CA GLY B 33 10.27 -0.60 -46.42
C GLY B 33 10.46 -0.65 -44.92
N MET B 34 9.49 -0.13 -44.15
CA MET B 34 9.59 -0.13 -42.70
C MET B 34 9.69 -1.54 -42.13
N ASP B 35 9.05 -2.51 -42.78
CA ASP B 35 9.18 -3.93 -42.46
C ASP B 35 8.46 -4.27 -41.16
N LYS B 36 8.00 -3.25 -40.44
CA LYS B 36 7.23 -3.33 -39.19
C LYS B 36 7.86 -4.37 -38.27
N SER B 37 7.05 -5.03 -37.43
CA SER B 37 7.54 -6.02 -36.48
C SER B 37 6.40 -6.72 -35.76
N GLY B 38 5.80 -6.05 -34.78
CA GLY B 38 4.78 -6.65 -33.96
C GLY B 38 3.37 -6.47 -34.49
N ALA B 39 3.25 -6.11 -35.78
CA ALA B 39 1.95 -5.89 -36.38
C ALA B 39 1.16 -7.18 -36.46
N ALA B 40 -0.15 -7.06 -36.27
CA ALA B 40 -1.06 -8.19 -36.34
C ALA B 40 -1.43 -8.49 -37.79
N VAL B 41 -2.03 -9.66 -38.00
CA VAL B 41 -2.49 -10.04 -39.33
C VAL B 41 -3.72 -9.22 -39.69
N CYS B 42 -3.71 -8.64 -40.89
CA CYS B 42 -4.80 -7.78 -41.32
C CYS B 42 -6.05 -8.61 -41.57
N GLU B 43 -7.11 -8.32 -40.80
CA GLU B 43 -8.38 -9.04 -40.98
C GLU B 43 -9.00 -8.72 -42.34
N PHE B 44 -8.91 -7.47 -42.78
CA PHE B 44 -9.52 -7.08 -44.04
C PHE B 44 -8.88 -7.81 -45.22
N PHE B 45 -7.56 -7.99 -45.18
CA PHE B 45 -6.88 -8.68 -46.27
C PHE B 45 -7.33 -10.14 -46.38
N LEU B 46 -7.75 -10.74 -45.26
CA LEU B 46 -8.23 -12.12 -45.32
C LEU B 46 -9.50 -12.25 -46.13
N LYS B 47 -10.38 -11.25 -46.05
CA LYS B 47 -11.63 -11.23 -46.83
C LYS B 47 -11.53 -10.34 -48.06
N ALA B 48 -10.31 -9.96 -48.46
CA ALA B 48 -10.07 -9.18 -49.68
C ALA B 48 -10.81 -7.85 -49.65
N ALA B 49 -10.61 -7.09 -48.57
CA ALA B 49 -11.18 -5.76 -48.42
C ALA B 49 -10.15 -4.81 -47.84
N CYS B 50 -8.90 -4.91 -48.31
CA CYS B 50 -7.81 -4.07 -47.83
C CYS B 50 -7.32 -3.21 -49.00
N GLY B 51 -7.62 -1.91 -48.94
CA GLY B 51 -7.17 -1.02 -50.00
C GLY B 51 -5.66 -0.87 -50.04
N LYS B 52 -5.04 -0.74 -48.87
CA LYS B 52 -3.59 -0.59 -48.82
C LYS B 52 -2.91 -1.93 -49.10
N GLY B 53 -1.93 -1.91 -50.01
CA GLY B 53 -1.17 -3.11 -50.29
C GLY B 53 0.32 -2.87 -50.16
N GLY B 54 0.95 -3.50 -49.17
CA GLY B 54 2.33 -3.23 -48.87
C GLY B 54 2.48 -1.97 -48.02
N MET B 55 1.54 -1.04 -48.21
CA MET B 55 1.50 0.22 -47.49
C MET B 55 0.70 0.09 -46.19
N CYS B 56 0.08 -1.06 -45.96
CA CYS B 56 -0.75 -1.27 -44.78
C CYS B 56 0.13 -1.49 -43.55
N PRO B 57 -0.28 -0.99 -42.38
CA PRO B 57 0.50 -1.23 -41.16
C PRO B 57 0.32 -2.62 -40.56
N PHE B 58 -0.34 -3.54 -41.24
CA PHE B 58 -0.61 -4.87 -40.69
C PHE B 58 -0.10 -5.94 -41.65
N ARG B 59 0.15 -7.13 -41.10
CA ARG B 59 0.64 -8.23 -41.89
C ARG B 59 -0.40 -8.69 -42.91
N HIS B 60 0.08 -9.11 -44.07
CA HIS B 60 -0.79 -9.62 -45.13
C HIS B 60 -0.41 -11.04 -45.51
N LYS C 55 30.93 -15.67 -18.78
CA LYS C 55 30.64 -14.83 -17.62
C LYS C 55 29.33 -14.09 -17.86
N THR C 56 28.58 -13.80 -16.79
CA THR C 56 27.23 -13.29 -16.93
C THR C 56 26.88 -12.31 -15.81
N ILE C 57 26.14 -11.26 -16.14
CA ILE C 57 25.53 -10.38 -15.15
C ILE C 57 24.03 -10.41 -15.37
N ASP C 58 23.33 -11.28 -14.65
CA ASP C 58 21.90 -11.50 -14.85
C ASP C 58 21.12 -10.69 -13.82
N TYR C 59 20.34 -9.72 -14.29
CA TYR C 59 19.62 -8.82 -13.39
C TYR C 59 18.36 -9.44 -12.82
N ASN C 60 17.89 -10.56 -13.37
CA ASN C 60 16.63 -11.17 -12.96
C ASN C 60 16.61 -11.54 -11.48
N PRO C 61 17.64 -12.20 -10.92
CA PRO C 61 17.62 -12.48 -9.47
C PRO C 61 17.47 -11.23 -8.62
N SER C 62 18.09 -10.13 -9.04
CA SER C 62 17.90 -8.87 -8.32
C SER C 62 16.47 -8.37 -8.40
N VAL C 63 15.84 -8.50 -9.58
CA VAL C 63 14.47 -8.05 -9.74
C VAL C 63 13.52 -8.91 -8.91
N ILE C 64 13.71 -10.23 -8.93
CA ILE C 64 12.86 -11.12 -8.14
C ILE C 64 12.97 -10.81 -6.66
N LYS C 65 14.20 -10.61 -6.18
CA LYS C 65 14.40 -10.26 -4.78
C LYS C 65 13.74 -8.92 -4.46
N TYR C 66 13.86 -7.95 -5.37
CA TYR C 66 13.21 -6.66 -5.16
C TYR C 66 11.70 -6.81 -5.10
N LEU C 67 11.13 -7.62 -5.99
CA LEU C 67 9.69 -7.83 -6.00
C LEU C 67 9.21 -8.47 -4.70
N GLU C 68 9.96 -9.44 -4.19
CA GLU C 68 9.60 -10.06 -2.92
C GLU C 68 9.73 -9.07 -1.77
N ASN C 69 10.84 -8.34 -1.72
CA ASN C 69 11.02 -7.33 -0.68
C ASN C 69 10.03 -6.20 -0.84
N ARG C 70 9.56 -5.96 -2.07
CA ARG C 70 8.61 -4.89 -2.34
C ARG C 70 7.31 -5.10 -1.59
N ILE C 71 6.95 -6.36 -1.33
CA ILE C 71 5.66 -6.66 -0.70
C ILE C 71 5.62 -6.18 0.75
N TRP C 72 6.65 -6.52 1.52
CA TRP C 72 6.60 -6.29 2.96
C TRP C 72 7.41 -5.09 3.43
N GLN C 73 8.27 -4.54 2.58
CA GLN C 73 9.06 -3.35 2.93
C GLN C 73 8.41 -2.12 2.31
N ARG C 74 8.10 -1.13 3.12
CA ARG C 74 7.53 0.11 2.61
C ARG C 74 8.49 0.79 1.65
N ASP C 75 9.73 1.01 2.08
CA ASP C 75 10.80 1.45 1.22
C ASP C 75 12.12 0.96 1.81
N GLN C 76 13.24 1.55 1.39
CA GLN C 76 14.55 1.09 1.85
C GLN C 76 14.75 1.22 3.35
N ARG C 77 13.97 2.06 4.04
CA ARG C 77 14.09 2.14 5.49
C ARG C 77 13.66 0.83 6.16
N ASP C 78 12.85 0.03 5.48
CA ASP C 78 12.51 -1.31 5.95
C ASP C 78 13.39 -2.39 5.33
N MET C 79 14.25 -2.03 4.39
CA MET C 79 15.10 -3.01 3.72
C MET C 79 16.19 -3.50 4.65
N ARG C 80 16.33 -4.82 4.73
CA ARG C 80 17.37 -5.42 5.55
C ARG C 80 18.74 -5.21 4.90
N ALA C 81 19.71 -4.84 5.73
CA ALA C 81 21.02 -4.48 5.23
C ALA C 81 21.74 -5.69 4.66
N ILE C 82 22.51 -5.46 3.59
CA ILE C 82 23.32 -6.49 2.97
C ILE C 82 24.71 -6.44 3.62
N GLN C 83 25.16 -7.58 4.14
CA GLN C 83 26.48 -7.61 4.76
C GLN C 83 27.57 -7.56 3.70
N PRO C 84 28.69 -6.91 3.98
CA PRO C 84 29.82 -6.96 3.05
C PRO C 84 30.50 -8.32 3.07
N ASP C 85 29.75 -9.37 2.76
CA ASP C 85 30.25 -10.73 2.75
C ASP C 85 29.83 -11.42 1.47
N ALA C 86 30.68 -12.32 0.97
CA ALA C 86 30.40 -13.00 -0.29
C ALA C 86 29.19 -13.91 -0.22
N GLY C 87 28.75 -14.30 0.99
CA GLY C 87 27.63 -15.19 1.12
C GLY C 87 26.28 -14.57 0.87
N TYR C 88 26.18 -13.25 0.93
CA TYR C 88 24.91 -12.55 0.73
C TYR C 88 24.69 -12.15 -0.73
N TYR C 89 24.78 -13.11 -1.66
CA TYR C 89 24.63 -12.80 -3.07
C TYR C 89 23.18 -12.55 -3.44
N ASN C 90 22.25 -13.31 -2.87
CA ASN C 90 20.84 -13.25 -3.23
C ASN C 90 20.08 -12.17 -2.49
N ASP C 91 20.77 -11.27 -1.78
CA ASP C 91 20.14 -10.13 -1.13
C ASP C 91 20.29 -8.85 -1.94
N LEU C 92 20.87 -8.94 -3.14
CA LEU C 92 21.10 -7.74 -3.95
C LEU C 92 19.85 -7.40 -4.74
N VAL C 93 19.59 -6.10 -4.89
CA VAL C 93 18.42 -5.61 -5.61
C VAL C 93 18.89 -4.62 -6.66
N PRO C 94 18.10 -4.33 -7.70
CA PRO C 94 18.51 -3.33 -8.69
C PRO C 94 18.54 -1.94 -8.07
N PRO C 95 19.12 -0.95 -8.76
CA PRO C 95 19.23 0.39 -8.18
C PRO C 95 17.89 1.00 -7.78
N ILE C 96 16.81 0.58 -8.43
CA ILE C 96 15.48 1.07 -8.05
C ILE C 96 15.11 0.65 -6.64
N GLY C 97 15.68 -0.45 -6.14
CA GLY C 97 15.45 -0.85 -4.77
C GLY C 97 16.10 0.06 -3.75
N MET C 98 17.36 0.41 -3.98
CA MET C 98 18.12 1.29 -3.08
C MET C 98 18.11 2.71 -3.62
N LEU C 99 16.95 3.37 -3.55
CA LEU C 99 16.85 4.74 -4.01
C LEU C 99 17.53 5.73 -3.08
N ASN C 100 17.62 5.43 -1.78
CA ASN C 100 18.27 6.31 -0.83
C ASN C 100 19.79 6.18 -0.81
N ASN C 101 20.33 5.17 -1.50
CA ASN C 101 21.78 4.96 -1.56
C ASN C 101 22.19 4.82 -3.01
N PRO C 102 22.40 5.95 -3.71
CA PRO C 102 22.84 5.89 -5.10
C PRO C 102 24.23 5.27 -5.28
N MET C 103 25.01 5.14 -4.21
CA MET C 103 26.37 4.63 -4.30
C MET C 103 26.45 3.21 -4.81
N ASN C 104 25.35 2.44 -4.77
CA ASN C 104 25.39 1.08 -5.30
C ASN C 104 25.71 1.08 -6.78
N ALA C 105 25.20 2.06 -7.52
CA ALA C 105 25.37 2.16 -8.96
C ALA C 105 26.70 2.78 -9.36
N VAL C 106 27.65 2.89 -8.43
CA VAL C 106 29.00 3.32 -8.79
C VAL C 106 29.71 2.09 -9.33
N THR C 107 29.63 1.89 -10.65
CA THR C 107 30.07 0.65 -11.28
C THR C 107 31.57 0.74 -11.55
N THR C 108 32.34 0.41 -10.52
CA THR C 108 33.79 0.31 -10.61
C THR C 108 34.26 -1.13 -10.67
N LYS C 109 33.36 -2.07 -10.93
CA LYS C 109 33.70 -3.48 -11.07
C LYS C 109 33.75 -3.83 -12.54
N PHE C 110 34.91 -4.22 -13.03
CA PHE C 110 35.07 -4.58 -14.42
C PHE C 110 34.35 -5.89 -14.73
N VAL C 111 33.75 -5.94 -15.92
CA VAL C 111 33.00 -7.11 -16.35
C VAL C 111 33.63 -7.72 -17.60
N ARG C 112 33.65 -6.95 -18.69
CA ARG C 112 34.13 -7.46 -19.96
C ARG C 112 34.59 -6.30 -20.83
N THR C 113 35.67 -6.54 -21.56
CA THR C 113 36.14 -5.65 -22.61
C THR C 113 35.60 -6.15 -23.95
N SER C 114 34.67 -5.40 -24.53
CA SER C 114 34.07 -5.75 -25.81
C SER C 114 34.76 -4.97 -26.91
N THR C 115 35.39 -5.67 -27.84
CA THR C 115 36.11 -5.06 -28.94
C THR C 115 35.73 -5.75 -30.25
N ASN C 116 35.83 -4.99 -31.33
CA ASN C 116 35.52 -5.51 -32.66
C ASN C 116 36.75 -6.17 -33.27
N LYS C 117 36.55 -6.82 -34.42
CA LYS C 117 37.67 -7.38 -35.17
C LYS C 117 38.37 -6.34 -36.03
N VAL C 118 37.75 -5.17 -36.22
CA VAL C 118 38.38 -4.11 -37.00
C VAL C 118 39.39 -3.32 -36.17
N LYS C 119 39.19 -3.26 -34.84
CA LYS C 119 40.07 -2.54 -33.92
C LYS C 119 40.17 -1.06 -34.32
N CYS C 120 39.03 -0.39 -34.23
CA CYS C 120 38.90 1.00 -34.58
C CYS C 120 38.19 1.75 -33.46
N PRO C 121 38.40 3.07 -33.37
CA PRO C 121 37.81 3.84 -32.26
C PRO C 121 36.30 3.73 -32.20
N VAL C 122 35.76 3.76 -30.99
CA VAL C 122 34.33 3.68 -30.74
C VAL C 122 33.86 5.06 -30.29
N PHE C 123 32.90 5.64 -31.02
CA PHE C 123 32.45 7.00 -30.75
C PHE C 123 31.16 7.05 -29.94
N VAL C 124 30.20 6.18 -30.20
CA VAL C 124 28.93 6.20 -29.49
C VAL C 124 28.52 4.78 -29.15
N VAL C 125 28.12 4.55 -27.90
CA VAL C 125 27.55 3.30 -27.45
C VAL C 125 26.16 3.58 -26.91
N ARG C 126 25.18 2.77 -27.30
CA ARG C 126 23.82 2.96 -26.85
C ARG C 126 23.20 1.61 -26.52
N TRP C 127 22.37 1.60 -25.49
CA TRP C 127 21.61 0.42 -25.12
C TRP C 127 20.30 0.38 -25.88
N THR C 128 19.91 -0.81 -26.31
CA THR C 128 18.56 -1.02 -26.81
C THR C 128 17.56 -0.65 -25.70
N PRO C 129 16.45 0.03 -26.03
CA PRO C 129 15.61 0.61 -24.97
C PRO C 129 15.13 -0.38 -23.92
N GLU C 130 14.95 -1.65 -24.27
CA GLU C 130 14.62 -2.67 -23.30
C GLU C 130 15.83 -3.42 -22.77
N GLY C 131 17.05 -2.92 -23.06
CA GLY C 131 18.25 -3.47 -22.48
C GLY C 131 18.67 -4.81 -23.02
N ARG C 132 17.97 -5.31 -24.05
CA ARG C 132 18.29 -6.63 -24.60
C ARG C 132 19.62 -6.64 -25.33
N ARG C 133 20.05 -5.51 -25.88
CA ARG C 133 21.26 -5.44 -26.68
C ARG C 133 21.93 -4.10 -26.44
N LEU C 134 23.21 -4.03 -26.81
CA LEU C 134 23.96 -2.78 -26.82
C LEU C 134 24.60 -2.60 -28.19
N VAL C 135 24.48 -1.39 -28.73
CA VAL C 135 24.98 -1.06 -30.06
C VAL C 135 26.08 -0.03 -29.92
N THR C 136 27.19 -0.24 -30.62
CA THR C 136 28.32 0.67 -30.61
C THR C 136 28.47 1.31 -31.99
N GLY C 137 28.71 2.62 -32.00
CA GLY C 137 29.01 3.34 -33.22
C GLY C 137 30.51 3.56 -33.32
N ALA C 138 31.10 3.05 -34.40
CA ALA C 138 32.54 3.01 -34.57
C ALA C 138 32.97 3.92 -35.72
N SER C 139 34.29 4.12 -35.82
CA SER C 139 34.86 4.96 -36.87
C SER C 139 34.74 4.34 -38.25
N SER C 140 34.47 3.04 -38.34
CA SER C 140 34.28 2.36 -39.61
C SER C 140 32.84 2.40 -40.10
N GLY C 141 31.97 3.14 -39.40
CA GLY C 141 30.57 3.22 -39.79
C GLY C 141 29.80 1.93 -39.62
N GLU C 142 30.12 1.15 -38.59
CA GLU C 142 29.48 -0.13 -38.34
C GLU C 142 28.80 -0.13 -36.98
N PHE C 143 27.70 -0.88 -36.88
CA PHE C 143 27.02 -1.12 -35.62
C PHE C 143 27.29 -2.54 -35.18
N THR C 144 27.89 -2.70 -34.00
CA THR C 144 28.12 -4.00 -33.40
C THR C 144 27.20 -4.18 -32.21
N LEU C 145 26.50 -5.31 -32.16
CA LEU C 145 25.48 -5.58 -31.17
C LEU C 145 25.99 -6.57 -30.15
N TRP C 146 25.89 -6.23 -28.87
CA TRP C 146 26.34 -7.06 -27.76
C TRP C 146 25.17 -7.37 -26.84
N ASN C 147 25.11 -8.61 -26.37
CA ASN C 147 24.00 -9.04 -25.53
C ASN C 147 24.02 -8.31 -24.20
N GLY C 148 22.83 -8.08 -23.65
CA GLY C 148 22.69 -7.35 -22.40
C GLY C 148 22.89 -8.17 -21.15
N LEU C 149 22.99 -9.50 -21.26
CA LEU C 149 23.25 -10.36 -20.12
C LEU C 149 24.61 -11.02 -20.20
N THR C 150 24.90 -11.75 -21.28
CA THR C 150 26.21 -12.30 -21.54
C THR C 150 26.79 -11.49 -22.70
N PHE C 151 27.64 -10.51 -22.37
CA PHE C 151 27.99 -9.47 -23.33
C PHE C 151 28.86 -10.02 -24.45
N ASN C 152 28.29 -10.89 -25.27
CA ASN C 152 28.97 -11.50 -26.39
C ASN C 152 28.54 -10.84 -27.69
N PHE C 153 29.38 -11.01 -28.72
CA PHE C 153 29.06 -10.50 -30.04
C PHE C 153 27.84 -11.23 -30.61
N GLU C 154 26.92 -10.47 -31.18
CA GLU C 154 25.72 -11.03 -31.80
C GLU C 154 25.71 -10.82 -33.31
N THR C 155 25.80 -9.59 -33.78
CA THR C 155 25.73 -9.31 -35.20
C THR C 155 26.47 -8.01 -35.49
N ILE C 156 26.86 -7.86 -36.76
CA ILE C 156 27.60 -6.69 -37.22
C ILE C 156 27.07 -6.31 -38.60
N LEU C 157 26.95 -5.01 -38.86
CA LEU C 157 26.45 -4.53 -40.14
C LEU C 157 27.09 -3.20 -40.48
N GLN C 158 27.45 -3.03 -41.75
CA GLN C 158 28.02 -1.78 -42.23
C GLN C 158 26.91 -0.75 -42.36
N ALA C 159 26.73 0.08 -41.33
CA ALA C 159 25.59 0.99 -41.29
C ALA C 159 25.86 2.25 -42.11
N HIS C 160 26.88 3.02 -41.73
CA HIS C 160 27.21 4.28 -42.38
C HIS C 160 28.48 4.12 -43.22
N ASP C 161 28.70 5.09 -44.10
CA ASP C 161 29.91 5.16 -44.89
C ASP C 161 30.99 6.01 -44.25
N SER C 162 30.68 6.72 -43.17
CA SER C 162 31.59 7.57 -42.44
C SER C 162 31.40 7.33 -40.95
N PRO C 163 32.38 7.70 -40.11
CA PRO C 163 32.29 7.40 -38.67
C PRO C 163 30.98 7.81 -38.02
N VAL C 164 30.43 6.93 -37.18
CA VAL C 164 29.15 7.14 -36.54
C VAL C 164 29.38 8.01 -35.31
N ARG C 165 28.99 9.28 -35.41
CA ARG C 165 29.18 10.22 -34.31
C ARG C 165 27.95 10.35 -33.42
N ALA C 166 26.77 10.10 -33.95
CA ALA C 166 25.52 10.25 -33.20
C ALA C 166 24.71 8.97 -33.30
N MET C 167 24.01 8.66 -32.20
CA MET C 167 23.12 7.51 -32.16
C MET C 167 22.19 7.67 -30.97
N THR C 168 20.88 7.70 -31.23
CA THR C 168 19.90 7.89 -30.16
C THR C 168 18.64 7.12 -30.49
N TRP C 169 17.92 6.72 -29.43
CA TRP C 169 16.66 6.00 -29.57
C TRP C 169 15.50 6.95 -29.24
N SER C 170 14.41 6.79 -29.97
CA SER C 170 13.23 7.61 -29.72
C SER C 170 12.62 7.27 -28.36
N HIS C 171 11.87 8.23 -27.81
CA HIS C 171 11.27 8.03 -26.49
C HIS C 171 10.35 6.82 -26.48
N ASN C 172 9.54 6.66 -27.52
CA ASN C 172 8.92 5.37 -27.80
C ASN C 172 9.96 4.46 -28.43
N ASP C 173 9.96 3.19 -28.02
CA ASP C 173 11.05 2.29 -28.37
C ASP C 173 10.95 1.75 -29.79
N MET C 174 10.76 2.62 -30.77
CA MET C 174 10.52 2.21 -32.15
C MET C 174 11.62 2.62 -33.11
N TRP C 175 12.30 3.75 -32.86
CA TRP C 175 13.22 4.32 -33.83
C TRP C 175 14.58 4.57 -33.19
N MET C 176 15.64 4.28 -33.94
CA MET C 176 17.01 4.61 -33.56
C MET C 176 17.58 5.53 -34.63
N LEU C 177 17.84 6.78 -34.25
CA LEU C 177 18.37 7.78 -35.18
C LEU C 177 19.88 7.87 -35.01
N THR C 178 20.61 7.73 -36.11
CA THR C 178 22.07 7.77 -36.10
C THR C 178 22.57 8.70 -37.19
N ALA C 179 23.49 9.59 -36.83
CA ALA C 179 24.19 10.44 -37.78
C ALA C 179 25.63 9.98 -37.91
N ASP C 180 26.31 10.54 -38.91
CA ASP C 180 27.67 10.11 -39.22
C ASP C 180 28.53 11.32 -39.59
N HIS C 181 29.79 11.04 -39.91
CA HIS C 181 30.76 12.09 -40.22
C HIS C 181 30.49 12.75 -41.56
N GLY C 182 29.82 12.05 -42.48
CA GLY C 182 29.53 12.62 -43.78
C GLY C 182 28.36 13.58 -43.81
N GLY C 183 27.61 13.68 -42.71
CA GLY C 183 26.47 14.56 -42.65
C GLY C 183 25.13 13.93 -42.94
N TYR C 184 25.06 12.61 -43.02
CA TYR C 184 23.81 11.92 -43.29
C TYR C 184 23.12 11.52 -42.00
N VAL C 185 21.80 11.32 -42.09
CA VAL C 185 20.98 10.86 -40.98
C VAL C 185 20.23 9.62 -41.42
N LYS C 186 20.31 8.57 -40.61
CA LYS C 186 19.70 7.29 -40.93
C LYS C 186 18.62 6.94 -39.91
N TYR C 187 17.58 6.24 -40.38
CA TYR C 187 16.49 5.80 -39.47
C TYR C 187 16.62 4.29 -39.25
N TRP C 188 16.40 3.82 -38.02
CA TRP C 188 16.63 2.37 -37.74
C TRP C 188 15.44 1.76 -36.99
N GLN C 189 15.07 0.54 -37.34
CA GLN C 189 13.96 -0.17 -36.63
C GLN C 189 14.56 -0.96 -35.46
N SER C 190 13.73 -1.37 -34.51
CA SER C 190 14.23 -2.18 -33.37
C SER C 190 15.09 -3.34 -33.89
N ASN C 191 14.70 -3.93 -35.03
CA ASN C 191 15.43 -5.05 -35.60
C ASN C 191 16.60 -4.62 -36.49
N MET C 192 17.10 -3.39 -36.29
CA MET C 192 18.28 -2.88 -37.01
C MET C 192 18.05 -2.88 -38.52
N ASN C 193 16.87 -2.45 -38.95
CA ASN C 193 16.54 -2.32 -40.37
C ASN C 193 16.50 -0.85 -40.74
N ASN C 194 17.21 -0.50 -41.81
CA ASN C 194 17.23 0.88 -42.28
C ASN C 194 16.01 1.14 -43.16
N VAL C 195 15.28 2.21 -42.84
CA VAL C 195 14.07 2.54 -43.55
C VAL C 195 14.17 3.87 -44.32
N LYS C 196 15.05 4.78 -43.92
CA LYS C 196 15.15 6.07 -44.56
C LYS C 196 16.59 6.59 -44.43
N MET C 197 17.02 7.35 -45.42
CA MET C 197 18.37 7.91 -45.44
C MET C 197 18.33 9.26 -46.13
N PHE C 198 18.85 10.30 -45.46
CA PHE C 198 18.93 11.63 -46.05
C PHE C 198 20.11 12.37 -45.45
N GLN C 199 20.60 13.36 -46.20
CA GLN C 199 21.71 14.19 -45.77
C GLN C 199 21.17 15.42 -45.04
N ALA C 200 21.48 15.54 -43.76
CA ALA C 200 21.02 16.66 -42.97
C ALA C 200 21.96 17.86 -43.03
N HIS C 201 23.27 17.61 -42.96
CA HIS C 201 24.28 18.66 -42.99
C HIS C 201 25.32 18.33 -44.05
N LYS C 202 25.95 19.38 -44.57
CA LYS C 202 27.05 19.22 -45.51
C LYS C 202 28.37 18.91 -44.82
N GLU C 203 28.41 18.99 -43.49
CA GLU C 203 29.59 18.64 -42.71
C GLU C 203 29.20 17.66 -41.61
N ALA C 204 30.19 17.28 -40.81
CA ALA C 204 30.00 16.24 -39.80
C ALA C 204 28.93 16.61 -38.79
N ILE C 205 28.04 15.67 -38.52
CA ILE C 205 27.02 15.82 -37.48
C ILE C 205 27.53 15.17 -36.20
N ARG C 206 27.47 15.92 -35.11
CA ARG C 206 28.04 15.44 -33.85
C ARG C 206 27.04 14.68 -33.00
N GLU C 207 25.89 15.28 -32.72
CA GLU C 207 24.89 14.66 -31.85
C GLU C 207 23.49 15.03 -32.32
N ALA C 208 22.53 14.14 -32.07
CA ALA C 208 21.12 14.38 -32.35
C ALA C 208 20.29 14.03 -31.13
N SER C 209 19.18 14.75 -30.94
CA SER C 209 18.30 14.55 -29.80
C SER C 209 16.85 14.62 -30.25
N PHE C 210 16.00 13.81 -29.61
CA PHE C 210 14.59 13.68 -29.96
C PHE C 210 13.71 14.56 -29.10
N SER C 211 12.53 14.87 -29.63
CA SER C 211 11.48 15.54 -28.88
C SER C 211 10.68 14.53 -28.06
N PRO C 212 9.93 14.98 -27.05
CA PRO C 212 9.16 14.02 -26.23
C PRO C 212 8.19 13.19 -27.04
N THR C 213 7.57 13.77 -28.07
CA THR C 213 6.65 13.04 -28.92
C THR C 213 7.34 12.43 -30.13
N ASP C 214 8.65 12.59 -30.26
CA ASP C 214 9.49 11.98 -31.28
C ASP C 214 9.17 12.48 -32.69
N ASN C 215 8.29 13.47 -32.81
CA ASN C 215 7.94 14.05 -34.11
C ASN C 215 9.03 14.95 -34.67
N LYS C 216 9.78 15.62 -33.80
CA LYS C 216 10.86 16.51 -34.21
C LYS C 216 12.15 16.08 -33.55
N PHE C 217 13.28 16.38 -34.20
CA PHE C 217 14.59 16.14 -33.62
C PHE C 217 15.55 17.23 -34.07
N ALA C 218 16.61 17.42 -33.29
CA ALA C 218 17.62 18.43 -33.55
C ALA C 218 18.94 17.78 -33.89
N THR C 219 19.73 18.47 -34.71
CA THR C 219 21.06 18.01 -35.10
C THR C 219 22.07 19.13 -34.93
N CYS C 220 23.28 18.78 -34.51
CA CYS C 220 24.38 19.70 -34.37
C CYS C 220 25.52 19.26 -35.28
N SER C 221 26.15 20.21 -35.96
CA SER C 221 27.15 19.88 -36.97
C SER C 221 28.35 20.81 -36.83
N ASP C 222 29.39 20.49 -37.60
CA ASP C 222 30.60 21.31 -37.65
C ASP C 222 30.42 22.59 -38.45
N ASP C 223 29.31 22.74 -39.17
CA ASP C 223 29.04 23.97 -39.88
C ASP C 223 28.65 25.12 -38.95
N GLY C 224 28.46 24.83 -37.66
CA GLY C 224 28.07 25.84 -36.70
C GLY C 224 26.59 26.10 -36.62
N THR C 225 25.77 25.28 -37.28
CA THR C 225 24.33 25.47 -37.33
C THR C 225 23.62 24.28 -36.71
N VAL C 226 22.59 24.57 -35.92
CA VAL C 226 21.69 23.56 -35.37
C VAL C 226 20.40 23.61 -36.17
N ARG C 227 19.96 22.46 -36.67
CA ARG C 227 18.81 22.40 -37.56
C ARG C 227 17.75 21.49 -36.97
N ILE C 228 16.53 22.00 -36.87
CA ILE C 228 15.38 21.22 -36.43
C ILE C 228 14.79 20.49 -37.64
N TRP C 229 14.38 19.24 -37.44
CA TRP C 229 13.88 18.42 -38.52
C TRP C 229 12.57 17.77 -38.11
N ASP C 230 11.76 17.45 -39.12
CA ASP C 230 10.55 16.66 -38.94
C ASP C 230 10.87 15.20 -39.23
N PHE C 231 10.62 14.33 -38.25
CA PHE C 231 11.04 12.94 -38.37
C PHE C 231 10.31 12.23 -39.51
N LEU C 232 9.00 12.45 -39.63
CA LEU C 232 8.23 11.74 -40.64
C LEU C 232 8.53 12.23 -42.05
N ARG C 233 8.75 13.53 -42.20
CA ARG C 233 8.98 14.14 -43.51
C ARG C 233 10.44 14.24 -43.89
N CYS C 234 11.36 14.15 -42.92
CA CYS C 234 12.78 14.39 -43.15
C CYS C 234 13.00 15.76 -43.76
N HIS C 235 12.22 16.73 -43.29
CA HIS C 235 12.24 18.11 -43.78
C HIS C 235 12.67 19.04 -42.67
N GLU C 236 13.68 19.86 -42.93
CA GLU C 236 14.16 20.81 -41.93
C GLU C 236 13.17 21.96 -41.78
N GLU C 237 12.91 22.35 -40.54
CA GLU C 237 11.95 23.42 -40.26
C GLU C 237 12.63 24.71 -39.82
N ARG C 238 13.71 24.63 -39.05
CA ARG C 238 14.44 25.81 -38.62
C ARG C 238 15.92 25.56 -38.77
N ILE C 239 16.67 26.64 -38.98
CA ILE C 239 18.13 26.62 -38.98
C ILE C 239 18.58 27.62 -37.93
N LEU C 240 19.32 27.14 -36.94
CA LEU C 240 19.74 27.95 -35.80
C LEU C 240 21.21 28.33 -35.97
N ARG C 241 21.49 29.63 -35.91
CA ARG C 241 22.83 30.15 -36.12
C ARG C 241 23.20 31.07 -34.96
N GLY C 242 24.50 31.21 -34.73
CA GLY C 242 25.00 31.99 -33.62
C GLY C 242 26.26 31.41 -33.02
N HIS C 243 26.65 30.22 -33.47
CA HIS C 243 27.90 29.59 -33.06
C HIS C 243 28.93 29.82 -34.15
N GLY C 244 30.05 30.46 -33.78
CA GLY C 244 31.06 30.80 -34.77
C GLY C 244 31.89 29.62 -35.24
N ALA C 245 31.98 28.58 -34.43
CA ALA C 245 32.82 27.43 -34.73
C ALA C 245 31.97 26.17 -34.75
N ASP C 246 32.66 25.02 -34.86
CA ASP C 246 31.98 23.73 -34.89
C ASP C 246 31.13 23.52 -33.65
N VAL C 247 29.93 23.01 -33.84
CA VAL C 247 29.03 22.67 -32.73
C VAL C 247 29.22 21.20 -32.42
N LYS C 248 29.53 20.89 -31.16
CA LYS C 248 29.92 19.54 -30.76
C LYS C 248 28.83 18.76 -30.04
N CYS C 249 27.83 19.42 -29.47
CA CYS C 249 26.81 18.72 -28.72
C CYS C 249 25.50 19.49 -28.78
N VAL C 250 24.39 18.75 -28.85
CA VAL C 250 23.04 19.31 -28.80
C VAL C 250 22.18 18.40 -27.95
N ASP C 251 21.26 19.00 -27.19
CA ASP C 251 20.37 18.23 -26.33
C ASP C 251 18.99 18.88 -26.36
N TRP C 252 17.95 18.06 -26.38
CA TRP C 252 16.57 18.52 -26.41
C TRP C 252 16.06 18.47 -24.97
N HIS C 253 15.26 19.44 -24.58
CA HIS C 253 14.73 19.42 -23.22
C HIS C 253 13.79 18.23 -23.05
N PRO C 254 13.84 17.52 -21.92
CA PRO C 254 13.07 16.26 -21.79
C PRO C 254 11.58 16.41 -22.02
N THR C 255 10.97 17.49 -21.54
CA THR C 255 9.54 17.71 -21.76
C THR C 255 9.27 19.01 -22.50
N LYS C 256 9.92 20.08 -22.06
CA LYS C 256 9.69 21.40 -22.62
C LYS C 256 10.32 21.51 -24.00
N GLY C 257 9.82 22.45 -24.81
CA GLY C 257 10.39 22.71 -26.11
C GLY C 257 11.61 23.62 -26.05
N LEU C 258 12.73 23.07 -25.63
CA LEU C 258 13.98 23.82 -25.48
C LEU C 258 15.13 23.02 -26.09
N VAL C 259 16.10 23.74 -26.65
CA VAL C 259 17.30 23.14 -27.23
C VAL C 259 18.51 23.79 -26.60
N VAL C 260 19.40 22.98 -26.04
CA VAL C 260 20.68 23.45 -25.52
C VAL C 260 21.79 22.92 -26.42
N SER C 261 22.71 23.78 -26.79
CA SER C 261 23.76 23.44 -27.74
C SER C 261 25.11 23.87 -27.18
N GLY C 262 26.15 23.13 -27.58
CA GLY C 262 27.50 23.46 -27.19
C GLY C 262 28.47 23.43 -28.35
N SER C 263 29.30 24.45 -28.49
CA SER C 263 30.15 24.62 -29.65
C SER C 263 31.57 24.95 -29.21
N LYS C 264 32.48 25.02 -30.19
CA LYS C 264 33.86 25.42 -29.94
C LYS C 264 34.03 26.92 -29.79
N ASP C 265 33.01 27.71 -30.15
CA ASP C 265 33.14 29.16 -30.11
C ASP C 265 33.25 29.64 -28.67
N SER C 266 34.37 30.29 -28.35
CA SER C 266 34.61 30.77 -27.00
C SER C 266 33.68 31.90 -26.62
N GLN C 267 33.27 32.74 -27.57
CA GLN C 267 32.35 33.84 -27.28
C GLN C 267 30.92 33.35 -27.07
N GLN C 268 30.53 32.26 -27.75
CA GLN C 268 29.21 31.65 -27.60
C GLN C 268 29.40 30.18 -27.30
N PRO C 269 29.78 29.83 -26.06
CA PRO C 269 30.03 28.42 -25.76
C PRO C 269 28.76 27.59 -25.73
N ILE C 270 27.70 28.08 -25.09
CA ILE C 270 26.44 27.36 -24.97
C ILE C 270 25.31 28.33 -25.27
N LYS C 271 24.38 27.91 -26.13
CA LYS C 271 23.22 28.72 -26.48
C LYS C 271 21.94 27.92 -26.29
N PHE C 272 20.90 28.60 -25.82
CA PHE C 272 19.58 28.02 -25.70
C PHE C 272 18.69 28.50 -26.85
N TRP C 273 17.92 27.58 -27.41
CA TRP C 273 17.16 27.82 -28.61
C TRP C 273 15.67 27.64 -28.35
N ASP C 274 14.86 28.26 -29.21
CA ASP C 274 13.43 27.99 -29.24
C ASP C 274 13.12 27.26 -30.54
N PRO C 275 12.90 25.95 -30.52
CA PRO C 275 12.83 25.19 -31.77
C PRO C 275 11.67 25.58 -32.67
N LYS C 276 10.52 25.96 -32.11
CA LYS C 276 9.37 26.27 -32.94
C LYS C 276 9.54 27.62 -33.65
N THR C 277 10.04 28.63 -32.94
CA THR C 277 10.25 29.94 -33.53
C THR C 277 11.62 30.08 -34.18
N GLY C 278 12.60 29.30 -33.73
CA GLY C 278 13.94 29.39 -34.28
C GLY C 278 14.80 30.49 -33.72
N GLN C 279 14.37 31.14 -32.65
CA GLN C 279 15.08 32.29 -32.09
C GLN C 279 15.85 31.89 -30.85
N SER C 280 17.12 32.29 -30.79
CA SER C 280 17.96 32.00 -29.64
C SER C 280 17.39 32.66 -28.39
N LEU C 281 17.40 31.93 -27.28
CA LEU C 281 16.82 32.42 -26.03
C LEU C 281 17.87 32.96 -25.06
N ALA C 282 19.03 32.34 -24.97
CA ALA C 282 20.06 32.80 -24.05
C ALA C 282 21.41 32.23 -24.48
N THR C 283 22.48 32.92 -24.08
CA THR C 283 23.84 32.46 -24.28
C THR C 283 24.47 32.22 -22.92
N LEU C 284 25.09 31.05 -22.75
CA LEU C 284 25.66 30.63 -21.47
C LEU C 284 27.17 30.58 -21.61
N HIS C 285 27.86 31.51 -20.95
CA HIS C 285 29.32 31.55 -20.95
C HIS C 285 29.86 30.63 -19.84
N ALA C 286 29.64 29.32 -20.05
CA ALA C 286 29.97 28.33 -19.04
C ALA C 286 31.46 28.01 -19.03
N HIS C 287 31.98 27.50 -20.14
CA HIS C 287 33.36 27.08 -20.25
C HIS C 287 34.15 28.03 -21.14
N LYS C 288 35.46 27.89 -21.09
CA LYS C 288 36.36 28.71 -21.89
C LYS C 288 37.04 27.88 -22.99
N ASN C 289 36.65 26.61 -23.12
CA ASN C 289 37.29 25.76 -24.12
C ASN C 289 36.39 24.59 -24.54
N THR C 290 35.74 24.73 -25.70
CA THR C 290 35.16 23.61 -26.42
C THR C 290 34.24 22.74 -25.57
N VAL C 291 33.09 23.27 -25.17
CA VAL C 291 32.09 22.47 -24.47
C VAL C 291 31.80 21.21 -25.29
N MET C 292 32.03 20.05 -24.69
CA MET C 292 31.93 18.78 -25.40
C MET C 292 30.58 18.09 -25.23
N GLU C 293 29.93 18.24 -24.08
CA GLU C 293 28.67 17.57 -23.81
C GLU C 293 27.68 18.53 -23.19
N VAL C 294 26.42 18.42 -23.62
CA VAL C 294 25.30 19.07 -22.96
C VAL C 294 24.25 17.99 -22.75
N LYS C 295 23.87 17.76 -21.49
CA LYS C 295 22.91 16.72 -21.14
C LYS C 295 21.92 17.28 -20.13
N LEU C 296 20.66 17.42 -20.54
CA LEU C 296 19.62 17.80 -19.62
C LEU C 296 19.10 16.58 -18.88
N ASN C 297 19.05 16.68 -17.55
CA ASN C 297 18.52 15.58 -16.75
C ASN C 297 17.03 15.45 -16.96
N LEU C 298 16.52 14.23 -16.80
CA LEU C 298 15.11 13.95 -17.04
C LEU C 298 14.19 14.67 -16.07
N ASN C 299 14.72 15.22 -14.97
CA ASN C 299 13.92 16.06 -14.10
C ASN C 299 13.61 17.42 -14.70
N GLY C 300 14.26 17.77 -15.81
CA GLY C 300 13.97 19.02 -16.50
C GLY C 300 14.46 20.26 -15.79
N ASN C 301 15.45 20.13 -14.92
CA ASN C 301 15.97 21.27 -14.17
C ASN C 301 17.47 21.46 -14.29
N TRP C 302 18.24 20.43 -14.63
CA TRP C 302 19.69 20.49 -14.58
C TRP C 302 20.28 20.33 -15.97
N LEU C 303 21.22 21.21 -16.30
CA LEU C 303 22.04 21.08 -17.50
C LEU C 303 23.44 20.67 -17.10
N LEU C 304 23.92 19.56 -17.66
CA LEU C 304 25.24 19.02 -17.35
C LEU C 304 26.15 19.26 -18.55
N THR C 305 27.29 19.91 -18.30
CA THR C 305 28.18 20.35 -19.37
C THR C 305 29.58 19.81 -19.11
N ALA C 306 30.11 19.03 -20.05
CA ALA C 306 31.50 18.64 -20.06
C ALA C 306 32.25 19.42 -21.13
N SER C 307 33.50 19.74 -20.85
CA SER C 307 34.29 20.58 -21.74
C SER C 307 35.76 20.19 -21.70
N ARG C 308 36.52 20.76 -22.63
CA ARG C 308 37.96 20.55 -22.71
C ARG C 308 38.74 21.30 -21.64
N ASP C 309 38.08 22.14 -20.85
CA ASP C 309 38.77 22.91 -19.81
C ASP C 309 38.93 22.10 -18.52
N HIS C 310 38.87 20.77 -18.60
CA HIS C 310 39.07 19.85 -17.48
C HIS C 310 37.96 19.97 -16.44
N LEU C 311 36.80 20.50 -16.81
CA LEU C 311 35.75 20.77 -15.85
C LEU C 311 34.42 20.22 -16.35
N CYS C 312 33.63 19.70 -15.42
CA CYS C 312 32.23 19.37 -15.65
C CYS C 312 31.40 20.30 -14.79
N LYS C 313 30.33 20.86 -15.36
CA LYS C 313 29.54 21.88 -14.67
C LYS C 313 28.07 21.50 -14.72
N LEU C 314 27.35 21.92 -13.68
CA LEU C 314 25.91 21.71 -13.57
C LEU C 314 25.23 23.06 -13.47
N PHE C 315 24.18 23.26 -14.26
CA PHE C 315 23.43 24.52 -14.27
C PHE C 315 21.96 24.23 -14.07
N ASP C 316 21.30 25.16 -13.37
CA ASP C 316 19.83 25.17 -13.29
C ASP C 316 19.34 26.00 -14.46
N ILE C 317 18.68 25.35 -15.42
CA ILE C 317 18.26 26.02 -16.64
C ILE C 317 17.25 27.14 -16.38
N ARG C 318 16.62 27.15 -15.21
CA ARG C 318 15.74 28.26 -14.86
C ARG C 318 16.53 29.49 -14.45
N ASN C 319 17.70 29.31 -13.84
CA ASN C 319 18.54 30.40 -13.36
C ASN C 319 19.96 30.15 -13.85
N LEU C 320 20.33 30.79 -14.96
CA LEU C 320 21.62 30.54 -15.61
C LEU C 320 22.66 31.59 -15.27
N LYS C 321 22.38 32.48 -14.31
CA LYS C 321 23.35 33.50 -13.94
C LYS C 321 24.60 32.86 -13.32
N GLU C 322 24.40 31.84 -12.48
CA GLU C 322 25.49 31.23 -11.73
C GLU C 322 25.55 29.73 -11.99
N GLU C 323 26.57 29.10 -11.43
CA GLU C 323 26.79 27.67 -11.58
C GLU C 323 26.41 26.95 -10.30
N LEU C 324 25.61 25.89 -10.45
CA LEU C 324 25.24 25.10 -9.28
C LEU C 324 26.43 24.33 -8.72
N GLN C 325 27.22 23.71 -9.59
CA GLN C 325 28.32 22.86 -9.13
C GLN C 325 29.36 22.76 -10.23
N VAL C 326 30.63 22.72 -9.83
CA VAL C 326 31.74 22.45 -10.74
C VAL C 326 32.39 21.15 -10.29
N PHE C 327 32.52 20.21 -11.22
CA PHE C 327 33.01 18.87 -10.92
C PHE C 327 34.47 18.77 -11.36
N ARG C 328 35.37 19.02 -10.43
CA ARG C 328 36.81 18.91 -10.67
C ARG C 328 37.32 17.56 -10.19
N GLY C 329 38.35 17.07 -10.87
CA GLY C 329 38.86 15.75 -10.59
C GLY C 329 39.35 15.04 -11.84
N HIS C 330 39.12 15.64 -12.99
CA HIS C 330 39.68 15.13 -14.24
C HIS C 330 41.05 15.74 -14.47
N LYS C 331 42.08 14.89 -14.51
CA LYS C 331 43.43 15.38 -14.79
C LYS C 331 43.52 15.97 -16.18
N LYS C 332 42.78 15.41 -17.14
CA LYS C 332 42.80 15.83 -18.53
C LYS C 332 41.39 16.23 -18.98
N GLU C 333 41.22 16.41 -20.29
CA GLU C 333 39.97 16.93 -20.84
C GLU C 333 38.80 16.01 -20.52
N ALA C 334 37.66 16.60 -20.16
CA ALA C 334 36.43 15.86 -19.92
C ALA C 334 35.63 15.79 -21.21
N THR C 335 35.31 14.57 -21.65
CA THR C 335 34.73 14.37 -22.97
C THR C 335 33.36 13.73 -22.95
N ALA C 336 33.13 12.76 -22.08
CA ALA C 336 31.87 12.03 -22.04
C ALA C 336 31.18 12.21 -20.70
N VAL C 337 29.88 11.95 -20.69
CA VAL C 337 29.07 12.07 -19.47
C VAL C 337 27.74 11.35 -19.71
N ALA C 338 27.12 10.85 -18.63
CA ALA C 338 25.85 10.12 -18.75
C ALA C 338 25.13 10.16 -17.42
N TRP C 339 23.92 10.70 -17.41
CA TRP C 339 23.07 10.64 -16.22
C TRP C 339 22.61 9.23 -15.96
N HIS C 340 22.46 8.89 -14.68
CA HIS C 340 21.95 7.58 -14.32
C HIS C 340 20.44 7.52 -14.56
N PRO C 341 19.94 6.45 -15.19
CA PRO C 341 18.51 6.38 -15.49
C PRO C 341 17.62 6.34 -14.26
N VAL C 342 18.09 5.75 -13.16
CA VAL C 342 17.28 5.59 -11.97
C VAL C 342 17.57 6.66 -10.93
N HIS C 343 18.85 6.92 -10.66
CA HIS C 343 19.25 7.88 -9.63
C HIS C 343 19.34 9.26 -10.25
N GLU C 344 18.58 10.21 -9.70
CA GLU C 344 18.47 11.54 -10.29
C GLU C 344 19.81 12.26 -10.29
N GLY C 345 20.46 12.35 -9.13
CA GLY C 345 21.68 13.12 -9.00
C GLY C 345 22.95 12.43 -9.41
N LEU C 346 22.92 11.11 -9.60
CA LEU C 346 24.12 10.36 -9.95
C LEU C 346 24.38 10.42 -11.44
N PHE C 347 25.64 10.64 -11.80
CA PHE C 347 26.05 10.57 -13.20
C PHE C 347 27.51 10.18 -13.27
N ALA C 348 27.90 9.65 -14.42
CA ALA C 348 29.28 9.24 -14.69
C ALA C 348 29.85 10.09 -15.81
N SER C 349 31.14 10.40 -15.70
CA SER C 349 31.83 11.22 -16.70
C SER C 349 33.09 10.50 -17.16
N GLY C 350 33.47 10.77 -18.41
CA GLY C 350 34.69 10.24 -18.98
C GLY C 350 35.70 11.35 -19.22
N GLY C 351 36.93 10.93 -19.55
CA GLY C 351 38.01 11.87 -19.75
C GLY C 351 38.88 11.45 -20.92
N SER C 352 39.75 12.39 -21.32
CA SER C 352 40.66 12.13 -22.44
C SER C 352 41.81 11.21 -22.07
N ASP C 353 42.21 11.19 -20.80
CA ASP C 353 43.26 10.26 -20.37
C ASP C 353 42.72 8.85 -20.17
N GLY C 354 41.40 8.66 -20.24
CA GLY C 354 40.78 7.37 -20.00
C GLY C 354 40.15 7.23 -18.63
N SER C 355 40.14 8.30 -17.83
CA SER C 355 39.51 8.23 -16.52
C SER C 355 38.00 8.22 -16.64
N LEU C 356 37.36 7.37 -15.85
CA LEU C 356 35.90 7.27 -15.82
C LEU C 356 35.47 7.51 -14.39
N LEU C 357 34.90 8.69 -14.12
CA LEU C 357 34.60 9.12 -12.77
C LEU C 357 33.10 9.12 -12.53
N PHE C 358 32.72 9.10 -11.25
CA PHE C 358 31.33 9.12 -10.83
C PHE C 358 31.09 10.30 -9.91
N TRP C 359 29.97 10.99 -10.12
CA TRP C 359 29.63 12.18 -9.35
C TRP C 359 28.17 12.11 -8.92
N HIS C 360 27.87 12.82 -7.83
CA HIS C 360 26.50 12.99 -7.36
C HIS C 360 26.28 14.46 -7.06
N VAL C 361 25.10 14.98 -7.44
CA VAL C 361 24.81 16.38 -7.22
C VAL C 361 24.76 16.66 -5.72
N GLY C 362 25.49 17.69 -5.31
CA GLY C 362 25.58 18.06 -3.90
C GLY C 362 26.84 17.58 -3.20
N VAL C 363 27.67 16.80 -3.88
CA VAL C 363 28.92 16.30 -3.31
C VAL C 363 30.08 16.96 -4.06
N GLU C 364 31.00 17.56 -3.31
CA GLU C 364 32.10 18.30 -3.94
C GLU C 364 32.98 17.36 -4.77
N LYS C 365 33.46 16.28 -4.17
CA LYS C 365 34.41 15.39 -4.81
C LYS C 365 33.69 14.21 -5.45
N GLU C 366 34.43 13.47 -6.28
CA GLU C 366 33.88 12.30 -6.93
C GLU C 366 33.49 11.24 -5.91
N VAL C 367 32.33 10.62 -6.12
CA VAL C 367 31.91 9.51 -5.27
C VAL C 367 32.61 8.22 -5.63
N GLY C 368 33.38 8.23 -6.72
CA GLY C 368 34.12 7.06 -7.16
C GLY C 368 34.80 7.37 -8.46
N GLY C 369 35.44 6.37 -9.02
CA GLY C 369 36.06 6.54 -10.32
C GLY C 369 37.23 5.61 -10.52
N MET C 370 37.61 5.47 -11.78
CA MET C 370 38.75 4.66 -12.19
C MET C 370 39.61 5.48 -13.13
N GLU C 371 40.83 5.82 -12.68
CA GLU C 371 41.67 6.71 -13.46
C GLU C 371 42.22 6.02 -14.71
N MET C 372 42.33 4.71 -14.70
CA MET C 372 42.82 3.93 -15.83
C MET C 372 41.75 2.99 -16.36
N ALA C 373 40.50 3.47 -16.45
CA ALA C 373 39.43 2.66 -16.99
C ALA C 373 39.70 2.30 -18.45
N HIS C 374 40.17 3.27 -19.23
CA HIS C 374 40.58 3.05 -20.61
C HIS C 374 41.96 3.65 -20.82
N GLU C 375 42.65 3.16 -21.84
CA GLU C 375 43.94 3.70 -22.26
C GLU C 375 43.80 4.68 -23.40
N GLY C 376 42.66 5.36 -23.47
CA GLY C 376 42.43 6.36 -24.50
C GLY C 376 41.24 7.21 -24.11
N MET C 377 40.99 8.23 -24.93
CA MET C 377 39.92 9.17 -24.65
C MET C 377 38.56 8.47 -24.73
N ILE C 378 37.73 8.72 -23.71
CA ILE C 378 36.42 8.09 -23.61
C ILE C 378 35.42 8.96 -24.37
N TRP C 379 34.79 8.36 -25.39
CA TRP C 379 33.86 9.09 -26.25
C TRP C 379 32.43 9.09 -25.71
N SER C 380 31.88 7.93 -25.37
CA SER C 380 30.48 7.82 -25.01
C SER C 380 30.31 6.99 -23.75
N LEU C 381 29.29 7.34 -22.96
CA LEU C 381 28.93 6.62 -21.75
C LEU C 381 27.46 6.26 -21.83
N ALA C 382 27.15 4.98 -21.68
CA ALA C 382 25.77 4.50 -21.79
C ALA C 382 25.44 3.66 -20.57
N TRP C 383 24.33 4.00 -19.90
CA TRP C 383 23.84 3.24 -18.76
C TRP C 383 22.80 2.23 -19.22
N HIS C 384 22.83 1.05 -18.61
CA HIS C 384 21.78 0.07 -18.86
C HIS C 384 20.45 0.62 -18.35
N PRO C 385 19.32 0.31 -19.01
CA PRO C 385 18.04 0.87 -18.58
C PRO C 385 17.70 0.59 -17.13
N LEU C 386 18.09 -0.58 -16.62
CA LEU C 386 17.88 -0.88 -15.21
C LEU C 386 18.83 -0.07 -14.34
N GLY C 387 20.00 0.28 -14.85
CA GLY C 387 20.95 1.10 -14.15
C GLY C 387 22.05 0.37 -13.41
N HIS C 388 22.21 -0.95 -13.61
CA HIS C 388 23.20 -1.72 -12.91
C HIS C 388 24.44 -2.02 -13.73
N ILE C 389 24.44 -1.70 -15.02
CA ILE C 389 25.60 -1.88 -15.89
C ILE C 389 25.87 -0.58 -16.62
N LEU C 390 27.13 -0.15 -16.63
CA LEU C 390 27.57 1.01 -17.37
C LEU C 390 28.55 0.59 -18.46
N CYS C 391 28.32 1.08 -19.68
CA CYS C 391 29.22 0.86 -20.79
C CYS C 391 29.97 2.14 -21.12
N SER C 392 31.15 1.98 -21.72
CA SER C 392 32.02 3.11 -22.03
C SER C 392 32.68 2.86 -23.37
N GLY C 393 32.39 3.73 -24.33
CA GLY C 393 33.09 3.72 -25.60
C GLY C 393 34.26 4.68 -25.58
N SER C 394 35.46 4.18 -25.87
CA SER C 394 36.67 4.98 -25.76
C SER C 394 37.47 4.94 -27.06
N ASN C 395 38.38 5.90 -27.19
CA ASN C 395 39.24 6.00 -28.35
C ASN C 395 40.27 4.87 -28.43
N ASP C 396 40.41 4.08 -27.37
CA ASP C 396 41.37 2.98 -27.36
C ASP C 396 40.92 1.76 -28.14
N HIS C 397 39.89 1.92 -28.98
CA HIS C 397 39.37 0.89 -29.87
C HIS C 397 38.60 -0.20 -29.14
N THR C 398 38.22 0.04 -27.88
CA THR C 398 37.52 -0.96 -27.09
C THR C 398 36.34 -0.33 -26.36
N SER C 399 35.37 -1.18 -26.03
CA SER C 399 34.24 -0.81 -25.19
C SER C 399 34.20 -1.74 -23.98
N LYS C 400 33.97 -1.16 -22.81
CA LYS C 400 34.05 -1.91 -21.56
C LYS C 400 32.76 -1.80 -20.78
N PHE C 401 32.37 -2.90 -20.14
CA PHE C 401 31.18 -2.97 -19.31
C PHE C 401 31.56 -2.95 -17.84
N TRP C 402 30.87 -2.11 -17.07
CA TRP C 402 31.15 -1.96 -15.65
C TRP C 402 29.86 -2.20 -14.87
N THR C 403 29.92 -3.05 -13.87
CA THR C 403 28.78 -3.36 -13.03
C THR C 403 29.06 -2.96 -11.58
N ARG C 404 28.04 -3.10 -10.75
CA ARG C 404 28.15 -2.81 -9.34
C ARG C 404 29.12 -3.80 -8.68
N ASN C 405 29.82 -3.31 -7.67
CA ASN C 405 30.79 -4.14 -6.95
C ASN C 405 30.06 -5.12 -6.04
N ARG C 406 30.38 -6.40 -6.17
CA ARG C 406 29.71 -7.41 -5.36
C ARG C 406 30.12 -7.26 -3.91
N PRO C 407 29.19 -7.38 -2.95
CA PRO C 407 29.57 -7.29 -1.54
C PRO C 407 30.60 -8.32 -1.13
N GLY C 408 31.54 -7.93 -0.28
CA GLY C 408 32.59 -8.81 0.17
C GLY C 408 33.81 -8.91 -0.71
N ASP C 409 33.91 -8.10 -1.77
CA ASP C 409 35.06 -8.11 -2.66
C ASP C 409 36.18 -7.26 -2.07
N LYS C 410 37.39 -7.79 -2.11
CA LYS C 410 38.60 -7.02 -1.82
C LYS C 410 39.00 -6.33 -3.11
N MET C 411 38.66 -5.04 -3.21
CA MET C 411 38.79 -4.32 -4.47
C MET C 411 40.24 -4.04 -4.79
N ARG C 412 41.01 -5.08 -5.07
CA ARG C 412 42.45 -4.96 -5.33
C ARG C 412 42.78 -5.15 -6.81
N ASP C 413 41.78 -5.07 -7.69
CA ASP C 413 42.01 -5.22 -9.11
C ASP C 413 42.64 -3.95 -9.68
N ARG C 414 43.07 -4.04 -10.95
CA ARG C 414 43.82 -2.95 -11.56
C ARG C 414 43.03 -1.66 -11.68
N TYR C 415 41.69 -1.73 -11.63
CA TYR C 415 40.87 -0.54 -11.76
C TYR C 415 40.54 0.11 -10.43
N ASN C 416 40.86 -0.54 -9.31
CA ASN C 416 40.57 0.02 -7.99
C ASN C 416 41.81 0.21 -7.15
N LEU C 417 42.68 -0.79 -7.07
CA LEU C 417 43.85 -0.74 -6.19
C LEU C 417 45.01 -1.50 -6.81
N ASN C 418 46.01 -1.84 -5.99
CA ASN C 418 47.16 -2.61 -6.47
C ASN C 418 47.25 -3.90 -5.66
N LEU C 419 47.50 -4.99 -6.37
CA LEU C 419 47.62 -6.31 -5.75
C LEU C 419 49.04 -6.81 -5.79
ZN ZN D . -4.11 -4.55 -44.54
#